data_1XMN
#
_entry.id   1XMN
#
_cell.length_a   80.907
_cell.length_b   80.841
_cell.length_c   114.144
_cell.angle_alpha   90.00
_cell.angle_beta   101.05
_cell.angle_gamma   90.00
#
_symmetry.space_group_name_H-M   'P 1 21 1'
#
loop_
_entity.id
_entity.type
_entity.pdbx_description
1 polymer 'Thrombin light chain'
2 polymer 'Thrombin heavy chain'
3 branched '2-deoxy-6-O-sulfo-2-(sulfoamino)-alpha-D-glucopyranose-(1-4)-2-O-sulfo-alpha-L-idopyranuronic acid-(1-4)-2-deoxy-6-O-sulfo-2-(sulfoamino)-alpha-D-glucopyranose-(1-4)-2-O-sulfo-alpha-L-idopyranuronic acid-(1-4)-2-deoxy-6-O-sulfo-2-(sulfoamino)-alpha-D-glucopyranose-(1-4)-2-O-sulfo-alpha-L-idopyranuronic acid'
4 branched 2-acetamido-2-deoxy-beta-D-glucopyranose-(1-4)-2-acetamido-2-deoxy-beta-D-glucopyranose
5 branched '2-deoxy-6-O-sulfo-2-(sulfoamino)-alpha-D-glucopyranose-(1-4)-2-O-sulfo-alpha-L-idopyranuronic acid-(1-4)-2-deoxy-6-O-sulfo-2-(sulfoamino)-alpha-D-glucopyranose-(1-4)-2-O-sulfo-alpha-L-idopyranuronic acid-(1-4)-2-deoxy-6-O-sulfo-2-(sulfoamino)-alpha-D-glucopyranose'
6 branched 2-acetamido-2-deoxy-alpha-D-glucopyranose-(1-4)-2-acetamido-2-deoxy-beta-D-glucopyranose
7 branched alpha-D-mannopyranose-(1-3)-[alpha-D-mannopyranose-(1-6)]beta-D-mannopyranose-(1-4)-2-acetamido-2-deoxy-beta-D-glucopyranose-(1-4)-2-acetamido-2-deoxy-beta-D-glucopyranose
8 non-polymer D-phenylalanyl-N-[(2S,3S)-6-{[amino(iminio)methyl]amino}-1-chloro-2-hydroxyhexan-3-yl]-L-prolinamide
9 non-polymer 'SODIUM ION'
10 non-polymer GLYCEROL
11 water water
#
loop_
_entity_poly.entity_id
_entity_poly.type
_entity_poly.pdbx_seq_one_letter_code
_entity_poly.pdbx_strand_id
1 'polypeptide(L)' TFGSGEADCGLRPLFEKKSLEDKTERELLESYIDGR A,C,E,G
2 'polypeptide(L)'
;IVEGSDAEIGMSPWQVMLFRKSPQELLCGASLISDRWVLTAAHCLLYPPWDKNFTENDLLVRIGKHSRTRYERNIEKISM
LEKIYIHPRYNWRENLDRDIALMKLKKPVAFSDYIHPVCLPDRETAASLLQAGYKGRVTGWGNLKETWTANVGKGQPSVL
QVVNLPIVERPVCKDSTRIRITDNMFCAGYKPDEGKRGDACEGDSGGPFVMKSPFNNRWYQMGIVSWGEGCDRDGKYGFY
THVFRLKKWIQKVIDQFGE
;
B,D,F,H
#
loop_
_chem_comp.id
_chem_comp.type
_chem_comp.name
_chem_comp.formula
0G6 peptide-like D-phenylalanyl-N-[(2S,3S)-6-{[amino(iminio)methyl]amino}-1-chloro-2-hydroxyhexan-3-yl]-L-prolinamide 'C21 H34 Cl N6 O3 1'
BMA D-saccharide, beta linking beta-D-mannopyranose 'C6 H12 O6'
GOL non-polymer GLYCEROL 'C3 H8 O3'
IDS L-saccharide, alpha linking '2-O-sulfo-alpha-L-idopyranuronic acid' 'C6 H10 O10 S'
MAN D-saccharide, alpha linking alpha-D-mannopyranose 'C6 H12 O6'
NA non-polymer 'SODIUM ION' 'Na 1'
NAG D-saccharide, beta linking 2-acetamido-2-deoxy-beta-D-glucopyranose 'C8 H15 N O6'
NDG D-saccharide, alpha linking 2-acetamido-2-deoxy-alpha-D-glucopyranose 'C8 H15 N O6'
SGN D-saccharide, alpha linking 2-deoxy-6-O-sulfo-2-(sulfoamino)-alpha-D-glucopyranose 'C6 H13 N O11 S2'
#
# COMPACT_ATOMS: atom_id res chain seq x y z
N SER A 4 24.24 31.55 22.22
CA SER A 4 24.91 30.54 21.35
C SER A 4 24.95 29.18 22.03
N GLY A 5 25.82 28.30 21.54
CA GLY A 5 25.93 26.97 22.10
C GLY A 5 25.28 25.95 21.19
N GLU A 6 25.89 25.70 20.04
CA GLU A 6 25.36 24.74 19.07
C GLU A 6 26.45 23.87 18.49
N ALA A 7 27.55 24.50 18.07
CA ALA A 7 28.68 23.77 17.50
C ALA A 7 29.09 22.61 18.39
N ASP A 8 28.78 22.73 19.68
CA ASP A 8 29.14 21.70 20.65
C ASP A 8 27.89 20.95 21.15
N CYS A 9 26.75 21.20 20.52
CA CYS A 9 25.49 20.55 20.92
C CYS A 9 25.52 19.02 20.90
N GLY A 10 24.72 18.42 21.80
CA GLY A 10 24.60 16.98 21.82
C GLY A 10 25.72 16.13 22.39
N LEU A 11 26.79 16.76 22.84
CA LEU A 11 27.91 16.01 23.42
C LEU A 11 27.92 16.34 24.91
N ARG A 12 27.52 15.36 25.71
CA ARG A 12 27.45 15.55 27.16
C ARG A 12 28.80 15.60 27.85
N PRO A 13 29.03 16.63 28.68
CA PRO A 13 30.30 16.78 29.39
C PRO A 13 30.72 15.56 30.20
N LEU A 14 29.76 14.90 30.85
CA LEU A 14 30.09 13.74 31.67
C LEU A 14 30.05 12.40 30.95
N PHE A 15 29.74 12.42 29.65
CA PHE A 15 29.72 11.17 28.91
C PHE A 15 30.53 11.20 27.63
N GLU A 16 29.98 11.69 26.54
CA GLU A 16 30.73 11.73 25.28
C GLU A 16 32.05 12.49 25.41
N LYS A 17 32.04 13.59 26.15
CA LYS A 17 33.25 14.41 26.31
C LYS A 17 34.40 13.74 27.05
N LYS A 18 34.09 12.73 27.85
CA LYS A 18 35.15 12.03 28.58
C LYS A 18 35.14 10.55 28.20
N SER A 19 34.66 10.28 26.98
CA SER A 19 34.60 8.94 26.42
C SER A 19 33.94 7.90 27.31
N LEU A 20 32.82 8.29 27.94
CA LEU A 20 32.07 7.38 28.80
C LEU A 20 30.68 7.18 28.22
N GLU A 21 30.17 5.97 28.36
CA GLU A 21 28.84 5.63 27.86
C GLU A 21 27.87 5.49 29.01
N ASP A 22 26.63 5.95 28.85
CA ASP A 22 25.68 5.78 29.94
C ASP A 22 25.21 4.32 29.89
N LYS A 23 24.51 3.87 30.92
CA LYS A 23 24.06 2.49 31.02
C LYS A 23 23.13 1.89 29.97
N THR A 24 22.44 2.71 29.20
CA THR A 24 21.50 2.16 28.23
C THR A 24 21.62 2.66 26.80
N GLU A 25 22.54 3.58 26.56
CA GLU A 25 22.68 4.13 25.22
C GLU A 25 22.98 3.07 24.15
N ARG A 26 23.60 1.97 24.53
CA ARG A 26 23.91 0.92 23.57
C ARG A 26 22.61 0.30 23.04
N GLU A 27 21.57 0.34 23.87
CA GLU A 27 20.27 -0.20 23.48
C GLU A 27 19.76 0.56 22.27
N LEU A 28 19.99 1.86 22.24
CA LEU A 28 19.54 2.69 21.14
C LEU A 28 20.33 2.34 19.88
N LEU A 29 21.64 2.21 20.03
CA LEU A 29 22.51 1.88 18.90
C LEU A 29 22.09 0.55 18.27
N GLU A 30 21.86 -0.46 19.11
CA GLU A 30 21.49 -1.78 18.61
C GLU A 30 20.16 -1.73 17.85
N SER A 31 19.32 -0.74 18.18
CA SER A 31 18.02 -0.62 17.52
C SER A 31 18.15 0.02 16.15
N TYR A 32 19.27 0.68 15.88
CA TYR A 32 19.48 1.34 14.58
C TYR A 32 20.01 0.34 13.55
N ILE A 33 20.23 -0.90 13.98
CA ILE A 33 20.71 -1.96 13.10
C ILE A 33 19.54 -2.90 12.85
N ASP A 34 19.03 -2.91 11.61
CA ASP A 34 17.90 -3.78 11.30
C ASP A 34 18.36 -5.18 10.89
N ILE B 1 6.98 9.55 33.73
CA ILE B 1 7.56 8.39 32.96
C ILE B 1 7.14 7.07 33.62
N VAL B 2 6.51 6.21 32.83
CA VAL B 2 6.07 4.91 33.33
C VAL B 2 7.03 3.80 32.90
N GLU B 3 7.37 2.92 33.83
CA GLU B 3 8.26 1.81 33.57
C GLU B 3 9.66 2.23 33.09
N GLY B 4 10.12 3.37 33.59
CA GLY B 4 11.45 3.84 33.24
C GLY B 4 12.37 3.62 34.42
N SER B 5 13.48 4.33 34.48
CA SER B 5 14.41 4.17 35.60
C SER B 5 15.05 5.50 35.95
N ASP B 6 15.75 5.53 37.07
CA ASP B 6 16.43 6.75 37.51
C ASP B 6 17.52 7.10 36.50
N ALA B 7 17.61 8.38 36.17
CA ALA B 7 18.62 8.84 35.24
C ALA B 7 19.95 8.94 35.98
N GLU B 8 21.04 8.85 35.22
CA GLU B 8 22.38 8.96 35.80
C GLU B 8 22.67 10.46 35.83
N ILE B 9 23.58 10.87 36.71
CA ILE B 9 23.95 12.28 36.81
C ILE B 9 24.51 12.80 35.50
N GLY B 10 23.97 13.91 35.03
CA GLY B 10 24.45 14.50 33.80
C GLY B 10 24.07 13.76 32.52
N MET B 11 23.20 12.78 32.66
CA MET B 11 22.74 11.97 31.52
C MET B 11 21.89 12.76 30.52
N SER B 12 21.19 13.78 31.00
CA SER B 12 20.33 14.60 30.15
C SER B 12 20.53 16.07 30.55
N PRO B 13 21.73 16.62 30.29
CA PRO B 13 22.07 18.01 30.63
C PRO B 13 21.23 19.11 30.01
N TRP B 14 20.45 18.75 29.00
CA TRP B 14 19.58 19.70 28.32
C TRP B 14 18.17 19.71 28.93
N GLN B 15 17.97 18.88 29.94
CA GLN B 15 16.67 18.77 30.63
C GLN B 15 16.31 20.08 31.35
N VAL B 16 15.08 20.54 31.15
CA VAL B 16 14.63 21.76 31.81
C VAL B 16 13.27 21.52 32.48
N MET B 17 13.06 22.13 33.64
CA MET B 17 11.79 22.02 34.38
C MET B 17 11.03 23.33 34.24
N LEU B 18 9.74 23.24 33.91
CA LEU B 18 8.90 24.44 33.78
C LEU B 18 8.04 24.49 35.04
N PHE B 19 8.20 25.55 35.83
CA PHE B 19 7.44 25.71 37.08
C PHE B 19 6.47 26.86 37.07
N ARG B 20 5.38 26.69 37.80
CA ARG B 20 4.38 27.73 37.96
C ARG B 20 4.76 28.38 39.30
N LYS B 21 4.86 29.70 39.30
CA LYS B 21 5.21 30.44 40.52
C LYS B 21 4.20 30.29 41.65
N SER B 22 2.95 30.58 41.35
CA SER B 22 1.90 30.51 42.35
C SER B 22 0.53 30.11 41.80
N PRO B 23 -0.06 29.04 42.34
CA PRO B 23 0.57 28.27 43.42
C PRO B 23 1.73 27.45 42.87
N GLN B 24 2.77 27.30 43.67
CA GLN B 24 3.96 26.54 43.28
C GLN B 24 3.58 25.17 42.72
N GLU B 25 4.09 24.84 41.54
CA GLU B 25 3.78 23.57 40.91
C GLU B 25 4.66 23.26 39.70
N LEU B 26 5.14 22.02 39.61
CA LEU B 26 5.95 21.60 38.48
C LEU B 26 4.94 21.30 37.37
N LEU B 27 5.01 22.07 36.29
CA LEU B 27 4.06 21.93 35.19
C LEU B 27 4.42 20.94 34.10
N CYS B 28 5.62 21.09 33.56
CA CYS B 28 6.06 20.28 32.43
C CYS B 28 7.57 20.16 32.35
N GLY B 29 8.00 19.47 31.29
CA GLY B 29 9.40 19.32 31.03
C GLY B 29 9.68 20.30 29.89
N ALA B 30 10.93 20.36 29.44
CA ALA B 30 11.34 21.25 28.37
C ALA B 30 12.81 20.93 28.11
N SER B 31 13.37 21.51 27.05
CA SER B 31 14.76 21.26 26.72
C SER B 31 15.53 22.51 26.36
N LEU B 32 16.83 22.49 26.65
CA LEU B 32 17.72 23.63 26.37
C LEU B 32 18.34 23.43 24.99
N ILE B 33 18.10 24.37 24.08
CA ILE B 33 18.66 24.26 22.73
C ILE B 33 19.77 25.29 22.44
N SER B 34 19.98 26.21 23.39
CA SER B 34 21.03 27.22 23.30
C SER B 34 21.09 27.88 24.66
N ASP B 35 21.97 28.86 24.86
CA ASP B 35 22.06 29.48 26.17
C ASP B 35 20.91 30.45 26.46
N ARG B 36 20.10 30.71 25.44
CA ARG B 36 18.98 31.64 25.61
C ARG B 36 17.62 31.07 25.21
N TRP B 37 17.61 29.89 24.59
CA TRP B 37 16.34 29.33 24.15
C TRP B 37 15.96 27.97 24.74
N VAL B 38 14.68 27.85 25.10
CA VAL B 38 14.13 26.64 25.68
C VAL B 38 12.94 26.18 24.84
N LEU B 39 12.89 24.89 24.55
CA LEU B 39 11.83 24.32 23.73
C LEU B 39 10.89 23.53 24.63
N THR B 40 9.59 23.62 24.37
CA THR B 40 8.61 22.88 25.15
C THR B 40 7.36 22.63 24.31
N ALA B 41 6.31 22.08 24.92
CA ALA B 41 5.06 21.83 24.20
C ALA B 41 4.20 23.07 24.41
N ALA B 42 3.44 23.45 23.38
CA ALA B 42 2.58 24.61 23.50
C ALA B 42 1.53 24.42 24.59
N HIS B 43 1.04 23.20 24.75
CA HIS B 43 -0.14 23.09 25.65
C HIS B 43 0.25 23.32 27.09
N CYS B 44 1.52 23.14 27.42
CA CYS B 44 2.07 23.47 28.73
C CYS B 44 1.89 24.95 29.07
N LEU B 45 1.77 25.78 28.04
CA LEU B 45 1.63 27.23 28.21
C LEU B 45 0.24 27.74 27.84
N LEU B 46 -0.40 27.09 26.89
CA LEU B 46 -1.72 27.51 26.44
C LEU B 46 -2.63 26.32 26.13
N TYR B 47 -3.68 26.18 26.92
CA TYR B 47 -4.65 25.11 26.69
C TYR B 47 -5.98 25.49 27.35
N PRO B 48 -6.76 26.35 26.67
CA PRO B 48 -8.06 26.83 27.16
C PRO B 48 -8.95 25.74 27.76
N PRO B 49 -9.00 24.54 27.14
CA PRO B 49 -9.85 23.48 27.70
C PRO B 49 -9.51 23.13 29.16
N TRP B 50 -8.33 23.53 29.61
CA TRP B 50 -7.93 23.28 30.99
C TRP B 50 -7.82 24.61 31.70
N ASP B 51 -8.32 25.65 31.06
CA ASP B 51 -8.28 27.00 31.61
C ASP B 51 -6.83 27.39 31.84
N LYS B 52 -5.98 27.06 30.86
CA LYS B 52 -4.56 27.35 30.94
C LYS B 52 -4.17 28.37 29.89
N ASN B 53 -3.54 29.46 30.34
CA ASN B 53 -3.10 30.53 29.45
C ASN B 53 -2.09 31.35 30.24
N PHE B 54 -0.87 30.82 30.35
CA PHE B 54 0.18 31.49 31.11
C PHE B 54 0.89 32.63 30.41
N THR B 55 1.36 33.59 31.20
CA THR B 55 2.10 34.73 30.68
C THR B 55 3.54 34.50 31.13
N GLU B 56 4.49 35.22 30.55
CA GLU B 56 5.90 35.06 30.90
C GLU B 56 6.20 35.16 32.39
N ASN B 57 5.55 36.10 33.08
CA ASN B 57 5.82 36.28 34.49
C ASN B 57 5.15 35.30 35.44
N ASP B 58 4.35 34.38 34.90
CA ASP B 58 3.69 33.39 35.75
C ASP B 58 4.61 32.20 35.98
N LEU B 59 5.65 32.09 35.17
CA LEU B 59 6.54 30.93 35.23
C LEU B 59 8.03 31.20 35.41
N LEU B 60 8.75 30.12 35.70
CA LEU B 60 10.21 30.12 35.86
C LEU B 60 10.70 28.74 35.41
N VAL B 61 11.97 28.64 35.04
CA VAL B 61 12.51 27.34 34.63
C VAL B 61 13.69 26.98 35.51
N ARG B 62 13.86 25.70 35.78
CA ARG B 62 14.99 25.23 36.58
C ARG B 62 15.82 24.32 35.66
N ILE B 63 17.12 24.59 35.61
CA ILE B 63 18.01 23.84 34.73
C ILE B 63 19.12 23.14 35.50
N GLY B 64 19.55 21.98 34.99
CA GLY B 64 20.61 21.24 35.62
C GLY B 64 20.20 20.38 36.79
N LYS B 65 18.91 20.11 36.94
CA LYS B 65 18.43 19.30 38.07
C LYS B 65 18.39 17.81 37.87
N HIS B 66 18.55 17.09 38.99
CA HIS B 66 18.51 15.63 39.00
C HIS B 66 17.36 15.23 39.91
N SER B 67 17.37 15.73 41.14
CA SER B 67 16.30 15.43 42.09
C SER B 67 15.07 16.27 41.75
N ARG B 68 13.89 15.68 41.88
CA ARG B 68 12.65 16.37 41.57
C ARG B 68 12.27 17.39 42.63
N THR B 69 12.75 17.17 43.85
CA THR B 69 12.41 18.04 44.97
C THR B 69 13.53 18.92 45.54
N ARG B 70 14.54 18.28 46.12
CA ARG B 70 15.66 18.98 46.75
C ARG B 70 16.53 19.92 45.92
N TYR B 71 17.12 20.91 46.59
CA TYR B 71 18.00 21.90 45.96
C TYR B 71 19.38 21.30 45.76
N GLU B 72 20.01 21.63 44.63
CA GLU B 72 21.34 21.10 44.30
C GLU B 72 22.35 22.22 44.11
N ARG B 73 22.99 22.58 45.23
CA ARG B 73 23.98 23.65 45.28
C ARG B 73 25.09 23.61 44.23
N ASN B 74 25.39 24.78 43.67
CA ASN B 74 26.42 24.93 42.65
C ASN B 74 26.17 24.11 41.40
N ILE B 75 24.96 23.58 41.26
CA ILE B 75 24.62 22.77 40.09
C ILE B 75 23.40 23.32 39.33
N GLU B 76 22.26 23.38 39.99
CA GLU B 76 21.05 23.86 39.34
C GLU B 76 21.00 25.38 39.21
N LYS B 77 20.25 25.83 38.22
CA LYS B 77 20.09 27.25 37.94
C LYS B 77 18.62 27.57 37.67
N ILE B 78 18.25 28.82 37.86
CA ILE B 78 16.90 29.26 37.60
C ILE B 78 16.95 30.40 36.60
N SER B 79 15.94 30.50 35.75
CA SER B 79 15.89 31.56 34.75
C SER B 79 14.49 32.10 34.65
N MET B 80 14.40 33.36 34.24
CA MET B 80 13.11 34.02 34.05
C MET B 80 12.86 33.96 32.56
N LEU B 81 11.59 34.01 32.18
CA LEU B 81 11.24 34.00 30.77
C LEU B 81 11.09 35.42 30.27
N GLU B 82 11.71 35.70 29.14
CA GLU B 82 11.65 37.03 28.54
C GLU B 82 10.40 37.06 27.67
N LYS B 83 10.21 36.02 26.86
CA LYS B 83 9.07 35.97 25.97
C LYS B 83 8.71 34.54 25.59
N ILE B 84 7.41 34.32 25.40
CA ILE B 84 6.88 33.02 25.00
C ILE B 84 6.45 33.11 23.54
N TYR B 85 6.79 32.09 22.76
CA TYR B 85 6.42 32.05 21.35
C TYR B 85 5.74 30.70 21.08
N ILE B 86 4.42 30.75 20.90
CA ILE B 86 3.64 29.55 20.62
C ILE B 86 3.38 29.46 19.13
N HIS B 87 3.50 28.27 18.55
CA HIS B 87 3.27 28.15 17.11
C HIS B 87 1.91 28.77 16.75
N PRO B 88 1.90 29.70 15.78
CA PRO B 88 0.67 30.36 15.34
C PRO B 88 -0.46 29.42 14.88
N ARG B 89 -0.10 28.21 14.49
CA ARG B 89 -1.11 27.26 14.04
C ARG B 89 -1.29 26.08 14.99
N TYR B 90 -0.85 26.27 16.23
CA TYR B 90 -1.00 25.25 17.27
C TYR B 90 -2.50 25.03 17.40
N ASN B 91 -2.95 23.79 17.18
CA ASN B 91 -4.36 23.47 17.23
C ASN B 91 -4.82 22.94 18.58
N TRP B 92 -5.08 23.84 19.52
CA TRP B 92 -5.52 23.42 20.85
C TRP B 92 -7.01 23.06 20.86
N ARG B 93 -7.76 23.57 19.88
CA ARG B 93 -9.20 23.31 19.81
C ARG B 93 -9.51 21.89 19.35
N GLU B 94 -8.54 21.21 18.75
CA GLU B 94 -8.80 19.87 18.24
C GLU B 94 -7.91 18.70 18.66
N ASN B 95 -6.77 18.55 17.98
CA ASN B 95 -5.86 17.43 18.22
C ASN B 95 -4.44 17.76 18.66
N LEU B 96 -4.20 19.00 19.08
CA LEU B 96 -2.87 19.41 19.51
C LEU B 96 -1.82 19.40 18.40
N ASP B 97 -2.28 19.55 17.16
CA ASP B 97 -1.36 19.60 16.03
C ASP B 97 -0.41 20.78 16.27
N ARG B 98 0.87 20.58 15.98
CA ARG B 98 1.90 21.60 16.18
C ARG B 98 1.97 22.03 17.64
N ASP B 99 2.09 21.05 18.52
CA ASP B 99 2.17 21.28 19.97
C ASP B 99 3.60 21.66 20.29
N ILE B 100 3.97 22.90 19.96
CA ILE B 100 5.33 23.36 20.18
C ILE B 100 5.37 24.83 20.56
N ALA B 101 6.32 25.19 21.40
CA ALA B 101 6.49 26.56 21.83
C ALA B 101 7.93 26.80 22.19
N LEU B 102 8.36 28.06 22.08
CA LEU B 102 9.73 28.43 22.41
C LEU B 102 9.67 29.46 23.53
N MET B 103 10.66 29.45 24.40
CA MET B 103 10.71 30.42 25.49
C MET B 103 12.11 31.01 25.50
N LYS B 104 12.21 32.33 25.41
CA LYS B 104 13.51 32.98 25.44
C LYS B 104 13.82 33.39 26.88
N LEU B 105 15.01 33.02 27.35
CA LEU B 105 15.41 33.35 28.71
C LEU B 105 15.85 34.81 28.78
N LYS B 106 15.50 35.47 29.87
CA LYS B 106 15.85 36.88 30.06
C LYS B 106 17.36 37.06 30.08
N LYS B 107 18.07 36.09 30.65
CA LYS B 107 19.52 36.13 30.71
C LYS B 107 20.06 34.78 30.24
N PRO B 108 21.19 34.79 29.51
CA PRO B 108 21.75 33.52 29.02
C PRO B 108 22.22 32.66 30.19
N VAL B 109 22.03 31.35 30.08
CA VAL B 109 22.44 30.42 31.12
C VAL B 109 23.85 29.94 30.78
N ALA B 110 24.66 29.71 31.81
CA ALA B 110 26.03 29.26 31.62
C ALA B 110 26.09 27.74 31.59
N PHE B 111 26.78 27.20 30.59
CA PHE B 111 26.89 25.74 30.48
C PHE B 111 27.83 25.19 31.54
N SER B 112 27.68 23.91 31.83
CA SER B 112 28.50 23.23 32.82
C SER B 112 28.43 21.75 32.55
N ASP B 113 28.94 20.94 33.46
CA ASP B 113 28.90 19.50 33.31
C ASP B 113 27.46 18.99 33.41
N TYR B 114 26.57 19.82 33.95
CA TYR B 114 25.18 19.45 34.16
C TYR B 114 24.21 20.22 33.27
N ILE B 115 24.70 21.27 32.62
CA ILE B 115 23.87 22.10 31.76
C ILE B 115 24.53 22.20 30.38
N HIS B 116 23.88 21.64 29.37
CA HIS B 116 24.43 21.63 28.02
C HIS B 116 23.29 21.44 27.01
N PRO B 117 23.30 22.19 25.90
CA PRO B 117 22.24 22.07 24.90
C PRO B 117 22.25 20.81 24.04
N VAL B 118 21.04 20.42 23.61
CA VAL B 118 20.88 19.26 22.76
C VAL B 118 20.84 19.80 21.33
N CYS B 119 21.12 18.95 20.34
CA CYS B 119 21.09 19.40 18.95
C CYS B 119 19.69 19.27 18.35
N LEU B 120 19.41 20.09 17.34
CA LEU B 120 18.14 19.99 16.64
C LEU B 120 18.53 19.25 15.35
N PRO B 121 17.67 18.34 14.88
CA PRO B 121 18.00 17.59 13.65
C PRO B 121 18.02 18.39 12.36
N ASP B 122 18.85 17.94 11.43
CA ASP B 122 18.94 18.55 10.11
C ASP B 122 18.27 17.54 9.20
N ARG B 123 18.14 17.87 7.92
CA ARG B 123 17.49 16.99 6.96
C ARG B 123 17.98 15.54 6.99
N GLU B 124 19.29 15.35 6.85
CA GLU B 124 19.87 14.01 6.84
C GLU B 124 19.75 13.27 8.16
N THR B 125 19.92 13.96 9.27
CA THR B 125 19.82 13.32 10.57
C THR B 125 18.42 12.73 10.75
N ALA B 126 17.41 13.49 10.36
CA ALA B 126 16.02 13.06 10.47
C ALA B 126 15.74 11.86 9.58
N ALA B 127 16.29 11.87 8.37
CA ALA B 127 16.09 10.77 7.45
C ALA B 127 16.73 9.50 7.99
N SER B 128 17.92 9.65 8.55
CA SER B 128 18.63 8.48 9.07
C SER B 128 18.10 7.93 10.38
N LEU B 129 17.51 8.79 11.20
CA LEU B 129 17.01 8.35 12.50
C LEU B 129 15.52 8.09 12.65
N LEU B 130 14.69 8.85 11.94
CA LEU B 130 13.24 8.69 12.05
C LEU B 130 12.71 7.51 11.27
N GLN B 131 12.92 6.32 11.81
CA GLN B 131 12.47 5.10 11.16
C GLN B 131 11.86 4.17 12.19
N ALA B 132 10.81 3.47 11.80
CA ALA B 132 10.13 2.56 12.70
C ALA B 132 11.09 1.52 13.29
N GLY B 133 10.96 1.25 14.58
CA GLY B 133 11.82 0.29 15.23
C GLY B 133 13.04 0.93 15.89
N TYR B 134 13.41 2.12 15.43
CA TYR B 134 14.56 2.83 16.00
C TYR B 134 14.11 3.39 17.34
N LYS B 135 14.93 3.24 18.36
CA LYS B 135 14.57 3.74 19.68
C LYS B 135 15.11 5.11 20.01
N GLY B 136 14.30 5.86 20.76
CA GLY B 136 14.69 7.18 21.21
C GLY B 136 14.61 7.12 22.72
N ARG B 137 14.98 8.22 23.40
CA ARG B 137 14.95 8.24 24.86
C ARG B 137 14.07 9.40 25.33
N VAL B 138 13.20 9.12 26.30
CA VAL B 138 12.30 10.14 26.84
C VAL B 138 12.63 10.34 28.31
N THR B 139 12.60 11.58 28.77
CA THR B 139 12.95 11.90 30.15
C THR B 139 11.97 12.86 30.80
N GLY B 140 11.77 12.72 32.10
CA GLY B 140 10.86 13.65 32.76
C GLY B 140 10.56 13.33 34.20
N TRP B 141 9.97 14.30 34.88
CA TRP B 141 9.60 14.16 36.28
C TRP B 141 8.08 13.97 36.41
N GLY B 142 7.44 13.54 35.33
CA GLY B 142 6.00 13.34 35.36
C GLY B 142 5.55 12.09 36.09
N ASN B 143 4.25 11.82 36.05
CA ASN B 143 3.65 10.66 36.72
C ASN B 143 4.32 9.33 36.40
N LEU B 144 4.50 8.51 37.44
CA LEU B 144 5.10 7.19 37.30
C LEU B 144 4.08 6.17 36.81
N LYS B 145 2.80 6.50 36.96
CA LYS B 145 1.71 5.64 36.53
C LYS B 145 0.51 6.47 36.10
N GLU B 146 -0.37 5.83 35.34
CA GLU B 146 -1.59 6.45 34.88
C GLU B 146 -2.31 6.92 36.14
N THR B 147 -2.65 8.21 36.19
CA THR B 147 -3.30 8.79 37.35
C THR B 147 -4.58 9.52 36.94
N TRP B 148 -5.62 9.36 37.75
CA TRP B 148 -6.90 10.00 37.46
C TRP B 148 -7.25 11.10 38.45
N THR B 149 -6.36 11.35 39.40
CA THR B 149 -6.57 12.37 40.40
C THR B 149 -6.11 13.73 39.88
N ALA B 150 -6.77 14.79 40.33
CA ALA B 150 -6.43 16.15 39.91
C ALA B 150 -5.21 16.66 40.66
N ASN B 151 -4.64 15.82 41.50
CA ASN B 151 -3.45 16.17 42.28
C ASN B 151 -2.23 15.41 41.79
N LYS B 154 0.53 12.54 44.25
CA LYS B 154 0.42 11.41 43.33
C LYS B 154 1.72 10.64 43.23
N GLY B 155 1.83 9.78 42.22
CA GLY B 155 3.03 8.99 42.02
C GLY B 155 4.11 9.78 41.31
N GLN B 156 4.68 10.76 42.01
CA GLN B 156 5.73 11.60 41.44
C GLN B 156 7.11 11.03 41.77
N PRO B 157 8.03 11.02 40.79
CA PRO B 157 9.39 10.50 40.96
C PRO B 157 10.30 11.39 41.80
N SER B 158 11.22 10.76 42.51
CA SER B 158 12.17 11.47 43.36
C SER B 158 13.23 12.12 42.48
N VAL B 159 13.69 11.40 41.47
CA VAL B 159 14.71 11.91 40.56
C VAL B 159 14.27 11.73 39.12
N LEU B 160 14.90 12.46 38.21
CA LEU B 160 14.57 12.41 36.78
C LEU B 160 14.47 10.97 36.29
N GLN B 161 13.39 10.64 35.58
CA GLN B 161 13.20 9.30 35.05
C GLN B 161 13.56 9.25 33.57
N VAL B 162 13.98 8.07 33.11
CA VAL B 162 14.35 7.90 31.71
C VAL B 162 13.86 6.55 31.19
N VAL B 163 13.44 6.52 29.94
CA VAL B 163 12.99 5.28 29.31
C VAL B 163 13.27 5.37 27.82
N ASN B 164 13.70 4.25 27.23
CA ASN B 164 13.99 4.19 25.80
C ASN B 164 12.81 3.48 25.15
N LEU B 165 12.31 4.04 24.05
CA LEU B 165 11.16 3.48 23.35
C LEU B 165 11.33 3.54 21.85
N PRO B 166 10.84 2.50 21.14
CA PRO B 166 10.95 2.46 19.68
C PRO B 166 9.88 3.27 18.95
N ILE B 167 10.28 3.91 17.87
CA ILE B 167 9.36 4.69 17.05
C ILE B 167 8.42 3.68 16.37
N VAL B 168 7.16 4.04 16.21
CA VAL B 168 6.16 3.16 15.60
C VAL B 168 5.70 3.58 14.19
N GLU B 169 5.39 2.59 13.35
CA GLU B 169 4.93 2.84 11.98
C GLU B 169 3.69 3.73 12.01
N ARG B 170 3.61 4.68 11.09
CA ARG B 170 2.47 5.60 11.06
C ARG B 170 1.12 4.89 10.95
N PRO B 171 1.01 3.83 10.14
CA PRO B 171 -0.30 3.16 10.05
C PRO B 171 -0.75 2.61 11.40
N VAL B 172 0.20 2.07 12.17
CA VAL B 172 -0.09 1.51 13.49
C VAL B 172 -0.50 2.61 14.47
N CYS B 173 0.19 3.75 14.41
CA CYS B 173 -0.12 4.88 15.28
C CYS B 173 -1.53 5.37 14.97
N LYS B 174 -1.85 5.51 13.69
CA LYS B 174 -3.16 5.98 13.28
C LYS B 174 -4.29 5.07 13.75
N ASP B 175 -4.09 3.76 13.61
CA ASP B 175 -5.11 2.81 14.00
C ASP B 175 -5.23 2.60 15.50
N SER B 176 -4.32 3.17 16.28
CA SER B 176 -4.35 3.00 17.74
C SER B 176 -5.21 4.04 18.45
N THR B 177 -5.67 5.04 17.72
CA THR B 177 -6.47 6.10 18.34
C THR B 177 -7.49 6.68 17.38
N ARG B 178 -8.56 7.25 17.94
CA ARG B 178 -9.60 7.87 17.12
C ARG B 178 -9.31 9.35 16.94
N ILE B 179 -8.29 9.85 17.63
CA ILE B 179 -7.92 11.25 17.50
C ILE B 179 -7.19 11.38 16.16
N ARG B 180 -7.46 12.46 15.43
CA ARG B 180 -6.83 12.67 14.13
C ARG B 180 -5.36 13.04 14.27
N ILE B 181 -4.48 12.18 13.77
CA ILE B 181 -3.07 12.45 13.85
C ILE B 181 -2.63 13.16 12.57
N THR B 182 -1.48 13.83 12.64
CA THR B 182 -0.95 14.55 11.50
C THR B 182 0.53 14.25 11.33
N ASP B 183 1.10 14.70 10.21
CA ASP B 183 2.51 14.48 9.96
C ASP B 183 3.37 15.29 10.92
N ASN B 184 2.76 16.18 11.69
CA ASN B 184 3.48 17.00 12.65
C ASN B 184 3.68 16.26 13.97
N MET B 185 3.30 14.98 13.98
CA MET B 185 3.47 14.15 15.16
C MET B 185 3.92 12.76 14.76
N PHE B 186 4.47 12.02 15.73
CA PHE B 186 4.87 10.64 15.51
C PHE B 186 4.61 9.95 16.84
N CYS B 187 4.55 8.63 16.84
CA CYS B 187 4.30 7.93 18.08
C CYS B 187 5.39 6.91 18.34
N ALA B 188 5.55 6.56 19.61
CA ALA B 188 6.57 5.61 20.02
C ALA B 188 6.09 4.78 21.20
N GLY B 189 6.66 3.58 21.32
CA GLY B 189 6.29 2.68 22.39
C GLY B 189 6.29 1.25 21.88
N TYR B 190 6.38 0.29 22.78
CA TYR B 190 6.38 -1.12 22.41
C TYR B 190 4.98 -1.59 22.06
N LYS B 191 4.91 -2.60 21.20
CA LYS B 191 3.64 -3.15 20.79
C LYS B 191 3.26 -4.24 21.78
N PRO B 192 1.96 -4.60 21.83
CA PRO B 192 1.50 -5.64 22.76
C PRO B 192 2.31 -6.95 22.65
N ASP B 193 2.73 -7.29 21.43
CA ASP B 193 3.47 -8.54 21.22
C ASP B 193 4.98 -8.46 21.36
N GLU B 194 5.50 -7.31 21.85
CA GLU B 194 6.94 -7.16 22.02
C GLU B 194 7.37 -7.38 23.46
N GLY B 195 6.41 -7.50 24.36
CA GLY B 195 6.73 -7.75 25.76
C GLY B 195 7.15 -6.57 26.64
N LYS B 196 8.16 -5.82 26.22
CA LYS B 196 8.64 -4.69 27.01
C LYS B 196 7.60 -3.58 27.15
N ARG B 197 7.76 -2.73 28.16
CA ARG B 197 6.81 -1.64 28.42
C ARG B 197 7.51 -0.28 28.53
N GLY B 198 6.74 0.76 28.83
CA GLY B 198 7.29 2.10 28.97
C GLY B 198 6.49 3.14 28.21
N ASP B 199 6.48 4.37 28.74
CA ASP B 199 5.72 5.45 28.11
C ASP B 199 5.93 6.72 28.90
N ALA B 200 5.62 7.85 28.29
CA ALA B 200 5.70 9.12 29.00
C ALA B 200 4.31 9.17 29.62
N CYS B 201 4.00 10.21 30.39
CA CYS B 201 2.69 10.29 31.03
C CYS B 201 2.41 11.76 31.35
N GLU B 202 1.24 12.04 31.93
CA GLU B 202 0.93 13.42 32.28
C GLU B 202 2.06 14.00 33.12
N GLY B 203 2.41 15.25 32.86
CA GLY B 203 3.49 15.87 33.58
C GLY B 203 4.80 15.83 32.80
N ASP B 204 4.92 14.88 31.88
CA ASP B 204 6.13 14.75 31.08
C ASP B 204 6.17 15.65 29.86
N SER B 205 5.02 16.18 29.44
CA SER B 205 5.00 17.04 28.26
C SER B 205 6.01 18.19 28.27
N GLY B 206 6.40 18.32 27.02
CA GLY B 206 7.43 19.33 26.80
C GLY B 206 8.84 18.77 26.89
N GLY B 207 8.95 17.60 27.51
CA GLY B 207 10.23 16.93 27.66
C GLY B 207 10.68 16.45 26.30
N PRO B 208 11.98 16.19 26.13
CA PRO B 208 12.49 15.74 24.83
C PRO B 208 12.52 14.24 24.59
N PHE B 209 12.39 13.88 23.31
CA PHE B 209 12.48 12.49 22.84
C PHE B 209 13.78 12.63 22.07
N VAL B 210 14.87 12.06 22.58
CA VAL B 210 16.16 12.19 21.92
C VAL B 210 16.71 10.91 21.34
N MET B 211 17.58 11.06 20.35
CA MET B 211 18.22 9.92 19.69
C MET B 211 19.70 10.24 19.51
N LYS B 212 20.56 9.24 19.68
CA LYS B 212 21.98 9.45 19.53
C LYS B 212 22.44 9.02 18.15
N SER B 213 22.95 9.97 17.37
CA SER B 213 23.40 9.68 16.02
C SER B 213 24.60 8.74 15.97
N PRO B 214 24.47 7.63 15.27
CA PRO B 214 25.59 6.68 15.18
C PRO B 214 26.58 7.20 14.13
N PHE B 215 26.28 8.37 13.57
CA PHE B 215 27.15 8.97 12.55
C PHE B 215 28.10 10.02 13.11
N ASN B 216 27.65 10.80 14.10
CA ASN B 216 28.53 11.81 14.66
C ASN B 216 28.58 11.82 16.19
N ASN B 217 28.00 10.79 16.79
CA ASN B 217 28.03 10.64 18.25
C ASN B 217 27.27 11.70 19.05
N ARG B 218 26.47 12.54 18.39
CA ARG B 218 25.71 13.59 19.06
C ARG B 218 24.23 13.29 19.33
N TRP B 219 23.70 13.85 20.42
CA TRP B 219 22.29 13.64 20.73
C TRP B 219 21.42 14.70 20.05
N TYR B 220 20.37 14.23 19.41
CA TYR B 220 19.44 15.07 18.68
C TYR B 220 18.04 14.95 19.25
N GLN B 221 17.34 16.08 19.43
CA GLN B 221 15.98 16.02 19.93
C GLN B 221 15.06 15.90 18.73
N MET B 222 14.49 14.71 18.56
CA MET B 222 13.59 14.42 17.45
C MET B 222 12.13 14.70 17.78
N GLY B 223 11.79 14.67 19.06
CA GLY B 223 10.40 14.93 19.43
C GLY B 223 10.21 15.65 20.76
N ILE B 224 8.96 16.03 21.01
CA ILE B 224 8.57 16.70 22.26
C ILE B 224 7.37 15.92 22.79
N VAL B 225 7.42 15.48 24.04
CA VAL B 225 6.28 14.76 24.60
C VAL B 225 5.07 15.66 24.43
N SER B 226 4.04 15.15 23.76
CA SER B 226 2.84 15.92 23.49
C SER B 226 1.52 15.33 24.05
N TRP B 227 1.20 14.10 23.69
CA TRP B 227 -0.04 13.53 24.22
C TRP B 227 -0.14 12.02 24.23
N GLY B 228 -1.25 11.54 24.75
CA GLY B 228 -1.51 10.12 24.83
C GLY B 228 -2.90 9.92 25.40
N GLU B 229 -3.28 8.66 25.60
CA GLU B 229 -4.58 8.34 26.16
C GLU B 229 -4.25 7.29 27.22
N GLY B 230 -4.26 7.73 28.48
CA GLY B 230 -3.87 6.84 29.57
C GLY B 230 -2.34 6.79 29.49
N CYS B 231 -1.71 5.85 30.18
CA CYS B 231 -0.25 5.74 30.12
C CYS B 231 0.19 4.28 30.14
N ASP B 232 1.03 3.91 29.18
CA ASP B 232 1.57 2.56 29.07
C ASP B 232 0.52 1.45 28.93
N ARG B 233 -0.57 1.74 28.23
CA ARG B 233 -1.62 0.73 28.03
C ARG B 233 -1.28 -0.08 26.79
N ASP B 234 -1.63 -1.37 26.79
CA ASP B 234 -1.36 -2.19 25.61
C ASP B 234 -2.15 -1.68 24.41
N GLY B 235 -1.48 -1.64 23.25
CA GLY B 235 -2.14 -1.17 22.04
C GLY B 235 -2.28 0.34 21.93
N LYS B 236 -1.70 1.07 22.87
CA LYS B 236 -1.75 2.52 22.88
C LYS B 236 -0.32 3.06 22.78
N TYR B 237 -0.14 4.22 22.17
CA TYR B 237 1.21 4.76 22.04
C TYR B 237 1.32 6.23 22.42
N GLY B 238 2.49 6.61 22.90
CA GLY B 238 2.69 8.01 23.25
C GLY B 238 2.93 8.80 21.98
N PHE B 239 2.40 10.03 21.93
CA PHE B 239 2.59 10.88 20.76
C PHE B 239 3.52 12.03 21.07
N TYR B 240 4.32 12.38 20.07
CA TYR B 240 5.32 13.43 20.19
C TYR B 240 5.26 14.39 19.02
N THR B 241 5.58 15.65 19.31
CA THR B 241 5.62 16.67 18.28
C THR B 241 6.85 16.36 17.43
N HIS B 242 6.67 16.41 16.12
CA HIS B 242 7.72 16.12 15.15
C HIS B 242 8.62 17.35 15.00
N VAL B 243 9.73 17.38 15.73
CA VAL B 243 10.63 18.53 15.71
C VAL B 243 11.18 18.93 14.35
N PHE B 244 11.69 17.99 13.57
CA PHE B 244 12.24 18.35 12.26
C PHE B 244 11.18 19.00 11.37
N ARG B 245 9.98 18.45 11.36
CA ARG B 245 8.92 18.99 10.53
C ARG B 245 8.61 20.44 10.87
N LEU B 246 8.82 20.83 12.12
CA LEU B 246 8.54 22.19 12.54
C LEU B 246 9.80 23.03 12.72
N LYS B 247 10.93 22.53 12.23
CA LYS B 247 12.18 23.26 12.39
C LYS B 247 12.23 24.61 11.67
N LYS B 248 11.55 24.74 10.55
CA LYS B 248 11.55 26.02 9.86
C LYS B 248 10.97 27.09 10.78
N TRP B 249 9.95 26.73 11.55
CA TRP B 249 9.33 27.66 12.48
C TRP B 249 10.30 28.00 13.60
N ILE B 250 10.92 26.97 14.18
CA ILE B 250 11.87 27.18 15.26
C ILE B 250 12.98 28.14 14.81
N GLN B 251 13.55 27.87 13.65
CA GLN B 251 14.64 28.70 13.13
C GLN B 251 14.18 30.13 12.89
N LYS B 252 13.00 30.29 12.34
CA LYS B 252 12.43 31.61 12.06
C LYS B 252 12.30 32.43 13.34
N VAL B 253 11.78 31.80 14.39
CA VAL B 253 11.60 32.50 15.66
C VAL B 253 12.93 32.96 16.26
N ILE B 254 13.89 32.05 16.30
CA ILE B 254 15.19 32.36 16.86
C ILE B 254 15.93 33.45 16.09
N ASP B 255 15.84 33.40 14.76
CA ASP B 255 16.51 34.41 13.93
C ASP B 255 15.84 35.78 14.05
N GLN B 256 14.51 35.80 14.02
CA GLN B 256 13.78 37.07 14.12
C GLN B 256 13.84 37.71 15.50
N PHE B 257 13.90 36.90 16.55
CA PHE B 257 13.92 37.44 17.89
C PHE B 257 15.14 37.11 18.74
N GLY B 258 16.18 36.57 18.11
CA GLY B 258 17.38 36.23 18.83
C GLY B 258 17.94 37.37 19.66
N SER C 4 -29.85 -34.90 3.77
CA SER C 4 -28.64 -34.62 4.59
C SER C 4 -28.83 -33.36 5.45
N GLY C 5 -29.37 -32.32 4.84
CA GLY C 5 -29.58 -31.07 5.56
C GLY C 5 -28.74 -29.94 4.99
N GLU C 6 -29.26 -29.27 3.97
CA GLU C 6 -28.56 -28.18 3.32
C GLU C 6 -29.53 -27.15 2.75
N ALA C 7 -30.52 -27.64 2.02
CA ALA C 7 -31.53 -26.77 1.41
C ALA C 7 -32.18 -25.85 2.43
N ASP C 8 -32.23 -26.29 3.68
CA ASP C 8 -32.85 -25.49 4.73
C ASP C 8 -31.82 -25.03 5.78
N CYS C 9 -30.53 -25.14 5.44
CA CYS C 9 -29.47 -24.74 6.37
C CYS C 9 -29.54 -23.28 6.80
N GLY C 10 -29.01 -23.01 7.99
CA GLY C 10 -28.96 -21.64 8.49
C GLY C 10 -30.24 -20.93 8.88
N LEU C 11 -31.38 -21.62 8.78
CA LEU C 11 -32.65 -21.00 9.16
C LEU C 11 -33.09 -21.70 10.44
N ARG C 12 -33.01 -20.98 11.55
CA ARG C 12 -33.35 -21.51 12.86
C ARG C 12 -34.83 -21.72 13.12
N PRO C 13 -35.21 -22.93 13.55
CA PRO C 13 -36.61 -23.26 13.84
C PRO C 13 -37.29 -22.29 14.79
N LEU C 14 -36.59 -21.87 15.85
CA LEU C 14 -37.18 -20.95 16.82
C LEU C 14 -37.01 -19.46 16.53
N PHE C 15 -36.34 -19.13 15.43
CA PHE C 15 -36.18 -17.72 15.09
C PHE C 15 -36.61 -17.38 13.67
N GLU C 16 -35.74 -17.56 12.69
CA GLU C 16 -36.09 -17.23 11.31
C GLU C 16 -37.41 -17.88 10.89
N LYS C 17 -37.58 -19.17 11.23
CA LYS C 17 -38.79 -19.90 10.86
C LYS C 17 -40.07 -19.39 11.51
N LYS C 18 -39.95 -18.62 12.57
CA LYS C 18 -41.13 -18.09 13.25
C LYS C 18 -41.13 -16.57 13.13
N SER C 19 -40.30 -16.05 12.23
CA SER C 19 -40.18 -14.62 12.03
C SER C 19 -39.85 -13.88 13.31
N LEU C 20 -38.98 -14.49 14.13
CA LEU C 20 -38.57 -13.88 15.39
C LEU C 20 -37.07 -13.61 15.36
N GLU C 21 -36.66 -12.48 15.93
CA GLU C 21 -35.25 -12.10 15.96
C GLU C 21 -34.67 -12.41 17.32
N ASP C 22 -33.40 -12.81 17.38
CA ASP C 22 -32.80 -13.06 18.68
C ASP C 22 -32.35 -11.68 19.18
N LYS C 23 -31.98 -11.60 20.46
CA LYS C 23 -31.60 -10.33 21.07
C LYS C 23 -30.48 -9.47 20.49
N THR C 24 -29.53 -10.07 19.77
CA THR C 24 -28.43 -9.25 19.27
C THR C 24 -28.12 -9.35 17.79
N GLU C 25 -28.93 -10.06 17.02
CA GLU C 25 -28.63 -10.18 15.60
C GLU C 25 -28.63 -8.84 14.88
N ARG C 26 -29.44 -7.88 15.36
CA ARG C 26 -29.50 -6.56 14.73
C ARG C 26 -28.12 -5.92 14.75
N GLU C 27 -27.34 -6.24 15.80
CA GLU C 27 -25.99 -5.70 15.93
C GLU C 27 -25.14 -6.13 14.74
N LEU C 28 -25.33 -7.37 14.29
CA LEU C 28 -24.56 -7.88 13.16
C LEU C 28 -24.97 -7.16 11.89
N LEU C 29 -26.27 -7.01 11.69
CA LEU C 29 -26.79 -6.32 10.52
C LEU C 29 -26.22 -4.90 10.42
N GLU C 30 -26.32 -4.18 11.53
CA GLU C 30 -25.83 -2.80 11.57
C GLU C 30 -24.34 -2.69 11.23
N SER C 31 -23.59 -3.75 11.54
CA SER C 31 -22.17 -3.75 11.27
C SER C 31 -21.89 -3.95 9.78
N TYR C 32 -22.88 -4.44 9.06
CA TYR C 32 -22.71 -4.68 7.63
C TYR C 32 -22.95 -3.42 6.79
N ILE C 33 -23.36 -2.35 7.45
CA ILE C 33 -23.59 -1.07 6.77
C ILE C 33 -22.40 -0.18 7.13
N ASP C 34 -21.49 0.01 6.20
CA ASP C 34 -20.32 0.83 6.49
C ASP C 34 -20.68 2.30 6.63
N GLY C 35 -19.91 3.02 7.44
CA GLY C 35 -20.17 4.43 7.66
C GLY C 35 -20.73 4.71 9.05
N ILE D 1 -15.81 -18.44 26.38
CA ILE D 1 -16.18 -17.09 25.83
C ILE D 1 -16.01 -16.02 26.88
N VAL D 2 -15.24 -14.98 26.55
CA VAL D 2 -15.01 -13.89 27.49
C VAL D 2 -15.86 -12.66 27.17
N GLU D 3 -16.49 -12.09 28.19
CA GLU D 3 -17.33 -10.91 28.04
C GLU D 3 -18.52 -11.12 27.10
N GLY D 4 -19.05 -12.33 27.09
CA GLY D 4 -20.21 -12.62 26.27
C GLY D 4 -21.44 -12.67 27.16
N SER D 5 -22.48 -13.36 26.70
CA SER D 5 -23.71 -13.47 27.49
C SER D 5 -24.36 -14.82 27.26
N ASP D 6 -25.34 -15.14 28.10
CA ASP D 6 -26.06 -16.40 27.98
C ASP D 6 -26.82 -16.41 26.66
N ALA D 7 -26.70 -17.51 25.92
CA ALA D 7 -27.40 -17.63 24.66
C ALA D 7 -28.88 -17.85 24.94
N GLU D 8 -29.72 -17.55 23.96
CA GLU D 8 -31.15 -17.78 24.11
C GLU D 8 -31.37 -19.22 23.67
N ILE D 9 -32.48 -19.82 24.12
CA ILE D 9 -32.81 -21.18 23.75
C ILE D 9 -32.96 -21.32 22.23
N GLY D 10 -32.26 -22.29 21.65
CA GLY D 10 -32.35 -22.50 20.20
C GLY D 10 -31.66 -21.45 19.35
N MET D 11 -30.93 -20.54 19.99
CA MET D 11 -30.21 -19.48 19.28
C MET D 11 -29.08 -20.01 18.39
N SER D 12 -28.50 -21.14 18.77
CA SER D 12 -27.41 -21.74 18.00
C SER D 12 -27.64 -23.24 17.89
N PRO D 13 -28.66 -23.67 17.13
CA PRO D 13 -29.02 -25.08 16.96
C PRO D 13 -28.00 -26.01 16.31
N TRP D 14 -26.97 -25.43 15.71
CA TRP D 14 -25.92 -26.20 15.07
C TRP D 14 -24.74 -26.39 16.01
N GLN D 15 -24.90 -25.92 17.25
CA GLN D 15 -23.83 -26.05 18.25
C GLN D 15 -23.62 -27.51 18.64
N VAL D 16 -22.37 -27.93 18.69
CA VAL D 16 -22.05 -29.31 19.07
C VAL D 16 -20.95 -29.30 20.12
N MET D 17 -21.06 -30.22 21.09
CA MET D 17 -20.07 -30.36 22.16
C MET D 17 -19.25 -31.61 21.87
N LEU D 18 -17.93 -31.51 21.99
CA LEU D 18 -17.04 -32.64 21.75
C LEU D 18 -16.54 -33.09 23.13
N PHE D 19 -16.89 -34.32 23.52
CA PHE D 19 -16.49 -34.87 24.83
C PHE D 19 -15.51 -36.03 24.78
N ARG D 20 -14.65 -36.08 25.80
CA ARG D 20 -13.70 -37.18 25.94
C ARG D 20 -14.44 -38.15 26.86
N LYS D 21 -14.50 -39.42 26.48
CA LYS D 21 -15.19 -40.41 27.29
C LYS D 21 -14.55 -40.63 28.65
N SER D 22 -13.25 -40.90 28.65
CA SER D 22 -12.55 -41.15 29.90
C SER D 22 -11.10 -40.67 29.87
N PRO D 23 -10.72 -39.82 30.83
CA PRO D 23 -11.64 -39.34 31.87
C PRO D 23 -12.61 -38.30 31.30
N GLN D 24 -13.84 -38.32 31.79
CA GLN D 24 -14.88 -37.41 31.33
C GLN D 24 -14.40 -35.96 31.24
N GLU D 25 -14.59 -35.33 30.09
CA GLU D 25 -14.16 -33.95 29.93
C GLU D 25 -14.68 -33.30 28.64
N LEU D 26 -15.12 -32.05 28.74
CA LEU D 26 -15.59 -31.31 27.58
C LEU D 26 -14.31 -30.79 26.92
N LEU D 27 -14.04 -31.24 25.71
CA LEU D 27 -12.83 -30.84 25.01
C LEU D 27 -12.91 -29.57 24.17
N CYS D 28 -13.97 -29.47 23.38
CA CYS D 28 -14.10 -28.36 22.44
C CYS D 28 -15.52 -28.18 21.97
N GLY D 29 -15.69 -27.21 21.09
CA GLY D 29 -16.98 -26.98 20.48
C GLY D 29 -16.88 -27.60 19.09
N ALA D 30 -17.95 -27.51 18.33
CA ALA D 30 -18.01 -28.06 16.97
C ALA D 30 -19.33 -27.57 16.40
N SER D 31 -19.57 -27.85 15.12
CA SER D 31 -20.80 -27.41 14.49
C SER D 31 -21.38 -28.49 13.59
N LEU D 32 -22.70 -28.48 13.46
CA LEU D 32 -23.41 -29.45 12.65
C LEU D 32 -23.65 -28.87 11.26
N ILE D 33 -23.11 -29.52 10.23
CA ILE D 33 -23.29 -29.01 8.87
C ILE D 33 -24.21 -29.88 8.01
N SER D 34 -24.66 -31.01 8.57
CA SER D 34 -25.60 -31.91 7.89
C SER D 34 -25.99 -32.96 8.93
N ASP D 35 -26.89 -33.87 8.59
CA ASP D 35 -27.31 -34.86 9.56
C ASP D 35 -26.25 -35.90 9.90
N ARG D 36 -25.17 -35.95 9.12
CA ARG D 36 -24.10 -36.92 9.35
C ARG D 36 -22.70 -36.33 9.55
N TRP D 37 -22.56 -35.02 9.34
CA TRP D 37 -21.25 -34.41 9.46
C TRP D 37 -21.13 -33.28 10.47
N VAL D 38 -20.00 -33.30 11.19
CA VAL D 38 -19.71 -32.30 12.22
C VAL D 38 -18.36 -31.67 11.94
N LEU D 39 -18.30 -30.34 12.00
CA LEU D 39 -17.06 -29.63 11.74
C LEU D 39 -16.41 -29.15 13.04
N THR D 40 -15.09 -29.23 13.14
CA THR D 40 -14.40 -28.78 14.34
C THR D 40 -12.95 -28.38 13.99
N ALA D 41 -12.17 -28.02 14.99
CA ALA D 41 -10.76 -27.66 14.78
C ALA D 41 -9.94 -28.94 14.85
N ALA D 42 -8.93 -29.06 13.99
CA ALA D 42 -8.07 -30.25 13.98
C ALA D 42 -7.30 -30.37 15.30
N HIS D 43 -6.99 -29.27 15.96
CA HIS D 43 -6.11 -29.45 17.15
C HIS D 43 -6.88 -30.06 18.31
N CYS D 44 -8.19 -29.96 18.36
CA CYS D 44 -9.09 -30.62 19.30
C CYS D 44 -8.94 -32.14 19.24
N LEU D 45 -8.56 -32.65 18.07
CA LEU D 45 -8.40 -34.06 17.84
C LEU D 45 -6.94 -34.51 17.78
N LEU D 46 -6.09 -33.67 17.21
CA LEU D 46 -4.68 -34.00 17.10
C LEU D 46 -3.75 -32.83 17.39
N TYR D 47 -3.01 -32.94 18.48
CA TYR D 47 -2.03 -31.91 18.83
C TYR D 47 -0.94 -32.52 19.71
N PRO D 48 0.06 -33.15 19.05
CA PRO D 48 1.19 -33.79 19.75
C PRO D 48 1.85 -32.93 20.84
N PRO D 49 2.01 -31.61 20.61
CA PRO D 49 2.64 -30.78 21.65
C PRO D 49 1.90 -30.84 22.99
N TRP D 50 0.66 -31.32 22.96
CA TRP D 50 -0.13 -31.45 24.18
C TRP D 50 -0.38 -32.94 24.45
N ASP D 51 0.30 -33.78 23.69
CA ASP D 51 0.14 -35.23 23.84
C ASP D 51 -1.28 -35.64 23.51
N LYS D 52 -1.88 -34.96 22.53
CA LYS D 52 -3.25 -35.26 22.12
C LYS D 52 -3.28 -35.94 20.76
N ASN D 53 -3.90 -37.11 20.70
CA ASN D 53 -4.01 -37.87 19.46
C ASN D 53 -5.19 -38.82 19.62
N PHE D 54 -6.40 -38.29 19.52
CA PHE D 54 -7.60 -39.07 19.70
C PHE D 54 -8.02 -39.96 18.54
N THR D 55 -8.72 -41.03 18.89
CA THR D 55 -9.25 -41.98 17.93
C THR D 55 -10.77 -41.82 18.05
N GLU D 56 -11.50 -42.25 17.03
CA GLU D 56 -12.96 -42.12 17.02
C GLU D 56 -13.66 -42.59 18.28
N ASN D 57 -13.21 -43.72 18.82
CA ASN D 57 -13.86 -44.27 20.01
C ASN D 57 -13.52 -43.64 21.35
N ASP D 58 -12.61 -42.67 21.36
CA ASP D 58 -12.26 -42.00 22.61
C ASP D 58 -13.23 -40.86 22.89
N LEU D 59 -13.98 -40.48 21.85
CA LEU D 59 -14.88 -39.33 21.96
C LEU D 59 -16.35 -39.58 21.62
N LEU D 60 -17.17 -38.60 21.98
CA LEU D 60 -18.62 -38.59 21.73
C LEU D 60 -19.04 -37.13 21.59
N VAL D 61 -20.16 -36.88 20.92
CA VAL D 61 -20.64 -35.51 20.77
C VAL D 61 -22.06 -35.40 21.32
N ARG D 62 -22.41 -34.22 21.84
CA ARG D 62 -23.75 -33.98 22.34
C ARG D 62 -24.29 -32.82 21.54
N ILE D 63 -25.52 -32.96 21.08
CA ILE D 63 -26.15 -31.95 20.24
C ILE D 63 -27.45 -31.46 20.84
N GLY D 64 -27.80 -30.22 20.55
CA GLY D 64 -29.03 -29.64 21.05
C GLY D 64 -28.97 -29.09 22.46
N LYS D 65 -27.77 -28.97 23.02
CA LYS D 65 -27.61 -28.50 24.39
C LYS D 65 -27.59 -27.00 24.63
N HIS D 66 -28.04 -26.61 25.82
CA HIS D 66 -28.08 -25.23 26.26
C HIS D 66 -27.26 -25.14 27.55
N SER D 67 -27.54 -26.04 28.48
CA SER D 67 -26.81 -26.06 29.75
C SER D 67 -25.51 -26.85 29.60
N ARG D 68 -24.44 -26.34 30.18
CA ARG D 68 -23.14 -27.00 30.09
C ARG D 68 -23.07 -28.35 30.80
N THR D 69 -23.87 -28.52 31.85
CA THR D 69 -23.85 -29.77 32.62
C THR D 69 -25.16 -30.54 32.77
N ARG D 70 -26.24 -29.86 33.10
CA ARG D 70 -27.53 -30.53 33.28
C ARG D 70 -28.06 -31.26 32.04
N TYR D 71 -28.81 -32.33 32.28
CA TYR D 71 -29.40 -33.10 31.20
C TYR D 71 -30.65 -32.38 30.73
N GLU D 72 -30.91 -32.43 29.43
CA GLU D 72 -32.07 -31.75 28.86
C GLU D 72 -32.92 -32.75 28.06
N ARG D 73 -33.82 -33.41 28.79
CA ARG D 73 -34.70 -34.44 28.23
C ARG D 73 -35.48 -34.06 26.98
N ASN D 74 -35.58 -35.00 26.06
CA ASN D 74 -36.29 -34.82 24.80
C ASN D 74 -35.73 -33.69 23.95
N ILE D 75 -34.53 -33.23 24.29
CA ILE D 75 -33.91 -32.14 23.55
C ILE D 75 -32.52 -32.52 23.03
N GLU D 76 -31.59 -32.82 23.95
CA GLU D 76 -30.23 -33.16 23.54
C GLU D 76 -30.10 -34.57 23.00
N LYS D 77 -29.07 -34.77 22.19
CA LYS D 77 -28.81 -36.07 21.59
C LYS D 77 -27.32 -36.36 21.63
N ILE D 78 -26.97 -37.64 21.63
CA ILE D 78 -25.58 -38.04 21.62
C ILE D 78 -25.31 -38.83 20.35
N SER D 79 -24.10 -38.74 19.83
CA SER D 79 -23.72 -39.47 18.63
C SER D 79 -22.32 -40.01 18.78
N MET D 80 -22.06 -41.12 18.09
CA MET D 80 -20.75 -41.72 18.11
C MET D 80 -20.07 -41.29 16.83
N LEU D 81 -18.75 -41.26 16.84
CA LEU D 81 -18.00 -40.89 15.67
C LEU D 81 -17.70 -42.13 14.86
N GLU D 82 -17.98 -42.08 13.56
CA GLU D 82 -17.69 -43.22 12.71
C GLU D 82 -16.25 -43.07 12.21
N LYS D 83 -15.89 -41.85 11.82
CA LYS D 83 -14.55 -41.60 11.30
C LYS D 83 -14.14 -40.13 11.44
N ILE D 84 -12.86 -39.91 11.72
CA ILE D 84 -12.29 -38.57 11.85
C ILE D 84 -11.48 -38.26 10.58
N TYR D 85 -11.62 -37.04 10.08
CA TYR D 85 -10.89 -36.61 8.89
C TYR D 85 -10.18 -35.30 9.19
N ILE D 86 -8.87 -35.35 9.37
CA ILE D 86 -8.08 -34.16 9.65
C ILE D 86 -7.44 -33.68 8.37
N HIS D 87 -7.46 -32.36 8.14
CA HIS D 87 -6.88 -31.82 6.93
C HIS D 87 -5.45 -32.34 6.78
N PRO D 88 -5.13 -32.94 5.62
CA PRO D 88 -3.79 -33.50 5.38
C PRO D 88 -2.62 -32.52 5.53
N ARG D 89 -2.87 -31.23 5.43
CA ARG D 89 -1.80 -30.26 5.58
C ARG D 89 -1.94 -29.42 6.84
N TYR D 90 -2.67 -29.96 7.82
CA TYR D 90 -2.84 -29.29 9.10
C TYR D 90 -1.44 -29.19 9.70
N ASN D 91 -1.02 -27.97 10.02
CA ASN D 91 0.31 -27.73 10.56
C ASN D 91 0.31 -27.59 12.08
N TRP D 92 0.34 -28.71 12.79
CA TRP D 92 0.36 -28.66 14.25
C TRP D 92 1.77 -28.34 14.77
N ARG D 93 2.78 -28.62 13.96
CA ARG D 93 4.17 -28.39 14.35
C ARG D 93 4.55 -26.92 14.41
N GLU D 94 3.78 -26.06 13.75
CA GLU D 94 4.14 -24.66 13.68
C GLU D 94 3.14 -23.58 14.11
N ASN D 95 2.17 -23.28 13.25
CA ASN D 95 1.21 -22.22 13.51
C ASN D 95 -0.26 -22.61 13.44
N LEU D 96 -0.53 -23.91 13.40
CA LEU D 96 -1.92 -24.38 13.34
C LEU D 96 -2.59 -24.02 12.03
N ASP D 97 -1.81 -23.88 10.97
CA ASP D 97 -2.37 -23.57 9.65
C ASP D 97 -3.31 -24.71 9.24
N ARG D 98 -4.50 -24.36 8.75
CA ARG D 98 -5.50 -25.33 8.32
C ARG D 98 -5.96 -26.16 9.51
N ASP D 99 -6.34 -25.47 10.58
CA ASP D 99 -6.81 -26.09 11.80
C ASP D 99 -8.27 -26.48 11.59
N ILE D 100 -8.47 -27.58 10.87
CA ILE D 100 -9.81 -28.02 10.54
C ILE D 100 -9.90 -29.54 10.44
N ALA D 101 -11.04 -30.07 10.84
CA ALA D 101 -11.29 -31.50 10.81
C ALA D 101 -12.78 -31.75 10.67
N LEU D 102 -13.13 -32.88 10.09
CA LEU D 102 -14.52 -33.28 9.92
C LEU D 102 -14.75 -34.58 10.68
N MET D 103 -15.94 -34.74 11.23
CA MET D 103 -16.27 -35.96 11.94
C MET D 103 -17.59 -36.51 11.40
N LYS D 104 -17.56 -37.74 10.89
CA LYS D 104 -18.76 -38.35 10.37
C LYS D 104 -19.44 -39.13 11.49
N LEU D 105 -20.71 -38.84 11.74
CA LEU D 105 -21.44 -39.54 12.80
C LEU D 105 -21.81 -40.93 12.32
N LYS D 106 -21.74 -41.89 13.24
CA LYS D 106 -22.05 -43.27 12.91
C LYS D 106 -23.50 -43.43 12.44
N LYS D 107 -24.40 -42.61 13.01
CA LYS D 107 -25.81 -42.62 12.63
C LYS D 107 -26.25 -41.18 12.42
N PRO D 108 -27.19 -40.94 11.49
CA PRO D 108 -27.65 -39.57 11.26
C PRO D 108 -28.47 -39.04 12.43
N VAL D 109 -28.31 -37.76 12.73
CA VAL D 109 -29.04 -37.13 13.82
C VAL D 109 -30.30 -36.49 13.25
N ALA D 110 -31.39 -36.54 14.01
CA ALA D 110 -32.65 -35.97 13.55
C ALA D 110 -32.74 -34.51 13.95
N PHE D 111 -33.12 -33.65 12.99
CA PHE D 111 -33.25 -32.23 13.30
C PHE D 111 -34.50 -32.00 14.14
N SER D 112 -34.50 -30.88 14.86
CA SER D 112 -35.62 -30.51 15.71
C SER D 112 -35.54 -29.00 15.87
N ASP D 113 -36.30 -28.46 16.82
CA ASP D 113 -36.28 -27.03 17.07
C ASP D 113 -34.95 -26.61 17.72
N TYR D 114 -34.21 -27.59 18.23
CA TYR D 114 -32.95 -27.31 18.93
C TYR D 114 -31.73 -27.82 18.19
N ILE D 115 -31.95 -28.63 17.16
CA ILE D 115 -30.88 -29.21 16.36
C ILE D 115 -31.14 -28.90 14.88
N HIS D 116 -30.24 -28.14 14.27
CA HIS D 116 -30.39 -27.75 12.88
C HIS D 116 -29.02 -27.37 12.32
N PRO D 117 -28.73 -27.75 11.07
CA PRO D 117 -27.43 -27.42 10.48
C PRO D 117 -27.24 -25.98 10.05
N VAL D 118 -25.99 -25.53 10.13
CA VAL D 118 -25.63 -24.18 9.71
C VAL D 118 -25.16 -24.30 8.26
N CYS D 119 -25.21 -23.19 7.51
CA CYS D 119 -24.76 -23.22 6.12
C CYS D 119 -23.27 -22.98 5.98
N LEU D 120 -22.68 -23.55 4.94
CA LEU D 120 -21.28 -23.29 4.66
C LEU D 120 -21.35 -22.23 3.57
N PRO D 121 -20.46 -21.24 3.61
CA PRO D 121 -20.47 -20.17 2.60
C PRO D 121 -20.03 -20.55 1.20
N ASP D 122 -20.57 -19.83 0.22
CA ASP D 122 -20.22 -20.03 -1.17
C ASP D 122 -19.33 -18.82 -1.50
N ARG D 123 -18.69 -18.84 -2.67
CA ARG D 123 -17.80 -17.75 -3.04
C ARG D 123 -18.46 -16.37 -2.94
N GLU D 124 -19.73 -16.28 -3.29
CA GLU D 124 -20.45 -15.01 -3.25
C GLU D 124 -20.71 -14.56 -1.82
N THR D 125 -21.12 -15.48 -0.96
CA THR D 125 -21.40 -15.17 0.44
C THR D 125 -20.13 -14.70 1.16
N ALA D 126 -19.01 -15.35 0.84
CA ALA D 126 -17.73 -15.01 1.46
C ALA D 126 -17.29 -13.61 1.05
N ALA D 127 -17.47 -13.29 -0.22
CA ALA D 127 -17.09 -11.98 -0.72
C ALA D 127 -17.91 -10.89 -0.06
N SER D 128 -19.19 -11.16 0.14
CA SER D 128 -20.07 -10.17 0.74
C SER D 128 -19.98 -10.00 2.25
N LEU D 129 -19.60 -11.06 2.96
CA LEU D 129 -19.53 -10.99 4.43
C LEU D 129 -18.14 -10.86 5.05
N LEU D 130 -17.11 -11.42 4.41
CA LEU D 130 -15.77 -11.35 4.97
C LEU D 130 -15.07 -10.03 4.70
N GLN D 131 -15.46 -9.02 5.47
CA GLN D 131 -14.88 -7.70 5.32
C GLN D 131 -14.59 -7.14 6.71
N ALA D 132 -13.49 -6.41 6.83
CA ALA D 132 -13.12 -5.81 8.11
C ALA D 132 -14.25 -4.94 8.62
N GLY D 133 -14.53 -5.04 9.92
CA GLY D 133 -15.59 -4.25 10.51
C GLY D 133 -16.91 -4.98 10.65
N TYR D 134 -17.15 -5.95 9.77
CA TYR D 134 -18.38 -6.74 9.79
C TYR D 134 -18.31 -7.67 10.99
N LYS D 135 -19.39 -7.75 11.76
CA LYS D 135 -19.40 -8.60 12.93
C LYS D 135 -19.92 -10.01 12.71
N GLY D 136 -19.32 -10.96 13.44
CA GLY D 136 -19.72 -12.34 13.39
C GLY D 136 -20.11 -12.71 14.81
N ARG D 137 -20.56 -13.95 15.02
CA ARG D 137 -20.97 -14.40 16.33
C ARG D 137 -20.21 -15.68 16.71
N VAL D 138 -19.67 -15.71 17.92
CA VAL D 138 -18.91 -16.85 18.39
C VAL D 138 -19.62 -17.45 19.60
N THR D 139 -19.65 -18.77 19.68
CA THR D 139 -20.35 -19.44 20.75
C THR D 139 -19.55 -20.59 21.36
N GLY D 140 -19.74 -20.82 22.65
CA GLY D 140 -19.03 -21.92 23.28
C GLY D 140 -19.19 -22.01 24.77
N TRP D 141 -18.76 -23.15 25.31
CA TRP D 141 -18.83 -23.41 26.74
C TRP D 141 -17.42 -23.34 27.32
N GLY D 142 -16.52 -22.67 26.61
CA GLY D 142 -15.14 -22.55 27.08
C GLY D 142 -14.97 -21.56 28.21
N ASN D 143 -13.71 -21.34 28.61
CA ASN D 143 -13.37 -20.44 29.72
C ASN D 143 -13.97 -19.03 29.65
N LEU D 144 -14.50 -18.56 30.78
CA LEU D 144 -15.10 -17.24 30.87
C LEU D 144 -14.04 -16.15 31.03
N LYS D 145 -12.83 -16.57 31.37
CA LYS D 145 -11.71 -15.66 31.55
C LYS D 145 -10.40 -16.36 31.26
N GLU D 146 -9.37 -15.58 30.99
CA GLU D 146 -8.04 -16.11 30.73
C GLU D 146 -7.68 -16.95 31.96
N THR D 147 -7.31 -18.21 31.73
CA THR D 147 -6.99 -19.12 32.83
C THR D 147 -5.63 -19.77 32.61
N TRP D 148 -4.85 -19.91 33.69
CA TRP D 148 -3.53 -20.51 33.58
C TRP D 148 -3.37 -21.88 34.24
N THR D 149 -4.43 -22.36 34.89
CA THR D 149 -4.37 -23.67 35.54
C THR D 149 -4.52 -24.77 34.48
N ALA D 150 -3.87 -25.91 34.72
CA ALA D 150 -3.91 -27.03 33.77
C ALA D 150 -5.30 -27.63 33.59
N ASN D 151 -6.19 -27.38 34.55
CA ASN D 151 -7.56 -27.91 34.45
C ASN D 151 -8.50 -27.10 35.35
N GLN D 156 -16.06 -23.11 34.34
CA GLN D 156 -16.71 -22.84 33.07
C GLN D 156 -18.20 -22.51 33.23
N PRO D 157 -18.78 -21.83 32.23
CA PRO D 157 -20.19 -21.42 32.21
C PRO D 157 -21.23 -22.52 32.35
N SER D 158 -22.35 -22.20 32.99
CA SER D 158 -23.42 -23.15 33.18
C SER D 158 -24.24 -23.28 31.89
N VAL D 159 -24.31 -22.22 31.11
CA VAL D 159 -25.07 -22.25 29.85
C VAL D 159 -24.23 -21.70 28.69
N LEU D 160 -24.57 -22.14 27.48
CA LEU D 160 -23.84 -21.71 26.27
C LEU D 160 -23.66 -20.20 26.26
N GLN D 161 -22.45 -19.75 25.95
CA GLN D 161 -22.16 -18.31 25.89
C GLN D 161 -22.06 -17.84 24.45
N VAL D 162 -22.39 -16.56 24.22
CA VAL D 162 -22.34 -15.98 22.88
C VAL D 162 -21.78 -14.56 22.93
N VAL D 163 -21.01 -14.20 21.90
CA VAL D 163 -20.45 -12.86 21.82
C VAL D 163 -20.30 -12.50 20.35
N ASN D 164 -20.62 -11.27 19.99
CA ASN D 164 -20.50 -10.81 18.61
C ASN D 164 -19.21 -9.98 18.52
N LEU D 165 -18.40 -10.25 17.50
CA LEU D 165 -17.12 -9.57 17.33
C LEU D 165 -16.85 -9.18 15.88
N PRO D 166 -16.20 -8.02 15.67
CA PRO D 166 -15.90 -7.55 14.32
C PRO D 166 -14.65 -8.16 13.71
N ILE D 167 -14.72 -8.45 12.41
CA ILE D 167 -13.59 -9.00 11.68
C ILE D 167 -12.55 -7.87 11.61
N VAL D 168 -11.28 -8.24 11.70
CA VAL D 168 -10.18 -7.27 11.68
C VAL D 168 -9.30 -7.31 10.44
N GLU D 169 -8.80 -6.14 10.02
CA GLU D 169 -7.93 -6.02 8.86
C GLU D 169 -6.74 -6.97 8.98
N ARG D 170 -6.37 -7.60 7.88
CA ARG D 170 -5.25 -8.53 7.91
C ARG D 170 -3.95 -7.90 8.41
N PRO D 171 -3.63 -6.66 7.99
CA PRO D 171 -2.40 -6.04 8.46
C PRO D 171 -2.37 -5.88 9.97
N VAL D 172 -3.53 -5.57 10.55
CA VAL D 172 -3.65 -5.41 11.99
C VAL D 172 -3.51 -6.76 12.69
N CYS D 173 -4.12 -7.80 12.11
CA CYS D 173 -4.03 -9.14 12.67
C CYS D 173 -2.56 -9.57 12.65
N LYS D 174 -1.90 -9.33 11.54
CA LYS D 174 -0.50 -9.71 11.37
C LYS D 174 0.45 -9.04 12.37
N ASP D 175 0.27 -7.75 12.59
CA ASP D 175 1.14 -6.99 13.49
C ASP D 175 0.83 -7.21 14.97
N SER D 176 -0.25 -7.93 15.26
CA SER D 176 -0.65 -8.17 16.65
C SER D 176 0.02 -9.40 17.25
N THR D 177 0.72 -10.17 16.42
CA THR D 177 1.35 -11.39 16.89
C THR D 177 2.62 -11.75 16.13
N ARG D 178 3.52 -12.48 16.78
CA ARG D 178 4.75 -12.89 16.13
C ARG D 178 4.58 -14.28 15.51
N ILE D 179 3.43 -14.89 15.74
CA ILE D 179 3.14 -16.20 15.16
C ILE D 179 2.82 -15.94 13.68
N ARG D 180 3.35 -16.79 12.80
CA ARG D 180 3.12 -16.63 11.36
C ARG D 180 1.67 -16.91 10.99
N ILE D 181 0.96 -15.89 10.53
CA ILE D 181 -0.43 -16.10 10.14
C ILE D 181 -0.49 -16.39 8.64
N THR D 182 -1.57 -17.05 8.22
CA THR D 182 -1.74 -17.41 6.82
C THR D 182 -3.12 -16.99 6.32
N ASP D 183 -3.33 -17.13 5.01
CA ASP D 183 -4.62 -16.78 4.43
C ASP D 183 -5.70 -17.79 4.82
N ASN D 184 -5.31 -18.86 5.50
CA ASN D 184 -6.25 -19.87 5.94
C ASN D 184 -6.80 -19.50 7.32
N MET D 185 -6.49 -18.27 7.76
CA MET D 185 -6.95 -17.76 9.04
C MET D 185 -7.48 -16.34 8.87
N PHE D 186 -8.19 -15.86 9.88
CA PHE D 186 -8.65 -14.49 9.93
C PHE D 186 -8.82 -14.21 11.41
N CYS D 187 -8.65 -12.95 11.81
CA CYS D 187 -8.80 -12.64 13.22
C CYS D 187 -9.98 -11.71 13.43
N ALA D 188 -10.52 -11.73 14.65
CA ALA D 188 -11.68 -10.93 14.99
C ALA D 188 -11.59 -10.44 16.42
N GLY D 189 -12.23 -9.31 16.69
CA GLY D 189 -12.21 -8.74 18.02
C GLY D 189 -12.14 -7.23 17.93
N TYR D 190 -12.47 -6.57 19.02
CA TYR D 190 -12.45 -5.11 19.08
C TYR D 190 -11.03 -4.59 19.27
N LYS D 191 -10.77 -3.42 18.70
CA LYS D 191 -9.45 -2.79 18.83
C LYS D 191 -9.43 -2.01 20.15
N PRO D 192 -8.23 -1.73 20.66
CA PRO D 192 -8.12 -0.99 21.93
C PRO D 192 -8.92 0.33 21.94
N ASP D 193 -8.93 1.05 20.82
CA ASP D 193 -9.65 2.32 20.77
C ASP D 193 -11.15 2.22 20.48
N GLU D 194 -11.69 1.01 20.44
CA GLU D 194 -13.12 0.86 20.18
C GLU D 194 -13.95 0.69 21.46
N GLY D 195 -13.28 0.50 22.58
CA GLY D 195 -14.00 0.38 23.85
C GLY D 195 -14.55 -1.00 24.22
N LYS D 196 -15.49 -1.51 23.44
CA LYS D 196 -16.10 -2.81 23.71
C LYS D 196 -15.07 -3.93 23.80
N ARG D 197 -15.46 -5.04 24.44
CA ARG D 197 -14.57 -6.19 24.62
C ARG D 197 -15.23 -7.50 24.17
N GLY D 198 -14.51 -8.61 24.33
CA GLY D 198 -15.06 -9.90 23.95
C GLY D 198 -14.06 -10.76 23.20
N ASP D 199 -14.12 -12.06 23.40
CA ASP D 199 -13.18 -12.96 22.73
C ASP D 199 -13.56 -14.40 22.99
N ALA D 200 -12.97 -15.31 22.22
CA ALA D 200 -13.19 -16.73 22.45
C ALA D 200 -12.03 -17.00 23.42
N CYS D 201 -11.92 -18.23 23.92
CA CYS D 201 -10.86 -18.54 24.86
C CYS D 201 -10.66 -20.05 24.85
N GLU D 202 -9.69 -20.54 25.61
CA GLU D 202 -9.44 -21.97 25.65
C GLU D 202 -10.74 -22.70 25.93
N GLY D 203 -10.95 -23.82 25.26
CA GLY D 203 -12.17 -24.57 25.46
C GLY D 203 -13.23 -24.25 24.41
N ASP D 204 -13.08 -23.10 23.74
CA ASP D 204 -14.05 -22.71 22.71
C ASP D 204 -13.66 -23.23 21.34
N SER D 205 -12.43 -23.67 21.11
CA SER D 205 -12.02 -24.17 19.81
C SER D 205 -12.94 -25.22 19.20
N GLY D 206 -13.05 -25.13 17.89
CA GLY D 206 -13.99 -25.95 17.12
C GLY D 206 -15.35 -25.30 17.01
N GLY D 207 -15.62 -24.37 17.91
CA GLY D 207 -16.89 -23.65 17.90
C GLY D 207 -16.97 -22.81 16.63
N PRO D 208 -18.19 -22.47 16.17
CA PRO D 208 -18.32 -21.67 14.95
C PRO D 208 -18.35 -20.15 15.10
N PHE D 209 -17.83 -19.47 14.08
CA PHE D 209 -17.87 -18.01 14.00
C PHE D 209 -18.89 -17.89 12.86
N VAL D 210 -20.09 -17.42 13.18
CA VAL D 210 -21.15 -17.31 12.17
C VAL D 210 -21.57 -15.89 11.85
N MET D 211 -22.18 -15.73 10.69
CA MET D 211 -22.64 -14.43 10.23
C MET D 211 -23.99 -14.65 9.55
N LYS D 212 -24.92 -13.71 9.75
CA LYS D 212 -26.22 -13.83 9.13
C LYS D 212 -26.29 -13.00 7.86
N SER D 213 -26.45 -13.67 6.72
CA SER D 213 -26.51 -12.98 5.44
C SER D 213 -27.71 -12.05 5.35
N PRO D 214 -27.46 -10.76 5.07
CA PRO D 214 -28.58 -9.80 4.96
C PRO D 214 -29.23 -9.95 3.59
N PHE D 215 -28.74 -10.91 2.81
CA PHE D 215 -29.26 -11.16 1.48
C PHE D 215 -30.28 -12.28 1.43
N ASN D 216 -30.05 -13.37 2.17
CA ASN D 216 -31.03 -14.45 2.17
C ASN D 216 -31.48 -14.87 3.57
N ASN D 217 -31.09 -14.06 4.56
CA ASN D 217 -31.51 -14.30 5.94
C ASN D 217 -30.99 -15.57 6.61
N ARG D 218 -30.01 -16.23 5.99
CA ARG D 218 -29.45 -17.47 6.55
C ARG D 218 -28.12 -17.28 7.28
N TRP D 219 -27.87 -18.15 8.25
CA TRP D 219 -26.62 -18.10 9.01
C TRP D 219 -25.58 -18.97 8.32
N TYR D 220 -24.38 -18.42 8.15
CA TYR D 220 -23.25 -19.09 7.50
C TYR D 220 -22.08 -19.19 8.45
N GLN D 221 -21.41 -20.33 8.49
CA GLN D 221 -20.24 -20.46 9.35
C GLN D 221 -19.02 -20.03 8.54
N MET D 222 -18.47 -18.88 8.89
CA MET D 222 -17.33 -18.33 8.17
C MET D 222 -16.02 -18.74 8.83
N GLY D 223 -16.06 -19.08 10.11
CA GLY D 223 -14.84 -19.47 10.78
C GLY D 223 -14.99 -20.54 11.86
N ILE D 224 -13.85 -21.04 12.33
CA ILE D 224 -13.80 -22.03 13.40
C ILE D 224 -12.80 -21.49 14.43
N VAL D 225 -13.20 -21.39 15.69
CA VAL D 225 -12.29 -20.91 16.72
C VAL D 225 -11.03 -21.77 16.65
N SER D 226 -9.88 -21.14 16.46
CA SER D 226 -8.63 -21.87 16.34
C SER D 226 -7.59 -21.55 17.41
N TRP D 227 -7.20 -20.29 17.55
CA TRP D 227 -6.19 -19.95 18.54
C TRP D 227 -6.15 -18.48 18.96
N GLY D 228 -5.28 -18.20 19.92
CA GLY D 228 -5.11 -16.85 20.41
C GLY D 228 -3.92 -16.83 21.36
N GLU D 229 -3.74 -15.72 22.06
CA GLU D 229 -2.64 -15.60 23.01
C GLU D 229 -3.28 -14.86 24.19
N GLY D 230 -3.60 -15.63 25.23
CA GLY D 230 -4.31 -15.06 26.36
C GLY D 230 -5.74 -14.97 25.89
N CYS D 231 -6.60 -14.23 26.59
CA CYS D 231 -7.99 -14.07 26.16
C CYS D 231 -8.48 -12.66 26.46
N ASP D 232 -9.04 -12.01 25.45
CA ASP D 232 -9.58 -10.65 25.57
C ASP D 232 -8.56 -9.60 26.02
N ARG D 233 -7.32 -9.74 25.59
CA ARG D 233 -6.27 -8.78 25.95
C ARG D 233 -6.28 -7.61 24.98
N ASP D 234 -6.00 -6.40 25.46
CA ASP D 234 -5.98 -5.25 24.55
C ASP D 234 -4.88 -5.41 23.50
N GLY D 235 -5.23 -5.16 22.24
CA GLY D 235 -4.26 -5.27 21.16
C GLY D 235 -4.02 -6.68 20.68
N LYS D 236 -4.82 -7.61 21.20
CA LYS D 236 -4.73 -9.02 20.82
C LYS D 236 -6.04 -9.41 20.16
N TYR D 237 -6.01 -10.40 19.27
CA TYR D 237 -7.22 -10.83 18.58
C TYR D 237 -7.34 -12.35 18.50
N GLY D 238 -8.57 -12.84 18.49
CA GLY D 238 -8.78 -14.27 18.37
C GLY D 238 -8.61 -14.64 16.92
N PHE D 239 -8.04 -15.82 16.65
CA PHE D 239 -7.85 -16.27 15.27
C PHE D 239 -8.78 -17.42 14.96
N TYR D 240 -9.28 -17.42 13.73
CA TYR D 240 -10.21 -18.44 13.28
C TYR D 240 -9.81 -19.06 11.96
N THR D 241 -10.13 -20.34 11.82
CA THR D 241 -9.86 -21.05 10.59
C THR D 241 -10.82 -20.47 9.55
N HIS D 242 -10.27 -20.16 8.37
CA HIS D 242 -11.02 -19.58 7.26
C HIS D 242 -11.78 -20.69 6.51
N VAL D 243 -13.04 -20.89 6.89
CA VAL D 243 -13.86 -21.94 6.30
C VAL D 243 -13.98 -21.92 4.78
N PHE D 244 -14.32 -20.77 4.20
CA PHE D 244 -14.45 -20.73 2.75
C PHE D 244 -13.16 -21.14 2.02
N ARG D 245 -12.03 -20.66 2.51
CA ARG D 245 -10.74 -20.98 1.92
C ARG D 245 -10.49 -22.48 1.87
N LEU D 246 -11.06 -23.21 2.82
CA LEU D 246 -10.85 -24.65 2.89
C LEU D 246 -12.08 -25.46 2.49
N LYS D 247 -13.07 -24.81 1.88
CA LYS D 247 -14.29 -25.50 1.50
C LYS D 247 -14.09 -26.59 0.44
N LYS D 248 -13.09 -26.43 -0.41
CA LYS D 248 -12.82 -27.44 -1.43
C LYS D 248 -12.47 -28.74 -0.74
N TRP D 249 -11.69 -28.65 0.33
CA TRP D 249 -11.32 -29.83 1.08
C TRP D 249 -12.54 -30.44 1.75
N ILE D 250 -13.33 -29.59 2.41
CA ILE D 250 -14.55 -30.04 3.09
C ILE D 250 -15.47 -30.79 2.13
N GLN D 251 -15.74 -30.22 0.97
CA GLN D 251 -16.62 -30.85 -0.01
C GLN D 251 -16.04 -32.18 -0.50
N LYS D 252 -14.73 -32.20 -0.74
CA LYS D 252 -14.04 -33.40 -1.20
C LYS D 252 -14.23 -34.57 -0.24
N VAL D 253 -14.13 -34.29 1.07
CA VAL D 253 -14.28 -35.33 2.07
C VAL D 253 -15.71 -35.84 2.13
N ILE D 254 -16.67 -34.91 2.16
CA ILE D 254 -18.06 -35.28 2.22
C ILE D 254 -18.49 -36.06 0.97
N ASP D 255 -17.93 -35.68 -0.18
CA ASP D 255 -18.26 -36.37 -1.43
C ASP D 255 -17.63 -37.76 -1.51
N GLN D 256 -16.38 -37.89 -1.08
CA GLN D 256 -15.70 -39.17 -1.14
C GLN D 256 -16.12 -40.14 -0.05
N PHE D 257 -16.46 -39.64 1.13
CA PHE D 257 -16.85 -40.53 2.22
C PHE D 257 -18.27 -40.36 2.73
N GLY D 258 -19.08 -39.58 2.03
CA GLY D 258 -20.46 -39.37 2.45
C GLY D 258 -21.39 -40.48 2.00
N GLU E 6 -23.81 -28.71 -18.82
CA GLU E 6 -24.99 -29.58 -19.12
C GLU E 6 -24.69 -31.03 -18.78
N ALA E 7 -25.75 -31.79 -18.57
CA ALA E 7 -25.62 -33.20 -18.22
C ALA E 7 -25.36 -34.06 -19.44
N ASP E 8 -25.39 -33.46 -20.62
CA ASP E 8 -25.17 -34.21 -21.85
C ASP E 8 -23.77 -34.04 -22.46
N CYS E 9 -22.89 -33.35 -21.75
CA CYS E 9 -21.52 -33.10 -22.23
C CYS E 9 -20.73 -34.39 -22.51
N GLY E 10 -19.78 -34.30 -23.43
CA GLY E 10 -18.90 -35.42 -23.75
C GLY E 10 -19.45 -36.63 -24.49
N LEU E 11 -20.72 -36.59 -24.87
CA LEU E 11 -21.32 -37.70 -25.60
C LEU E 11 -21.60 -37.18 -27.01
N ARG E 12 -20.85 -37.69 -27.99
CA ARG E 12 -20.99 -37.25 -29.37
C ARG E 12 -22.21 -37.81 -30.07
N PRO E 13 -23.02 -36.94 -30.67
CA PRO E 13 -24.23 -37.34 -31.38
C PRO E 13 -23.98 -38.41 -32.43
N LEU E 14 -22.88 -38.28 -33.19
CA LEU E 14 -22.57 -39.23 -34.23
C LEU E 14 -21.77 -40.46 -33.79
N PHE E 15 -21.44 -40.55 -32.51
CA PHE E 15 -20.70 -41.72 -32.04
C PHE E 15 -21.31 -42.34 -30.80
N GLU E 16 -20.94 -41.87 -29.62
CA GLU E 16 -21.50 -42.44 -28.39
C GLU E 16 -23.04 -42.50 -28.45
N LYS E 17 -23.66 -41.47 -29.01
CA LYS E 17 -25.12 -41.39 -29.11
C LYS E 17 -25.77 -42.44 -29.99
N LYS E 18 -25.01 -43.00 -30.93
CA LYS E 18 -25.56 -44.02 -31.80
C LYS E 18 -24.76 -45.31 -31.71
N SER E 19 -24.20 -45.53 -30.53
CA SER E 19 -23.39 -46.73 -30.24
C SER E 19 -22.32 -47.03 -31.28
N LEU E 20 -21.63 -45.99 -31.74
CA LEU E 20 -20.58 -46.16 -32.72
C LEU E 20 -19.24 -45.69 -32.16
N GLU E 21 -18.17 -46.40 -32.50
CA GLU E 21 -16.83 -46.07 -32.06
C GLU E 21 -16.09 -45.36 -33.18
N ASP E 22 -15.20 -44.44 -32.85
CA ASP E 22 -14.45 -43.79 -33.90
C ASP E 22 -13.25 -44.72 -34.13
N LYS E 23 -12.51 -44.49 -35.20
CA LYS E 23 -11.38 -45.35 -35.56
C LYS E 23 -10.23 -45.55 -34.58
N THR E 24 -10.00 -44.62 -33.66
CA THR E 24 -8.86 -44.77 -32.77
C THR E 24 -9.12 -44.69 -31.28
N GLU E 25 -10.36 -44.44 -30.89
CA GLU E 25 -10.65 -44.31 -29.46
C GLU E 25 -10.26 -45.54 -28.64
N ARG E 26 -10.24 -46.71 -29.27
CA ARG E 26 -9.87 -47.91 -28.53
C ARG E 26 -8.40 -47.82 -28.10
N GLU E 27 -7.62 -47.06 -28.85
CA GLU E 27 -6.21 -46.89 -28.54
C GLU E 27 -6.08 -46.24 -27.17
N LEU E 28 -6.97 -45.28 -26.90
CA LEU E 28 -6.97 -44.58 -25.63
C LEU E 28 -7.33 -45.55 -24.50
N LEU E 29 -8.40 -46.32 -24.70
CA LEU E 29 -8.84 -47.30 -23.72
C LEU E 29 -7.73 -48.27 -23.34
N GLU E 30 -7.07 -48.85 -24.35
CA GLU E 30 -5.99 -49.79 -24.10
C GLU E 30 -4.86 -49.17 -23.29
N SER E 31 -4.68 -47.85 -23.43
CA SER E 31 -3.63 -47.16 -22.71
C SER E 31 -4.02 -46.94 -21.26
N TYR E 32 -5.31 -47.06 -20.94
CA TYR E 32 -5.76 -46.87 -19.57
C TYR E 32 -5.65 -48.15 -18.75
N ILE E 33 -5.21 -49.23 -19.37
CA ILE E 33 -5.02 -50.50 -18.69
C ILE E 33 -3.54 -50.68 -18.40
N ASP E 34 -3.18 -50.67 -17.12
CA ASP E 34 -1.79 -50.82 -16.71
C ASP E 34 -1.30 -52.25 -16.92
N ILE F 1 -1.02 -29.97 -36.11
CA ILE F 1 -0.88 -31.38 -35.64
C ILE F 1 0.13 -32.12 -36.51
N VAL F 2 1.16 -32.69 -35.87
CA VAL F 2 2.19 -33.43 -36.59
C VAL F 2 2.00 -34.93 -36.45
N GLU F 3 2.07 -35.64 -37.58
CA GLU F 3 1.92 -37.09 -37.59
C GLU F 3 0.55 -37.57 -37.15
N GLY F 4 -0.47 -36.75 -37.42
CA GLY F 4 -1.83 -37.12 -37.06
C GLY F 4 -2.52 -37.55 -38.33
N SER F 5 -3.85 -37.59 -38.31
CA SER F 5 -4.61 -37.99 -39.49
C SER F 5 -5.91 -37.19 -39.57
N ASP F 6 -6.60 -37.34 -40.69
CA ASP F 6 -7.86 -36.65 -40.92
C ASP F 6 -8.89 -37.12 -39.90
N ALA F 7 -9.61 -36.17 -39.31
CA ALA F 7 -10.62 -36.50 -38.34
C ALA F 7 -11.87 -36.99 -39.07
N GLU F 8 -12.66 -37.81 -38.39
CA GLU F 8 -13.89 -38.33 -38.97
C GLU F 8 -14.94 -37.25 -38.73
N ILE F 9 -15.99 -37.23 -39.55
CA ILE F 9 -17.05 -36.25 -39.39
C ILE F 9 -17.68 -36.36 -38.01
N GLY F 10 -17.83 -35.22 -37.34
CA GLY F 10 -18.42 -35.20 -36.01
C GLY F 10 -17.61 -35.85 -34.91
N MET F 11 -16.35 -36.17 -35.20
CA MET F 11 -15.47 -36.81 -34.23
C MET F 11 -15.07 -35.87 -33.07
N SER F 12 -15.06 -34.57 -33.34
CA SER F 12 -14.69 -33.58 -32.32
C SER F 12 -15.66 -32.41 -32.41
N PRO F 13 -16.95 -32.65 -32.07
CA PRO F 13 -18.02 -31.64 -32.12
C PRO F 13 -17.86 -30.41 -31.24
N TRP F 14 -16.89 -30.45 -30.32
CA TRP F 14 -16.64 -29.32 -29.42
C TRP F 14 -15.50 -28.46 -29.97
N GLN F 15 -14.97 -28.85 -31.12
CA GLN F 15 -13.87 -28.12 -31.74
C GLN F 15 -14.32 -26.73 -32.17
N VAL F 16 -13.51 -25.72 -31.87
CA VAL F 16 -13.83 -24.34 -32.25
C VAL F 16 -12.62 -23.67 -32.89
N MET F 17 -12.87 -22.82 -33.89
CA MET F 17 -11.80 -22.09 -34.58
C MET F 17 -11.85 -20.63 -34.16
N LEU F 18 -10.69 -20.06 -33.86
CA LEU F 18 -10.60 -18.66 -33.47
C LEU F 18 -10.01 -17.90 -34.65
N PHE F 19 -10.79 -17.01 -35.25
CA PHE F 19 -10.35 -16.22 -36.40
C PHE F 19 -10.15 -14.75 -36.10
N ARG F 20 -9.18 -14.15 -36.80
CA ARG F 20 -8.91 -12.72 -36.69
C ARG F 20 -9.69 -12.14 -37.87
N LYS F 21 -10.44 -11.07 -37.62
CA LYS F 21 -11.23 -10.44 -38.68
C LYS F 21 -10.38 -9.81 -39.77
N SER F 22 -9.47 -8.94 -39.37
CA SER F 22 -8.62 -8.26 -40.33
C SER F 22 -7.22 -7.95 -39.79
N PRO F 23 -6.18 -8.40 -40.50
CA PRO F 23 -6.33 -9.19 -41.72
C PRO F 23 -6.84 -10.61 -41.43
N GLN F 24 -7.64 -11.15 -42.34
CA GLN F 24 -8.22 -12.48 -42.22
C GLN F 24 -7.16 -13.52 -41.82
N GLU F 25 -7.37 -14.19 -40.69
CA GLU F 25 -6.41 -15.19 -40.24
C GLU F 25 -6.94 -16.17 -39.18
N LEU F 26 -6.61 -17.44 -39.36
CA LEU F 26 -6.99 -18.47 -38.40
C LEU F 26 -5.93 -18.42 -37.32
N LEU F 27 -6.31 -17.91 -36.15
CA LEU F 27 -5.35 -17.75 -35.07
C LEU F 27 -5.03 -18.97 -34.24
N CYS F 28 -6.07 -19.61 -33.71
CA CYS F 28 -5.88 -20.74 -32.81
C CYS F 28 -7.06 -21.69 -32.81
N GLY F 29 -6.96 -22.67 -31.91
CA GLY F 29 -8.04 -23.62 -31.73
C GLY F 29 -8.71 -23.19 -30.43
N ALA F 30 -9.79 -23.87 -30.06
CA ALA F 30 -10.54 -23.57 -28.86
C ALA F 30 -11.56 -24.69 -28.69
N SER F 31 -12.32 -24.67 -27.60
CA SER F 31 -13.30 -25.71 -27.36
C SER F 31 -14.61 -25.18 -26.78
N LEU F 32 -15.71 -25.83 -27.14
CA LEU F 32 -17.02 -25.45 -26.67
C LEU F 32 -17.33 -26.19 -25.37
N ILE F 33 -17.60 -25.44 -24.29
CA ILE F 33 -17.90 -26.09 -23.02
C ILE F 33 -19.34 -25.86 -22.56
N SER F 34 -20.09 -25.10 -23.35
CA SER F 34 -21.50 -24.82 -23.10
C SER F 34 -22.00 -24.06 -24.31
N ASP F 35 -23.29 -23.73 -24.34
CA ASP F 35 -23.87 -23.03 -25.46
C ASP F 35 -23.43 -21.56 -25.53
N ARG F 36 -22.76 -21.10 -24.48
CA ARG F 36 -22.31 -19.70 -24.43
C ARG F 36 -20.83 -19.51 -24.14
N TRP F 37 -20.14 -20.55 -23.68
CA TRP F 37 -18.74 -20.40 -23.37
C TRP F 37 -17.74 -21.24 -24.17
N VAL F 38 -16.63 -20.60 -24.53
CA VAL F 38 -15.57 -21.23 -25.31
C VAL F 38 -14.25 -21.12 -24.55
N LEU F 39 -13.51 -22.22 -24.48
CA LEU F 39 -12.23 -22.23 -23.78
C LEU F 39 -11.08 -22.18 -24.78
N THR F 40 -10.01 -21.47 -24.44
CA THR F 40 -8.86 -21.39 -25.34
C THR F 40 -7.62 -21.06 -24.52
N ALA F 41 -6.50 -20.82 -25.20
CA ALA F 41 -5.26 -20.47 -24.51
C ALA F 41 -5.17 -18.94 -24.43
N ALA F 42 -4.69 -18.43 -23.30
CA ALA F 42 -4.55 -16.99 -23.13
C ALA F 42 -3.65 -16.38 -24.21
N HIS F 43 -2.59 -17.06 -24.61
CA HIS F 43 -1.58 -16.36 -25.45
C HIS F 43 -2.12 -16.06 -26.83
N CYS F 44 -3.09 -16.85 -27.28
CA CYS F 44 -3.86 -16.64 -28.52
C CYS F 44 -4.50 -15.27 -28.56
N LEU F 45 -4.79 -14.71 -27.38
CA LEU F 45 -5.43 -13.41 -27.27
C LEU F 45 -4.48 -12.33 -26.80
N LEU F 46 -3.58 -12.69 -25.87
CA LEU F 46 -2.63 -11.74 -25.33
C LEU F 46 -1.21 -12.28 -25.22
N TYR F 47 -0.31 -11.68 -25.97
CA TYR F 47 1.11 -12.05 -25.93
C TYR F 47 1.96 -10.87 -26.39
N PRO F 48 2.15 -9.89 -25.49
CA PRO F 48 2.94 -8.68 -25.72
C PRO F 48 4.24 -8.84 -26.50
N PRO F 49 5.04 -9.87 -26.17
CA PRO F 49 6.31 -10.09 -26.88
C PRO F 49 6.19 -10.13 -28.40
N TRP F 50 5.03 -10.55 -28.90
CA TRP F 50 4.81 -10.62 -30.33
C TRP F 50 3.82 -9.53 -30.72
N ASP F 51 3.61 -8.61 -29.79
CA ASP F 51 2.70 -7.50 -30.01
C ASP F 51 1.29 -7.98 -30.33
N LYS F 52 0.77 -8.86 -29.48
CA LYS F 52 -0.57 -9.40 -29.66
C LYS F 52 -1.42 -9.06 -28.44
N ASN F 53 -2.54 -8.38 -28.69
CA ASN F 53 -3.47 -7.98 -27.63
C ASN F 53 -4.81 -7.73 -28.31
N PHE F 54 -5.59 -8.78 -28.50
CA PHE F 54 -6.89 -8.68 -29.17
C PHE F 54 -8.06 -8.31 -28.26
N THR F 55 -9.02 -7.60 -28.85
CA THR F 55 -10.22 -7.20 -28.13
C THR F 55 -11.35 -8.03 -28.73
N GLU F 56 -12.49 -8.09 -28.05
CA GLU F 56 -13.63 -8.87 -28.51
C GLU F 56 -13.97 -8.67 -30.00
N ASN F 57 -14.06 -7.42 -30.43
CA ASN F 57 -14.44 -7.12 -31.81
C ASN F 57 -13.41 -7.39 -32.90
N ASP F 58 -12.20 -7.79 -32.50
CA ASP F 58 -11.17 -8.08 -33.49
C ASP F 58 -11.30 -9.53 -33.96
N LEU F 59 -12.08 -10.32 -33.23
CA LEU F 59 -12.20 -11.74 -33.54
C LEU F 59 -13.61 -12.29 -33.74
N LEU F 60 -13.64 -13.53 -34.22
CA LEU F 60 -14.86 -14.30 -34.45
C LEU F 60 -14.48 -15.77 -34.30
N VAL F 61 -15.46 -16.62 -33.99
CA VAL F 61 -15.20 -18.04 -33.85
C VAL F 61 -16.10 -18.81 -34.83
N ARG F 62 -15.59 -19.93 -35.33
CA ARG F 62 -16.34 -20.77 -36.25
C ARG F 62 -16.46 -22.14 -35.60
N ILE F 63 -17.69 -22.64 -35.52
CA ILE F 63 -17.95 -23.91 -34.86
C ILE F 63 -18.62 -24.91 -35.78
N GLY F 64 -18.36 -26.19 -35.54
CA GLY F 64 -18.94 -27.25 -36.34
C GLY F 64 -18.21 -27.55 -37.63
N LYS F 65 -16.99 -27.05 -37.77
CA LYS F 65 -16.22 -27.27 -39.00
C LYS F 65 -15.40 -28.53 -39.08
N HIS F 66 -15.20 -28.99 -40.32
CA HIS F 66 -14.42 -30.19 -40.62
C HIS F 66 -13.32 -29.77 -41.60
N SER F 67 -13.73 -29.20 -42.72
CA SER F 67 -12.80 -28.77 -43.75
C SER F 67 -12.42 -27.29 -43.57
N ARG F 68 -11.20 -27.06 -43.11
CA ARG F 68 -10.67 -25.73 -42.83
C ARG F 68 -11.27 -24.59 -43.67
N THR F 69 -11.35 -24.75 -44.99
CA THR F 69 -11.90 -23.70 -45.82
C THR F 69 -12.60 -24.14 -47.10
N ARG F 70 -13.82 -24.65 -46.93
CA ARG F 70 -14.66 -25.10 -48.04
C ARG F 70 -16.10 -25.12 -47.53
N TYR F 71 -16.52 -23.99 -46.94
CA TYR F 71 -17.84 -23.80 -46.35
C TYR F 71 -18.71 -25.03 -46.22
N GLU F 72 -19.29 -25.23 -45.04
CA GLU F 72 -20.12 -26.40 -44.79
C GLU F 72 -21.60 -26.18 -44.50
N ARG F 73 -22.40 -26.42 -45.53
CA ARG F 73 -23.86 -26.32 -45.50
C ARG F 73 -24.47 -25.66 -44.27
N ASN F 74 -25.54 -26.28 -43.77
CA ASN F 74 -26.24 -25.80 -42.57
C ASN F 74 -25.60 -26.48 -41.38
N ILE F 75 -24.29 -26.67 -41.46
CA ILE F 75 -23.53 -27.32 -40.41
C ILE F 75 -22.76 -26.32 -39.55
N GLU F 76 -21.79 -25.63 -40.15
CA GLU F 76 -20.99 -24.68 -39.41
C GLU F 76 -21.73 -23.41 -38.99
N LYS F 77 -21.30 -22.83 -37.87
CA LYS F 77 -21.91 -21.62 -37.34
C LYS F 77 -20.82 -20.61 -37.01
N ILE F 78 -21.21 -19.35 -36.90
CA ILE F 78 -20.28 -18.28 -36.56
C ILE F 78 -20.87 -17.59 -35.34
N SER F 79 -20.01 -17.12 -34.44
CA SER F 79 -20.46 -16.42 -33.25
C SER F 79 -19.56 -15.23 -32.96
N MET F 80 -20.13 -14.20 -32.35
CA MET F 80 -19.37 -13.02 -31.98
C MET F 80 -18.98 -13.17 -30.53
N LEU F 81 -17.94 -12.46 -30.11
CA LEU F 81 -17.48 -12.53 -28.74
C LEU F 81 -18.02 -11.36 -27.95
N GLU F 82 -18.71 -11.67 -26.86
CA GLU F 82 -19.26 -10.64 -26.00
C GLU F 82 -18.19 -10.14 -25.04
N LYS F 83 -17.41 -11.06 -24.50
CA LYS F 83 -16.38 -10.69 -23.55
C LYS F 83 -15.27 -11.74 -23.45
N ILE F 84 -14.05 -11.25 -23.27
CA ILE F 84 -12.88 -12.11 -23.13
C ILE F 84 -12.46 -12.08 -21.68
N TYR F 85 -12.13 -13.25 -21.12
CA TYR F 85 -11.67 -13.34 -19.74
C TYR F 85 -10.37 -14.12 -19.70
N ILE F 86 -9.26 -13.42 -19.50
CA ILE F 86 -7.94 -14.05 -19.43
C ILE F 86 -7.56 -14.22 -17.96
N HIS F 87 -6.94 -15.35 -17.63
CA HIS F 87 -6.57 -15.57 -16.24
C HIS F 87 -5.71 -14.40 -15.75
N PRO F 88 -6.11 -13.79 -14.62
CA PRO F 88 -5.39 -12.64 -14.04
C PRO F 88 -3.91 -12.89 -13.73
N ARG F 89 -3.55 -14.16 -13.55
CA ARG F 89 -2.16 -14.49 -13.24
C ARG F 89 -1.42 -15.20 -14.38
N TYR F 90 -1.98 -15.10 -15.59
CA TYR F 90 -1.37 -15.69 -16.76
C TYR F 90 0.02 -15.06 -16.90
N ASN F 91 1.04 -15.90 -16.91
CA ASN F 91 2.44 -15.44 -16.98
C ASN F 91 3.01 -15.48 -18.39
N TRP F 92 2.80 -14.41 -19.16
CA TRP F 92 3.32 -14.36 -20.51
C TRP F 92 4.79 -13.96 -20.56
N ARG F 93 5.26 -13.28 -19.51
CA ARG F 93 6.64 -12.84 -19.45
C ARG F 93 7.66 -13.96 -19.35
N GLU F 94 7.27 -15.09 -18.75
CA GLU F 94 8.23 -16.16 -18.56
C GLU F 94 7.98 -17.56 -19.14
N ASN F 95 6.99 -18.26 -18.60
CA ASN F 95 6.73 -19.63 -19.02
C ASN F 95 5.31 -19.98 -19.46
N LEU F 96 4.48 -18.96 -19.66
CA LEU F 96 3.09 -19.18 -20.06
C LEU F 96 2.28 -19.92 -19.00
N ASP F 97 2.66 -19.73 -17.73
CA ASP F 97 1.94 -20.37 -16.64
C ASP F 97 0.50 -19.87 -16.63
N ARG F 98 -0.44 -20.79 -16.51
CA ARG F 98 -1.87 -20.47 -16.51
C ARG F 98 -2.29 -19.89 -17.85
N ASP F 99 -1.89 -20.57 -18.91
CA ASP F 99 -2.20 -20.17 -20.29
C ASP F 99 -3.64 -20.58 -20.58
N ILE F 100 -4.58 -19.81 -20.04
CA ILE F 100 -6.00 -20.11 -20.21
C ILE F 100 -6.85 -18.86 -20.29
N ALA F 101 -7.93 -18.94 -21.08
CA ALA F 101 -8.84 -17.82 -21.24
C ALA F 101 -10.21 -18.33 -21.62
N LEU F 102 -11.24 -17.60 -21.24
CA LEU F 102 -12.61 -17.95 -21.57
C LEU F 102 -13.20 -16.86 -22.45
N MET F 103 -14.08 -17.23 -23.35
CA MET F 103 -14.72 -16.27 -24.22
C MET F 103 -16.21 -16.52 -24.20
N LYS F 104 -16.99 -15.49 -23.84
CA LYS F 104 -18.43 -15.62 -23.78
C LYS F 104 -19.01 -15.19 -25.13
N LEU F 105 -19.86 -16.04 -25.70
CA LEU F 105 -20.48 -15.74 -26.99
C LEU F 105 -21.64 -14.76 -26.82
N LYS F 106 -21.79 -13.85 -27.77
CA LYS F 106 -22.85 -12.86 -27.74
C LYS F 106 -24.22 -13.53 -27.66
N LYS F 107 -24.41 -14.56 -28.48
CA LYS F 107 -25.66 -15.32 -28.50
C LYS F 107 -25.33 -16.79 -28.34
N PRO F 108 -26.24 -17.56 -27.71
CA PRO F 108 -25.97 -18.99 -27.52
C PRO F 108 -25.98 -19.73 -28.86
N VAL F 109 -25.12 -20.73 -28.96
CA VAL F 109 -25.05 -21.53 -30.19
C VAL F 109 -25.93 -22.76 -30.03
N ALA F 110 -26.58 -23.17 -31.10
CA ALA F 110 -27.46 -24.33 -31.06
C ALA F 110 -26.65 -25.61 -31.28
N PHE F 111 -26.91 -26.61 -30.44
CA PHE F 111 -26.19 -27.87 -30.57
C PHE F 111 -26.75 -28.66 -31.74
N SER F 112 -25.93 -29.58 -32.28
CA SER F 112 -26.35 -30.41 -33.40
C SER F 112 -25.46 -31.63 -33.43
N ASP F 113 -25.55 -32.40 -34.51
CA ASP F 113 -24.73 -33.59 -34.65
C ASP F 113 -23.26 -33.21 -34.83
N TYR F 114 -23.02 -31.94 -35.16
CA TYR F 114 -21.66 -31.47 -35.41
C TYR F 114 -21.17 -30.48 -34.36
N ILE F 115 -22.08 -30.01 -33.52
CA ILE F 115 -21.74 -29.05 -32.47
C ILE F 115 -22.26 -29.57 -31.14
N HIS F 116 -21.34 -29.91 -30.25
CA HIS F 116 -21.70 -30.46 -28.94
C HIS F 116 -20.59 -30.15 -27.94
N PRO F 117 -20.94 -29.71 -26.72
CA PRO F 117 -19.93 -29.40 -25.71
C PRO F 117 -19.18 -30.58 -25.11
N VAL F 118 -17.92 -30.32 -24.74
CA VAL F 118 -17.07 -31.34 -24.13
C VAL F 118 -17.22 -31.15 -22.61
N CYS F 119 -16.91 -32.19 -21.84
CA CYS F 119 -17.02 -32.08 -20.38
C CYS F 119 -15.73 -31.57 -19.76
N LEU F 120 -15.85 -30.92 -18.62
CA LEU F 120 -14.68 -30.46 -17.87
C LEU F 120 -14.52 -31.52 -16.78
N PRO F 121 -13.28 -31.92 -16.48
CA PRO F 121 -13.04 -32.94 -15.45
C PRO F 121 -13.48 -32.60 -14.03
N ASP F 122 -13.91 -33.64 -13.32
CA ASP F 122 -14.31 -33.50 -11.92
C ASP F 122 -13.16 -34.11 -11.13
N ARG F 123 -13.19 -33.97 -9.82
CA ARG F 123 -12.13 -34.51 -8.97
C ARG F 123 -11.73 -35.93 -9.32
N GLU F 124 -12.69 -36.85 -9.32
CA GLU F 124 -12.42 -38.25 -9.60
C GLU F 124 -11.95 -38.53 -11.02
N THR F 125 -12.53 -37.86 -12.00
CA THR F 125 -12.14 -38.06 -13.40
C THR F 125 -10.65 -37.77 -13.58
N ALA F 126 -10.22 -36.63 -13.05
CA ALA F 126 -8.82 -36.21 -13.15
C ALA F 126 -7.88 -37.18 -12.44
N ALA F 127 -8.29 -37.66 -11.27
CA ALA F 127 -7.47 -38.60 -10.52
C ALA F 127 -7.30 -39.90 -11.29
N SER F 128 -8.38 -40.36 -11.91
CA SER F 128 -8.34 -41.61 -12.66
C SER F 128 -7.64 -41.53 -14.01
N LEU F 129 -7.79 -40.42 -14.72
CA LEU F 129 -7.20 -40.28 -16.06
C LEU F 129 -5.83 -39.61 -16.16
N LEU F 130 -5.53 -38.68 -15.27
CA LEU F 130 -4.25 -38.00 -15.33
C LEU F 130 -3.11 -38.85 -14.78
N GLN F 131 -2.67 -39.81 -15.59
CA GLN F 131 -1.59 -40.70 -15.20
C GLN F 131 -0.64 -40.93 -16.37
N ALA F 132 0.65 -41.00 -16.07
CA ALA F 132 1.67 -41.21 -17.10
C ALA F 132 1.35 -42.48 -17.89
N GLY F 133 1.47 -42.38 -19.21
CA GLY F 133 1.18 -43.53 -20.06
C GLY F 133 -0.22 -43.47 -20.65
N TYR F 134 -1.15 -42.86 -19.93
CA TYR F 134 -2.52 -42.73 -20.40
C TYR F 134 -2.54 -41.78 -21.59
N LYS F 135 -3.22 -42.17 -22.66
CA LYS F 135 -3.27 -41.33 -23.85
C LYS F 135 -4.48 -40.42 -23.94
N GLY F 136 -4.26 -39.24 -24.50
CA GLY F 136 -5.31 -38.26 -24.70
C GLY F 136 -5.31 -37.99 -26.18
N ARG F 137 -6.28 -37.21 -26.66
CA ARG F 137 -6.37 -36.89 -28.08
C ARG F 137 -6.29 -35.38 -28.29
N VAL F 138 -5.47 -34.96 -29.26
CA VAL F 138 -5.30 -33.55 -29.57
C VAL F 138 -5.79 -33.29 -30.99
N THR F 139 -6.45 -32.15 -31.19
CA THR F 139 -7.00 -31.81 -32.50
C THR F 139 -6.73 -30.36 -32.89
N GLY F 140 -6.64 -30.11 -34.20
CA GLY F 140 -6.43 -28.75 -34.65
C GLY F 140 -6.08 -28.61 -36.11
N TRP F 141 -6.15 -27.37 -36.60
CA TRP F 141 -5.84 -27.06 -37.99
C TRP F 141 -4.45 -26.38 -38.10
N GLY F 142 -3.60 -26.62 -37.11
CA GLY F 142 -2.27 -26.01 -37.12
C GLY F 142 -1.26 -26.71 -38.03
N ASN F 143 -0.03 -26.18 -38.04
CA ASN F 143 1.05 -26.71 -38.85
C ASN F 143 1.19 -28.23 -38.81
N LEU F 144 1.43 -28.83 -39.97
CA LEU F 144 1.58 -30.28 -40.06
C LEU F 144 2.99 -30.70 -39.67
N LYS F 145 3.87 -29.73 -39.45
CA LYS F 145 5.24 -30.00 -39.05
C LYS F 145 5.96 -28.70 -38.70
N GLU F 146 7.01 -28.82 -37.89
CA GLU F 146 7.79 -27.65 -37.49
C GLU F 146 8.18 -26.89 -38.76
N THR F 147 7.87 -25.61 -38.80
CA THR F 147 8.15 -24.79 -39.97
C THR F 147 8.89 -23.50 -39.65
N TRP F 148 9.88 -23.17 -40.48
CA TRP F 148 10.64 -21.95 -40.30
C TRP F 148 10.73 -21.16 -41.59
N THR F 149 10.04 -21.62 -42.62
CA THR F 149 10.03 -20.95 -43.91
C THR F 149 8.83 -20.01 -44.03
N GLY F 155 3.18 -26.70 -44.20
CA GLY F 155 1.89 -26.17 -44.61
C GLY F 155 0.79 -26.48 -43.61
N GLN F 156 -0.42 -25.99 -43.89
CA GLN F 156 -1.55 -26.23 -43.01
C GLN F 156 -2.60 -27.15 -43.63
N PRO F 157 -3.28 -27.95 -42.78
CA PRO F 157 -4.32 -28.92 -43.13
C PRO F 157 -5.56 -28.34 -43.80
N SER F 158 -6.27 -29.18 -44.54
CA SER F 158 -7.50 -28.80 -45.20
C SER F 158 -8.62 -29.23 -44.28
N VAL F 159 -8.48 -30.41 -43.68
CA VAL F 159 -9.48 -30.92 -42.76
C VAL F 159 -8.83 -31.09 -41.37
N LEU F 160 -9.65 -30.95 -40.33
CA LEU F 160 -9.20 -31.08 -38.95
C LEU F 160 -8.28 -32.29 -38.78
N GLN F 161 -7.16 -32.12 -38.07
CA GLN F 161 -6.24 -33.21 -37.82
C GLN F 161 -6.39 -33.72 -36.39
N VAL F 162 -6.10 -35.00 -36.18
CA VAL F 162 -6.22 -35.61 -34.87
C VAL F 162 -5.06 -36.56 -34.57
N VAL F 163 -4.60 -36.55 -33.33
CA VAL F 163 -3.51 -37.44 -32.93
C VAL F 163 -3.68 -37.83 -31.47
N ASN F 164 -3.35 -39.09 -31.15
CA ASN F 164 -3.44 -39.60 -29.78
C ASN F 164 -2.02 -39.64 -29.23
N LEU F 165 -1.83 -39.08 -28.03
CA LEU F 165 -0.53 -39.04 -27.40
C LEU F 165 -0.62 -39.39 -25.92
N PRO F 166 0.43 -40.03 -25.38
CA PRO F 166 0.43 -40.41 -23.97
C PRO F 166 0.94 -39.32 -23.03
N ILE F 167 0.38 -39.25 -21.84
CA ILE F 167 0.82 -38.28 -20.84
C ILE F 167 2.20 -38.73 -20.37
N VAL F 168 3.10 -37.79 -20.12
CA VAL F 168 4.46 -38.11 -19.67
C VAL F 168 4.71 -37.69 -18.23
N GLU F 169 5.51 -38.49 -17.52
CA GLU F 169 5.85 -38.23 -16.12
C GLU F 169 6.45 -36.83 -15.94
N ARG F 170 5.99 -36.12 -14.91
CA ARG F 170 6.47 -34.78 -14.64
C ARG F 170 7.99 -34.67 -14.63
N PRO F 171 8.68 -35.61 -13.97
CA PRO F 171 10.15 -35.56 -13.93
C PRO F 171 10.76 -35.49 -15.33
N VAL F 172 10.21 -36.28 -16.24
CA VAL F 172 10.70 -36.30 -17.62
C VAL F 172 10.34 -34.99 -18.34
N CYS F 173 9.16 -34.45 -18.04
CA CYS F 173 8.74 -33.19 -18.67
C CYS F 173 9.70 -32.08 -18.23
N LYS F 174 9.98 -32.03 -16.94
CA LYS F 174 10.88 -31.02 -16.38
C LYS F 174 12.29 -31.07 -16.95
N ASP F 175 12.87 -32.27 -17.01
CA ASP F 175 14.22 -32.47 -17.54
C ASP F 175 14.33 -32.29 -19.05
N SER F 176 13.20 -32.25 -19.75
CA SER F 176 13.23 -32.12 -21.20
C SER F 176 13.38 -30.68 -21.68
N THR F 177 13.24 -29.72 -20.78
CA THR F 177 13.34 -28.32 -21.16
C THR F 177 13.96 -27.44 -20.09
N ARG F 178 14.57 -26.33 -20.51
CA ARG F 178 15.20 -25.40 -19.57
C ARG F 178 14.15 -24.45 -19.02
N ILE F 179 13.01 -24.36 -19.70
CA ILE F 179 11.92 -23.49 -19.28
C ILE F 179 11.31 -24.03 -17.99
N ARG F 180 11.11 -23.14 -17.01
CA ARG F 180 10.53 -23.53 -15.73
C ARG F 180 9.07 -23.94 -15.92
N ILE F 181 8.74 -25.16 -15.52
CA ILE F 181 7.37 -25.64 -15.64
C ILE F 181 6.68 -25.58 -14.29
N THR F 182 5.35 -25.60 -14.29
CA THR F 182 4.59 -25.51 -13.06
C THR F 182 3.52 -26.61 -13.02
N ASP F 183 2.83 -26.73 -11.90
CA ASP F 183 1.80 -27.75 -11.79
C ASP F 183 0.57 -27.38 -12.62
N ASN F 184 0.55 -26.17 -13.17
CA ASN F 184 -0.58 -25.74 -13.99
C ASN F 184 -0.43 -26.18 -15.43
N MET F 185 0.52 -27.08 -15.65
CA MET F 185 0.77 -27.61 -16.98
C MET F 185 1.23 -29.06 -16.90
N PHE F 186 1.08 -29.79 -18.00
CA PHE F 186 1.53 -31.18 -18.07
C PHE F 186 2.01 -31.38 -19.49
N CYS F 187 2.79 -32.43 -19.73
CA CYS F 187 3.29 -32.65 -21.07
C CYS F 187 2.91 -34.02 -21.60
N ALA F 188 2.83 -34.15 -22.90
CA ALA F 188 2.45 -35.41 -23.53
C ALA F 188 3.23 -35.65 -24.82
N GLY F 189 3.37 -36.91 -25.18
CA GLY F 189 4.09 -37.27 -26.38
C GLY F 189 4.86 -38.56 -26.18
N TYR F 190 5.30 -39.16 -27.27
CA TYR F 190 6.05 -40.41 -27.19
C TYR F 190 7.53 -40.12 -26.90
N LYS F 191 8.17 -41.04 -26.19
CA LYS F 191 9.58 -40.90 -25.87
C LYS F 191 10.39 -41.35 -27.08
N PRO F 192 11.65 -40.91 -27.18
CA PRO F 192 12.55 -41.26 -28.28
C PRO F 192 12.49 -42.68 -28.82
N ASP F 193 12.55 -43.67 -27.94
CA ASP F 193 12.54 -45.05 -28.42
C ASP F 193 11.20 -45.78 -28.38
N GLU F 194 10.13 -45.07 -28.06
CA GLU F 194 8.81 -45.68 -28.02
C GLU F 194 8.31 -46.00 -29.43
N GLY F 195 9.02 -45.47 -30.43
CA GLY F 195 8.63 -45.73 -31.81
C GLY F 195 7.71 -44.68 -32.40
N LYS F 196 6.44 -44.73 -32.03
CA LYS F 196 5.44 -43.79 -32.54
C LYS F 196 5.85 -42.32 -32.36
N ARG F 197 5.20 -41.45 -33.13
CA ARG F 197 5.49 -40.02 -33.07
C ARG F 197 4.20 -39.23 -32.99
N GLY F 198 4.32 -37.90 -33.10
CA GLY F 198 3.15 -37.04 -33.05
C GLY F 198 3.30 -35.93 -32.04
N ASP F 199 2.58 -34.83 -32.27
CA ASP F 199 2.66 -33.68 -31.39
C ASP F 199 1.78 -32.59 -31.96
N ALA F 200 1.50 -31.58 -31.13
CA ALA F 200 0.71 -30.44 -31.59
C ALA F 200 1.80 -29.53 -32.16
N CYS F 201 1.42 -28.39 -32.72
CA CYS F 201 2.41 -27.49 -33.30
C CYS F 201 1.83 -26.08 -33.33
N GLU F 202 2.61 -25.11 -33.81
CA GLU F 202 2.10 -23.74 -33.86
C GLU F 202 0.78 -23.69 -34.62
N GLY F 203 -0.16 -22.94 -34.08
CA GLY F 203 -1.48 -22.85 -34.70
C GLY F 203 -2.48 -23.76 -34.00
N ASP F 204 -1.98 -24.76 -33.28
CA ASP F 204 -2.87 -25.69 -32.58
C ASP F 204 -3.25 -25.21 -31.19
N SER F 205 -2.62 -24.16 -30.66
CA SER F 205 -2.93 -23.66 -29.33
C SER F 205 -4.39 -23.29 -29.11
N GLY F 206 -4.73 -23.60 -27.87
CA GLY F 206 -6.13 -23.37 -27.55
C GLY F 206 -6.98 -24.60 -27.81
N GLY F 207 -6.49 -25.48 -28.67
CA GLY F 207 -7.20 -26.71 -28.98
C GLY F 207 -7.24 -27.60 -27.76
N PRO F 208 -8.21 -28.53 -27.69
CA PRO F 208 -8.31 -29.42 -26.53
C PRO F 208 -7.49 -30.70 -26.58
N PHE F 209 -7.14 -31.19 -25.39
CA PHE F 209 -6.44 -32.46 -25.19
C PHE F 209 -7.54 -33.18 -24.43
N VAL F 210 -8.18 -34.16 -25.07
CA VAL F 210 -9.29 -34.86 -24.45
C VAL F 210 -9.00 -36.33 -24.16
N MET F 211 -9.74 -36.88 -23.22
CA MET F 211 -9.59 -38.28 -22.84
C MET F 211 -10.99 -38.83 -22.65
N LYS F 212 -11.22 -40.07 -23.07
CA LYS F 212 -12.53 -40.68 -22.93
C LYS F 212 -12.56 -41.53 -21.66
N SER F 213 -13.42 -41.16 -20.73
CA SER F 213 -13.54 -41.89 -19.47
C SER F 213 -14.09 -43.30 -19.65
N PRO F 214 -13.32 -44.31 -19.21
CA PRO F 214 -13.78 -45.70 -19.33
C PRO F 214 -14.80 -45.99 -18.25
N PHE F 215 -15.08 -44.98 -17.42
CA PHE F 215 -16.03 -45.10 -16.32
C PHE F 215 -17.44 -44.65 -16.68
N ASN F 216 -17.56 -43.63 -17.53
CA ASN F 216 -18.90 -43.17 -17.93
C ASN F 216 -19.05 -42.91 -19.42
N ASN F 217 -18.04 -43.31 -20.19
CA ASN F 217 -18.08 -43.17 -21.65
C ASN F 217 -18.10 -41.73 -22.20
N ARG F 218 -17.85 -40.74 -21.35
CA ARG F 218 -17.85 -39.33 -21.77
C ARG F 218 -16.45 -38.79 -22.05
N TRP F 219 -16.37 -37.82 -22.97
CA TRP F 219 -15.09 -37.22 -23.29
C TRP F 219 -14.84 -36.02 -22.38
N TYR F 220 -13.64 -35.95 -21.84
CA TYR F 220 -13.26 -34.88 -20.93
C TYR F 220 -12.06 -34.10 -21.45
N GLN F 221 -12.11 -32.77 -21.33
CA GLN F 221 -10.99 -31.95 -21.75
C GLN F 221 -10.05 -31.77 -20.55
N MET F 222 -8.92 -32.48 -20.59
CA MET F 222 -7.96 -32.43 -19.51
C MET F 222 -6.91 -31.33 -19.71
N GLY F 223 -6.70 -30.92 -20.96
CA GLY F 223 -5.71 -29.89 -21.23
C GLY F 223 -6.04 -28.98 -22.39
N ILE F 224 -5.21 -27.95 -22.55
CA ILE F 224 -5.34 -26.96 -23.63
C ILE F 224 -3.96 -26.84 -24.27
N VAL F 225 -3.86 -27.02 -25.58
CA VAL F 225 -2.57 -26.89 -26.25
C VAL F 225 -1.98 -25.53 -25.86
N SER F 226 -0.82 -25.55 -25.22
CA SER F 226 -0.19 -24.31 -24.77
C SER F 226 1.14 -23.97 -25.44
N TRP F 227 2.14 -24.84 -25.29
CA TRP F 227 3.43 -24.54 -25.89
C TRP F 227 4.31 -25.75 -26.16
N GLY F 228 5.47 -25.47 -26.76
CA GLY F 228 6.45 -26.50 -27.06
C GLY F 228 7.70 -25.83 -27.59
N GLU F 229 8.70 -26.63 -27.91
CA GLU F 229 9.94 -26.11 -28.48
C GLU F 229 10.12 -26.93 -29.74
N GLY F 230 9.79 -26.33 -30.87
CA GLY F 230 9.84 -27.04 -32.13
C GLY F 230 8.59 -27.88 -32.14
N CYS F 231 8.51 -28.85 -33.05
CA CYS F 231 7.35 -29.73 -33.13
C CYS F 231 7.78 -31.16 -33.46
N ASP F 232 7.37 -32.09 -32.60
CA ASP F 232 7.66 -33.50 -32.78
C ASP F 232 9.15 -33.85 -32.82
N ARG F 233 9.94 -33.16 -32.02
CA ARG F 233 11.38 -33.42 -31.96
C ARG F 233 11.65 -34.48 -30.89
N ASP F 234 12.50 -35.44 -31.17
CA ASP F 234 12.82 -36.46 -30.17
C ASP F 234 13.36 -35.74 -28.93
N GLY F 235 12.90 -36.18 -27.76
CA GLY F 235 13.36 -35.56 -26.53
C GLY F 235 12.48 -34.42 -26.03
N LYS F 236 11.66 -33.86 -26.91
CA LYS F 236 10.78 -32.77 -26.53
C LYS F 236 9.34 -33.26 -26.39
N TYR F 237 8.53 -32.57 -25.61
CA TYR F 237 7.14 -32.95 -25.43
C TYR F 237 6.23 -31.72 -25.45
N GLY F 238 5.03 -31.88 -25.99
CA GLY F 238 4.11 -30.76 -26.05
C GLY F 238 3.59 -30.46 -24.66
N PHE F 239 3.43 -29.17 -24.33
CA PHE F 239 2.92 -28.80 -23.03
C PHE F 239 1.49 -28.30 -23.13
N TYR F 240 0.70 -28.67 -22.13
CA TYR F 240 -0.71 -28.31 -22.10
C TYR F 240 -1.12 -27.69 -20.78
N THR F 241 -2.06 -26.76 -20.86
CA THR F 241 -2.59 -26.11 -19.67
C THR F 241 -3.39 -27.17 -18.92
N HIS F 242 -3.14 -27.27 -17.61
CA HIS F 242 -3.80 -28.24 -16.75
C HIS F 242 -5.21 -27.75 -16.41
N VAL F 243 -6.19 -28.20 -17.17
CA VAL F 243 -7.56 -27.78 -16.98
C VAL F 243 -8.16 -28.01 -15.58
N PHE F 244 -8.04 -29.22 -15.05
CA PHE F 244 -8.61 -29.46 -13.73
C PHE F 244 -8.05 -28.53 -12.67
N ARG F 245 -6.74 -28.29 -12.70
CA ARG F 245 -6.13 -27.41 -11.71
C ARG F 245 -6.65 -25.98 -11.78
N LEU F 246 -7.16 -25.59 -12.94
CA LEU F 246 -7.67 -24.23 -13.11
C LEU F 246 -9.19 -24.19 -13.17
N LYS F 247 -9.84 -25.31 -12.86
CA LYS F 247 -11.29 -25.37 -12.92
C LYS F 247 -11.99 -24.45 -11.94
N LYS F 248 -11.35 -24.19 -10.80
CA LYS F 248 -11.95 -23.30 -9.81
C LYS F 248 -12.17 -21.94 -10.46
N TRP F 249 -11.18 -21.48 -11.22
CA TRP F 249 -11.27 -20.19 -11.90
C TRP F 249 -12.30 -20.21 -13.02
N ILE F 250 -12.30 -21.29 -13.80
CA ILE F 250 -13.25 -21.44 -14.90
C ILE F 250 -14.68 -21.31 -14.37
N GLN F 251 -14.98 -22.05 -13.30
CA GLN F 251 -16.31 -22.03 -12.71
C GLN F 251 -16.68 -20.66 -12.14
N LYS F 252 -15.71 -19.97 -11.54
CA LYS F 252 -15.95 -18.66 -10.98
C LYS F 252 -16.37 -17.67 -12.07
N VAL F 253 -15.63 -17.67 -13.17
CA VAL F 253 -15.93 -16.77 -14.27
C VAL F 253 -17.33 -17.04 -14.83
N ILE F 254 -17.62 -18.30 -15.11
CA ILE F 254 -18.91 -18.67 -15.66
C ILE F 254 -20.08 -18.33 -14.75
N ASP F 255 -19.91 -18.55 -13.45
CA ASP F 255 -20.96 -18.25 -12.48
C ASP F 255 -21.14 -16.74 -12.32
N GLN F 256 -20.03 -16.02 -12.17
CA GLN F 256 -20.09 -14.58 -11.99
C GLN F 256 -20.57 -13.80 -13.21
N PHE F 257 -20.24 -14.26 -14.41
CA PHE F 257 -20.64 -13.54 -15.61
C PHE F 257 -21.49 -14.32 -16.60
N GLY F 258 -22.03 -15.46 -16.18
CA GLY F 258 -22.85 -16.26 -17.07
C GLY F 258 -24.15 -15.55 -17.40
N GLU F 259 -25.08 -15.57 -16.44
CA GLU F 259 -26.39 -14.94 -16.56
C GLU F 259 -27.34 -15.49 -15.50
N GLY G 5 29.88 30.80 -6.26
CA GLY G 5 29.71 32.13 -5.58
C GLY G 5 28.35 32.23 -4.91
N GLU G 6 28.33 32.71 -3.68
CA GLU G 6 27.07 32.84 -2.95
C GLU G 6 27.07 34.07 -2.05
N ALA G 7 28.19 34.32 -1.37
CA ALA G 7 28.29 35.48 -0.50
C ALA G 7 28.41 36.75 -1.33
N ASP G 8 28.77 36.59 -2.60
CA ASP G 8 28.91 37.72 -3.50
C ASP G 8 27.77 37.78 -4.53
N CYS G 9 26.74 36.96 -4.32
CA CYS G 9 25.61 36.89 -5.24
C CYS G 9 24.85 38.21 -5.38
N GLY G 10 24.24 38.40 -6.54
CA GLY G 10 23.44 39.58 -6.81
C GLY G 10 24.13 40.91 -6.98
N LEU G 11 25.46 40.93 -6.95
CA LEU G 11 26.18 42.18 -7.13
C LEU G 11 26.88 42.12 -8.49
N ARG G 12 26.35 42.86 -9.46
CA ARG G 12 26.88 42.86 -10.81
C ARG G 12 28.23 43.56 -10.95
N PRO G 13 29.20 42.87 -11.57
CA PRO G 13 30.55 43.40 -11.77
C PRO G 13 30.56 44.74 -12.49
N LEU G 14 29.69 44.89 -13.48
CA LEU G 14 29.66 46.13 -14.24
C LEU G 14 28.70 47.19 -13.70
N PHE G 15 28.04 46.92 -12.59
CA PHE G 15 27.13 47.91 -12.03
C PHE G 15 27.33 48.17 -10.54
N GLU G 16 26.74 47.34 -9.68
CA GLU G 16 26.91 47.54 -8.24
C GLU G 16 28.37 47.60 -7.80
N LYS G 17 29.22 46.80 -8.44
CA LYS G 17 30.64 46.77 -8.09
C LYS G 17 31.45 47.95 -8.59
N LYS G 18 30.84 48.80 -9.40
CA LYS G 18 31.54 49.98 -9.90
C LYS G 18 30.74 51.21 -9.55
N SER G 19 29.78 51.04 -8.64
CA SER G 19 28.92 52.13 -8.21
C SER G 19 28.19 52.79 -9.37
N LEU G 20 27.76 51.97 -10.33
CA LEU G 20 27.03 52.47 -11.50
C LEU G 20 25.61 51.88 -11.52
N GLU G 21 24.63 52.72 -11.82
CA GLU G 21 23.23 52.29 -11.89
C GLU G 21 22.87 51.96 -13.32
N ASP G 22 22.05 50.93 -13.53
CA ASP G 22 21.65 50.63 -14.90
C ASP G 22 20.53 51.63 -15.20
N LYS G 23 20.10 51.71 -16.45
CA LYS G 23 19.09 52.68 -16.86
C LYS G 23 17.69 52.66 -16.26
N THR G 24 17.24 51.54 -15.71
CA THR G 24 15.89 51.52 -15.19
C THR G 24 15.72 51.00 -13.77
N GLU G 25 16.83 50.66 -13.11
CA GLU G 25 16.72 50.13 -11.76
C GLU G 25 16.05 51.09 -10.78
N ARG G 26 16.11 52.37 -11.09
CA ARG G 26 15.49 53.40 -10.24
C ARG G 26 13.98 53.19 -10.21
N GLU G 27 13.45 52.72 -11.33
CA GLU G 27 12.03 52.45 -11.46
C GLU G 27 11.57 51.43 -10.41
N LEU G 28 12.40 50.43 -10.17
CA LEU G 28 12.08 49.40 -9.20
C LEU G 28 12.08 50.01 -7.79
N LEU G 29 13.12 50.77 -7.47
CA LEU G 29 13.22 51.40 -6.16
C LEU G 29 11.99 52.26 -5.85
N GLU G 30 11.64 53.14 -6.78
CA GLU G 30 10.48 54.01 -6.60
C GLU G 30 9.20 53.23 -6.38
N SER G 31 9.11 52.03 -6.93
CA SER G 31 7.91 51.22 -6.76
C SER G 31 7.87 50.58 -5.38
N TYR G 32 9.02 50.57 -4.71
CA TYR G 32 9.08 49.95 -3.38
C TYR G 32 8.67 50.95 -2.29
N ILE G 33 8.38 52.18 -2.69
CA ILE G 33 7.93 53.21 -1.75
C ILE G 33 6.42 53.35 -1.89
N ASP G 34 5.70 52.92 -0.85
CA ASP G 34 4.25 52.97 -0.85
C ASP G 34 3.73 54.41 -0.97
N GLY G 35 2.96 54.66 -2.02
CA GLY G 35 2.42 55.99 -2.24
C GLY G 35 1.54 56.07 -3.46
N ILE H 1 9.99 38.66 -24.60
CA ILE H 1 9.59 39.85 -23.80
C ILE H 1 8.81 40.83 -24.68
N VAL H 2 7.64 41.24 -24.21
CA VAL H 2 6.80 42.17 -24.96
C VAL H 2 6.88 43.57 -24.38
N GLU H 3 7.09 44.55 -25.24
CA GLU H 3 7.19 45.94 -24.81
C GLU H 3 8.37 46.20 -23.87
N GLY H 4 9.45 45.48 -24.09
CA GLY H 4 10.63 45.67 -23.27
C GLY H 4 11.66 46.44 -24.07
N SER H 5 12.93 46.33 -23.67
CA SER H 5 13.98 47.02 -24.40
C SER H 5 15.28 46.24 -24.31
N ASP H 6 16.22 46.62 -25.17
CA ASP H 6 17.53 45.99 -25.22
C ASP H 6 18.21 46.12 -23.87
N ALA H 7 18.73 45.01 -23.36
CA ALA H 7 19.43 45.02 -22.08
C ALA H 7 20.79 45.69 -22.29
N GLU H 8 21.36 46.22 -21.22
CA GLU H 8 22.67 46.85 -21.28
C GLU H 8 23.67 45.72 -21.08
N ILE H 9 24.90 45.92 -21.53
CA ILE H 9 25.93 44.90 -21.37
C ILE H 9 26.16 44.60 -19.89
N GLY H 10 26.13 43.32 -19.53
CA GLY H 10 26.36 42.92 -18.15
C GLY H 10 25.23 43.25 -17.18
N MET H 11 24.10 43.72 -17.71
CA MET H 11 22.95 44.07 -16.90
C MET H 11 22.32 42.85 -16.19
N SER H 12 22.41 41.68 -16.82
CA SER H 12 21.84 40.47 -16.25
C SER H 12 22.85 39.33 -16.42
N PRO H 13 23.99 39.41 -15.70
CA PRO H 13 25.06 38.42 -15.76
C PRO H 13 24.71 36.99 -15.34
N TRP H 14 23.55 36.83 -14.73
CA TRP H 14 23.11 35.50 -14.30
C TRP H 14 22.19 34.88 -15.35
N GLN H 15 21.99 35.58 -16.47
CA GLN H 15 21.12 35.10 -17.54
C GLN H 15 21.72 33.87 -18.20
N VAL H 16 20.88 32.86 -18.44
CA VAL H 16 21.34 31.63 -19.07
C VAL H 16 20.37 31.22 -20.18
N MET H 17 20.91 30.64 -21.24
CA MET H 17 20.13 30.17 -22.39
C MET H 17 20.13 28.66 -22.40
N LEU H 18 18.96 28.06 -22.58
CA LEU H 18 18.84 26.60 -22.63
C LEU H 18 18.64 26.23 -24.10
N PHE H 19 19.59 25.49 -24.68
CA PHE H 19 19.51 25.06 -26.08
C PHE H 19 19.30 23.58 -26.31
N ARG H 20 18.58 23.26 -27.38
CA ARG H 20 18.37 21.87 -27.77
C ARG H 20 19.48 21.62 -28.79
N LYS H 21 20.21 20.52 -28.62
CA LYS H 21 21.30 20.19 -29.53
C LYS H 21 20.82 19.94 -30.95
N SER H 22 19.89 18.99 -31.10
CA SER H 22 19.37 18.65 -32.42
C SER H 22 17.89 18.29 -32.41
N PRO H 23 17.09 19.00 -33.22
CA PRO H 23 17.57 20.08 -34.09
C PRO H 23 17.89 21.34 -33.28
N GLN H 24 18.84 22.12 -33.76
CA GLN H 24 19.28 23.36 -33.11
C GLN H 24 18.08 24.25 -32.78
N GLU H 25 17.97 24.65 -31.51
CA GLU H 25 16.86 25.50 -31.09
C GLU H 25 17.00 26.06 -29.67
N LEU H 26 16.73 27.36 -29.54
CA LEU H 26 16.78 28.02 -28.24
C LEU H 26 15.45 27.68 -27.57
N LEU H 27 15.49 26.85 -26.54
CA LEU H 27 14.28 26.43 -25.86
C LEU H 27 13.68 27.40 -24.85
N CYS H 28 14.49 27.81 -23.89
CA CYS H 28 14.03 28.66 -22.81
C CYS H 28 15.13 29.50 -22.22
N GLY H 29 14.79 30.21 -21.14
CA GLY H 29 15.75 31.01 -20.42
C GLY H 29 16.06 30.21 -19.17
N ALA H 30 16.95 30.74 -18.33
CA ALA H 30 17.34 30.08 -17.10
C ALA H 30 18.20 31.08 -16.36
N SER H 31 18.61 30.73 -15.15
CA SER H 31 19.43 31.64 -14.36
C SER H 31 20.56 30.91 -13.60
N LEU H 32 21.69 31.57 -13.46
CA LEU H 32 22.85 31.00 -12.77
C LEU H 32 22.75 31.34 -11.29
N ILE H 33 22.70 30.33 -10.43
CA ILE H 33 22.63 30.58 -8.99
C ILE H 33 23.89 30.19 -8.23
N SER H 34 24.83 29.57 -8.93
CA SER H 34 26.13 29.18 -8.37
C SER H 34 26.97 28.70 -9.54
N ASP H 35 28.26 28.48 -9.31
CA ASP H 35 29.12 28.05 -10.41
C ASP H 35 28.79 26.67 -10.99
N ARG H 36 27.91 25.93 -10.31
CA ARG H 36 27.55 24.59 -10.75
C ARG H 36 26.05 24.37 -10.93
N TRP H 37 25.24 25.33 -10.52
CA TRP H 37 23.79 25.16 -10.61
C TRP H 37 23.02 26.21 -11.43
N VAL H 38 22.07 25.73 -12.21
CA VAL H 38 21.23 26.57 -13.05
C VAL H 38 19.75 26.31 -12.75
N LEU H 39 18.97 27.37 -12.59
CA LEU H 39 17.55 27.25 -12.28
C LEU H 39 16.73 27.53 -13.54
N THR H 40 15.63 26.80 -13.74
CA THR H 40 14.79 27.04 -14.91
C THR H 40 13.38 26.52 -14.61
N ALA H 41 12.49 26.55 -15.60
CA ALA H 41 11.13 26.05 -15.42
C ALA H 41 11.07 24.59 -15.81
N ALA H 42 10.40 23.78 -15.01
CA ALA H 42 10.26 22.36 -15.27
C ALA H 42 9.67 22.12 -16.67
N HIS H 43 8.78 22.95 -17.20
CA HIS H 43 8.05 22.54 -18.43
C HIS H 43 8.97 22.61 -19.64
N CYS H 44 9.99 23.45 -19.53
CA CYS H 44 11.04 23.55 -20.55
C CYS H 44 11.74 22.21 -20.78
N LEU H 45 11.72 21.36 -19.76
CA LEU H 45 12.37 20.06 -19.83
C LEU H 45 11.36 18.93 -19.96
N LEU H 46 10.23 19.07 -19.31
CA LEU H 46 9.20 18.04 -19.33
C LEU H 46 7.78 18.57 -19.46
N TYR H 47 7.15 18.24 -20.59
CA TYR H 47 5.77 18.63 -20.84
C TYR H 47 5.20 17.64 -21.85
N PRO H 48 4.68 16.51 -21.37
CA PRO H 48 4.07 15.45 -22.18
C PRO H 48 3.04 15.91 -23.22
N PRO H 49 2.12 16.82 -22.82
CA PRO H 49 1.12 17.30 -23.77
C PRO H 49 1.71 17.78 -25.09
N TRP H 50 2.99 18.15 -25.08
CA TRP H 50 3.66 18.60 -26.29
C TRP H 50 4.76 17.62 -26.66
N ASP H 51 4.70 16.44 -26.06
CA ASP H 51 5.67 15.39 -26.31
C ASP H 51 7.11 15.82 -26.03
N LYS H 52 7.28 16.61 -24.98
CA LYS H 52 8.60 17.09 -24.59
C LYS H 52 9.09 16.35 -23.36
N ASN H 53 10.27 15.77 -23.47
CA ASN H 53 10.86 15.02 -22.36
C ASN H 53 12.36 14.92 -22.62
N PHE H 54 13.07 16.03 -22.44
CA PHE H 54 14.51 16.09 -22.66
C PHE H 54 15.36 15.42 -21.60
N THR H 55 16.47 14.84 -22.03
CA THR H 55 17.42 14.18 -21.12
C THR H 55 18.66 15.07 -21.12
N GLU H 56 19.52 14.92 -20.10
CA GLU H 56 20.72 15.74 -20.00
C GLU H 56 21.51 15.91 -21.30
N ASN H 57 21.75 14.80 -22.00
CA ASN H 57 22.51 14.82 -23.23
C ASN H 57 21.88 15.49 -24.44
N ASP H 58 20.58 15.80 -24.36
CA ASP H 58 19.91 16.46 -25.47
C ASP H 58 20.10 17.96 -25.45
N LEU H 59 20.58 18.48 -24.33
CA LEU H 59 20.71 19.93 -24.17
C LEU H 59 22.08 20.47 -23.80
N LEU H 60 22.20 21.79 -23.92
CA LEU H 60 23.41 22.54 -23.58
C LEU H 60 22.96 23.94 -23.14
N VAL H 61 23.74 24.59 -22.29
CA VAL H 61 23.42 25.94 -21.85
C VAL H 61 24.51 26.89 -22.32
N ARG H 62 24.13 28.14 -22.53
CA ARG H 62 25.07 29.17 -22.94
C ARG H 62 24.93 30.30 -21.94
N ILE H 63 26.07 30.69 -21.37
CA ILE H 63 26.08 31.73 -20.35
C ILE H 63 26.93 32.91 -20.76
N GLY H 64 26.55 34.10 -20.29
CA GLY H 64 27.29 35.31 -20.60
C GLY H 64 26.93 35.99 -21.90
N LYS H 65 25.82 35.61 -22.52
CA LYS H 65 25.44 36.19 -23.80
C LYS H 65 24.62 37.47 -23.74
N HIS H 66 24.75 38.26 -24.80
CA HIS H 66 24.03 39.53 -24.96
C HIS H 66 23.24 39.46 -26.26
N SER H 67 23.95 39.18 -27.36
CA SER H 67 23.31 39.07 -28.65
C SER H 67 23.03 37.64 -29.04
N ARG H 68 21.75 37.32 -28.85
CA ARG H 68 21.05 36.06 -29.04
C ARG H 68 21.47 35.12 -30.12
N THR H 69 22.13 35.63 -31.13
CA THR H 69 22.42 34.74 -32.20
C THR H 69 23.85 34.80 -32.61
N ARG H 70 24.33 36.02 -32.77
CA ARG H 70 25.67 36.39 -33.23
C ARG H 70 26.81 36.27 -32.19
N TYR H 71 27.51 35.13 -32.16
CA TYR H 71 28.63 34.83 -31.24
C TYR H 71 29.40 36.00 -30.58
N GLU H 72 29.89 35.75 -29.36
CA GLU H 72 30.64 36.75 -28.56
C GLU H 72 31.90 36.17 -27.88
N ARG H 73 33.04 36.31 -28.55
CA ARG H 73 34.33 35.79 -28.08
C ARG H 73 34.87 36.25 -26.72
N ASN H 74 35.51 35.31 -26.02
CA ASN H 74 36.12 35.55 -24.71
C ASN H 74 35.14 36.05 -23.67
N ILE H 75 33.85 35.89 -23.95
CA ILE H 75 32.82 36.32 -23.02
C ILE H 75 31.86 35.17 -22.74
N GLU H 76 31.12 34.74 -23.75
CA GLU H 76 30.18 33.65 -23.56
C GLU H 76 30.86 32.32 -23.29
N LYS H 77 30.13 31.46 -22.59
CA LYS H 77 30.63 30.13 -22.25
C LYS H 77 29.51 29.12 -22.45
N ILE H 78 29.88 27.87 -22.66
CA ILE H 78 28.89 26.82 -22.82
C ILE H 78 29.17 25.77 -21.74
N SER H 79 28.13 25.05 -21.33
CA SER H 79 28.29 24.01 -20.32
C SER H 79 27.40 22.84 -20.65
N MET H 80 27.80 21.66 -20.19
CA MET H 80 27.04 20.44 -20.40
C MET H 80 26.26 20.20 -19.12
N LEU H 81 25.14 19.51 -19.23
CA LEU H 81 24.32 19.22 -18.05
C LEU H 81 24.69 17.85 -17.49
N GLU H 82 25.07 17.83 -16.22
CA GLU H 82 25.43 16.59 -15.54
C GLU H 82 24.15 15.85 -15.17
N LYS H 83 23.21 16.57 -14.57
CA LYS H 83 21.96 15.96 -14.14
C LYS H 83 20.83 16.99 -14.07
N ILE H 84 19.63 16.54 -14.36
CA ILE H 84 18.45 17.37 -14.32
C ILE H 84 17.61 16.96 -13.12
N TYR H 85 17.08 17.93 -12.39
CA TYR H 85 16.24 17.65 -11.23
C TYR H 85 14.93 18.41 -11.37
N ILE H 86 13.84 17.70 -11.64
CA ILE H 86 12.54 18.32 -11.78
C ILE H 86 11.76 18.11 -10.48
N HIS H 87 11.04 19.13 -10.02
CA HIS H 87 10.30 18.97 -8.77
C HIS H 87 9.39 17.75 -8.88
N PRO H 88 9.44 16.87 -7.87
CA PRO H 88 8.62 15.65 -7.84
C PRO H 88 7.11 15.88 -7.88
N ARG H 89 6.67 17.09 -7.53
CA ARG H 89 5.26 17.39 -7.54
C ARG H 89 4.85 18.37 -8.64
N TYR H 90 5.72 18.56 -9.62
CA TYR H 90 5.44 19.45 -10.74
C TYR H 90 4.16 18.94 -11.42
N ASN H 91 3.18 19.82 -11.55
CA ASN H 91 1.89 19.47 -12.12
C ASN H 91 1.72 19.91 -13.57
N TRP H 92 2.22 19.11 -14.50
CA TRP H 92 2.10 19.44 -15.92
C TRP H 92 0.71 19.11 -16.44
N ARG H 93 0.03 18.19 -15.77
CA ARG H 93 -1.30 17.76 -16.17
C ARG H 93 -2.37 18.83 -16.07
N GLU H 94 -2.20 19.79 -15.15
CA GLU H 94 -3.24 20.79 -14.96
C GLU H 94 -2.91 22.28 -15.03
N ASN H 95 -2.11 22.77 -14.09
CA ASN H 95 -1.80 24.20 -14.04
C ASN H 95 -0.34 24.59 -13.92
N LEU H 96 0.57 23.65 -14.14
CA LEU H 96 1.99 23.95 -14.04
C LEU H 96 2.40 24.33 -12.62
N ASP H 97 1.70 23.78 -11.64
CA ASP H 97 2.01 24.05 -10.25
C ASP H 97 3.42 23.53 -9.96
N ARG H 98 4.22 24.37 -9.33
CA ARG H 98 5.60 24.02 -9.01
C ARG H 98 6.41 23.80 -10.29
N ASP H 99 6.31 24.77 -11.21
CA ASP H 99 7.02 24.72 -12.48
C ASP H 99 8.46 25.12 -12.21
N ILE H 100 9.25 24.19 -11.69
CA ILE H 100 10.64 24.47 -11.35
C ILE H 100 11.54 23.25 -11.53
N ALA H 101 12.78 23.49 -11.93
CA ALA H 101 13.73 22.41 -12.11
C ALA H 101 15.14 22.97 -11.97
N LEU H 102 16.06 22.14 -11.51
CA LEU H 102 17.45 22.53 -11.34
C LEU H 102 18.32 21.71 -12.29
N MET H 103 19.38 22.34 -12.80
CA MET H 103 20.32 21.65 -13.69
C MET H 103 21.73 21.80 -13.14
N LYS H 104 22.37 20.67 -12.85
CA LYS H 104 23.73 20.67 -12.34
C LYS H 104 24.70 20.60 -13.52
N LEU H 105 25.57 21.60 -13.64
CA LEU H 105 26.53 21.64 -14.73
C LEU H 105 27.65 20.62 -14.50
N LYS H 106 28.12 20.02 -15.59
CA LYS H 106 29.17 19.01 -15.51
C LYS H 106 30.46 19.60 -14.93
N LYS H 107 30.79 20.81 -15.34
CA LYS H 107 31.98 21.49 -14.84
C LYS H 107 31.60 22.89 -14.37
N PRO H 108 32.29 23.39 -13.33
CA PRO H 108 31.99 24.73 -12.83
C PRO H 108 32.34 25.80 -13.85
N VAL H 109 31.46 26.79 -13.98
CA VAL H 109 31.69 27.88 -14.90
C VAL H 109 32.46 28.96 -14.13
N ALA H 110 33.32 29.70 -14.82
CA ALA H 110 34.09 30.74 -14.16
C ALA H 110 33.35 32.06 -14.22
N PHE H 111 33.31 32.78 -13.11
CA PHE H 111 32.62 34.06 -13.09
C PHE H 111 33.48 35.10 -13.78
N SER H 112 32.83 36.11 -14.33
CA SER H 112 33.52 37.19 -15.02
C SER H 112 32.66 38.43 -14.87
N ASP H 113 32.95 39.46 -15.67
CA ASP H 113 32.16 40.68 -15.63
C ASP H 113 30.81 40.45 -16.28
N TYR H 114 30.69 39.35 -17.03
CA TYR H 114 29.45 39.04 -17.76
C TYR H 114 28.72 37.81 -17.24
N ILE H 115 29.37 37.08 -16.34
CA ILE H 115 28.82 35.87 -15.77
C ILE H 115 28.92 36.00 -14.24
N HIS H 116 27.76 36.02 -13.57
CA HIS H 116 27.72 36.17 -12.12
C HIS H 116 26.38 35.67 -11.59
N PRO H 117 26.39 34.93 -10.47
CA PRO H 117 25.15 34.40 -9.91
C PRO H 117 24.22 35.39 -9.23
N VAL H 118 22.93 35.10 -9.30
CA VAL H 118 21.93 35.93 -8.68
C VAL H 118 21.66 35.30 -7.30
N CYS H 119 21.08 36.07 -6.39
CA CYS H 119 20.77 35.54 -5.06
C CYS H 119 19.39 34.93 -4.99
N LEU H 120 19.22 33.95 -4.11
CA LEU H 120 17.93 33.36 -3.90
C LEU H 120 17.42 34.08 -2.66
N PRO H 121 16.14 34.46 -2.66
CA PRO H 121 15.54 35.17 -1.53
C PRO H 121 15.51 34.45 -0.19
N ASP H 122 15.71 35.22 0.87
CA ASP H 122 15.66 34.70 2.22
C ASP H 122 14.32 35.14 2.79
N ARG H 123 13.98 34.60 3.96
CA ARG H 123 12.72 34.92 4.63
C ARG H 123 12.41 36.42 4.61
N GLU H 124 13.37 37.23 5.06
CA GLU H 124 13.18 38.68 5.11
C GLU H 124 13.02 39.35 3.76
N THR H 125 13.80 38.90 2.79
CA THR H 125 13.74 39.49 1.45
C THR H 125 12.35 39.27 0.87
N ALA H 126 11.85 38.04 1.00
CA ALA H 126 10.53 37.69 0.49
C ALA H 126 9.45 38.54 1.16
N ALA H 127 9.57 38.72 2.47
CA ALA H 127 8.58 39.50 3.20
C ALA H 127 8.60 40.96 2.78
N SER H 128 9.81 41.51 2.65
CA SER H 128 9.95 42.92 2.29
C SER H 128 9.70 43.26 0.82
N LEU H 129 9.99 42.32 -0.09
CA LEU H 129 9.82 42.61 -1.51
C LEU H 129 8.57 42.07 -2.20
N LEU H 130 8.04 40.93 -1.74
CA LEU H 130 6.86 40.36 -2.37
C LEU H 130 5.55 41.02 -1.94
N GLN H 131 5.31 42.21 -2.48
CA GLN H 131 4.10 42.97 -2.17
C GLN H 131 3.54 43.53 -3.46
N ALA H 132 2.22 43.62 -3.54
CA ALA H 132 1.56 44.14 -4.73
C ALA H 132 2.01 45.57 -5.01
N GLY H 133 2.26 45.87 -6.28
CA GLY H 133 2.70 47.20 -6.66
C GLY H 133 4.21 47.28 -6.82
N TYR H 134 4.92 46.41 -6.11
CA TYR H 134 6.38 46.39 -6.19
C TYR H 134 6.79 45.78 -7.53
N LYS H 135 7.70 46.46 -8.23
CA LYS H 135 8.14 46.01 -9.54
C LYS H 135 9.36 45.09 -9.54
N GLY H 136 9.33 44.12 -10.45
CA GLY H 136 10.43 43.19 -10.62
C GLY H 136 10.89 43.34 -12.06
N ARG H 137 11.97 42.66 -12.43
CA ARG H 137 12.50 42.76 -13.78
C ARG H 137 12.57 41.37 -14.43
N VAL H 138 12.05 41.26 -15.66
CA VAL H 138 12.03 39.99 -16.37
C VAL H 138 12.90 40.12 -17.61
N THR H 139 13.66 39.07 -17.91
CA THR H 139 14.57 39.08 -19.04
C THR H 139 14.48 37.84 -19.91
N GLY H 140 14.74 38.00 -21.20
CA GLY H 140 14.68 36.85 -22.09
C GLY H 140 14.82 37.14 -23.57
N TRP H 141 15.01 36.07 -24.32
CA TRP H 141 15.13 36.13 -25.77
C TRP H 141 13.87 35.56 -26.41
N GLY H 142 12.80 35.48 -25.64
CA GLY H 142 11.55 34.95 -26.16
C GLY H 142 10.86 35.86 -27.15
N ASN H 143 9.68 35.46 -27.60
CA ASN H 143 8.89 36.23 -28.57
C ASN H 143 8.66 37.68 -28.17
N LEU H 144 8.74 38.57 -29.15
CA LEU H 144 8.54 40.00 -28.93
C LEU H 144 7.06 40.36 -28.84
N LYS H 145 6.19 39.40 -29.18
CA LYS H 145 4.75 39.64 -29.14
C LYS H 145 3.98 38.34 -29.32
N GLU H 146 2.75 38.30 -28.83
CA GLU H 146 1.91 37.11 -28.96
C GLU H 146 1.95 36.72 -30.44
N THR H 147 2.31 35.46 -30.70
CA THR H 147 2.41 34.99 -32.08
C THR H 147 1.69 33.68 -32.36
N TRP H 148 1.02 33.62 -33.51
CA TRP H 148 0.30 32.42 -33.92
C TRP H 148 0.58 32.05 -35.37
N THR H 149 1.66 32.61 -35.93
CA THR H 149 2.03 32.34 -37.30
C THR H 149 3.27 31.45 -37.36
N GLY H 155 8.99 39.18 -34.13
CA GLY H 155 9.79 37.98 -34.28
C GLY H 155 10.62 37.70 -33.03
N GLN H 156 11.84 37.19 -33.23
CA GLN H 156 12.75 36.88 -32.13
C GLN H 156 13.80 37.98 -31.97
N PRO H 157 14.14 38.31 -30.72
CA PRO H 157 15.12 39.35 -30.39
C PRO H 157 16.56 39.03 -30.78
N SER H 158 17.28 40.07 -31.21
CA SER H 158 18.68 39.92 -31.57
C SER H 158 19.46 39.98 -30.26
N VAL H 159 19.09 40.93 -29.40
CA VAL H 159 19.76 41.08 -28.12
C VAL H 159 18.78 40.85 -26.97
N LEU H 160 19.31 40.46 -25.82
CA LEU H 160 18.51 40.20 -24.63
C LEU H 160 17.56 41.35 -24.34
N GLN H 161 16.30 41.03 -24.05
CA GLN H 161 15.27 42.02 -23.74
C GLN H 161 14.99 42.09 -22.24
N VAL H 162 14.58 43.25 -21.77
CA VAL H 162 14.30 43.46 -20.36
C VAL H 162 13.04 44.29 -20.18
N VAL H 163 12.27 44.00 -19.14
CA VAL H 163 11.05 44.75 -18.85
C VAL H 163 10.78 44.72 -17.35
N ASN H 164 10.37 45.85 -16.79
CA ASN H 164 10.05 45.92 -15.36
C ASN H 164 8.53 45.86 -15.24
N LEU H 165 8.05 45.01 -14.35
CA LEU H 165 6.61 44.82 -14.16
C LEU H 165 6.25 44.69 -12.68
N PRO H 166 5.11 45.26 -12.28
CA PRO H 166 4.66 45.21 -10.88
C PRO H 166 3.92 43.94 -10.50
N ILE H 167 4.15 43.51 -9.26
CA ILE H 167 3.50 42.33 -8.73
C ILE H 167 2.02 42.68 -8.55
N VAL H 168 1.14 41.72 -8.81
CA VAL H 168 -0.30 41.95 -8.70
C VAL H 168 -0.94 41.19 -7.55
N GLU H 169 -1.95 41.81 -6.94
CA GLU H 169 -2.68 41.20 -5.81
C GLU H 169 -3.18 39.82 -6.21
N ARG H 170 -3.08 38.88 -5.28
CA ARG H 170 -3.52 37.51 -5.54
C ARG H 170 -4.97 37.42 -5.99
N PRO H 171 -5.88 38.19 -5.36
CA PRO H 171 -7.28 38.12 -5.77
C PRO H 171 -7.46 38.49 -7.24
N VAL H 172 -6.69 39.47 -7.69
CA VAL H 172 -6.76 39.92 -9.08
C VAL H 172 -6.15 38.86 -10.00
N CYS H 173 -5.06 38.23 -9.55
CA CYS H 173 -4.43 37.18 -10.34
C CYS H 173 -5.43 36.04 -10.52
N LYS H 174 -6.06 35.66 -9.40
CA LYS H 174 -7.03 34.58 -9.40
C LYS H 174 -8.23 34.82 -10.33
N ASP H 175 -8.85 35.99 -10.20
CA ASP H 175 -10.01 36.34 -11.00
C ASP H 175 -9.72 36.63 -12.47
N SER H 176 -8.45 36.69 -12.84
CA SER H 176 -8.07 36.98 -14.22
C SER H 176 -7.99 35.77 -15.14
N THR H 177 -8.10 34.57 -14.57
CA THR H 177 -8.01 33.36 -15.37
C THR H 177 -8.86 32.22 -14.80
N ARG H 178 -9.24 31.29 -15.67
CA ARG H 178 -10.06 30.15 -15.25
C ARG H 178 -9.17 29.02 -14.75
N ILE H 179 -7.87 29.13 -15.02
CA ILE H 179 -6.92 28.12 -14.57
C ILE H 179 -6.77 28.24 -13.07
N ARG H 180 -6.68 27.11 -12.39
CA ARG H 180 -6.53 27.10 -10.94
C ARG H 180 -5.12 27.52 -10.55
N ILE H 181 -4.98 28.68 -9.93
CA ILE H 181 -3.66 29.15 -9.52
C ILE H 181 -3.39 28.63 -8.11
N THR H 182 -2.13 28.63 -7.71
CA THR H 182 -1.75 28.15 -6.39
C THR H 182 -0.79 29.12 -5.74
N ASP H 183 -0.46 28.87 -4.47
CA ASP H 183 0.47 29.71 -3.72
C ASP H 183 1.90 29.57 -4.22
N ASN H 184 2.14 28.57 -5.07
CA ASN H 184 3.48 28.32 -5.62
C ASN H 184 3.73 29.18 -6.86
N MET H 185 2.83 30.11 -7.11
CA MET H 185 2.97 31.03 -8.23
C MET H 185 2.46 32.41 -7.86
N PHE H 186 2.85 33.41 -8.64
CA PHE H 186 2.40 34.78 -8.42
C PHE H 186 2.33 35.42 -9.80
N CYS H 187 1.57 36.49 -9.93
CA CYS H 187 1.47 37.11 -11.24
C CYS H 187 1.94 38.55 -11.20
N ALA H 188 2.28 39.07 -12.37
CA ALA H 188 2.77 40.44 -12.45
C ALA H 188 2.43 41.04 -13.80
N GLY H 189 2.30 42.36 -13.84
CA GLY H 189 1.98 43.05 -15.06
C GLY H 189 1.15 44.27 -14.73
N TYR H 190 0.95 45.14 -15.71
CA TYR H 190 0.18 46.35 -15.52
C TYR H 190 -1.32 46.10 -15.74
N LYS H 191 -2.15 46.76 -14.94
CA LYS H 191 -3.59 46.61 -15.07
C LYS H 191 -4.03 47.46 -16.25
N PRO H 192 -5.17 47.14 -16.87
CA PRO H 192 -5.69 47.89 -18.02
C PRO H 192 -5.64 49.41 -17.87
N ASP H 193 -6.08 49.92 -16.73
CA ASP H 193 -6.11 51.36 -16.49
C ASP H 193 -4.75 52.04 -16.28
N GLU H 194 -3.76 51.27 -15.84
CA GLU H 194 -2.43 51.83 -15.58
C GLU H 194 -1.73 52.41 -16.81
N GLY H 195 -2.21 52.03 -18.00
CA GLY H 195 -1.61 52.55 -19.22
C GLY H 195 -0.36 51.85 -19.71
N LYS H 196 0.64 51.69 -18.83
CA LYS H 196 1.89 51.03 -19.21
C LYS H 196 1.62 49.57 -19.56
N ARG H 197 2.48 49.00 -20.40
CA ARG H 197 2.33 47.61 -20.82
C ARG H 197 3.62 46.81 -20.58
N GLY H 198 3.58 45.54 -20.98
CA GLY H 198 4.75 44.69 -20.79
C GLY H 198 4.40 43.32 -20.26
N ASP H 199 5.15 42.30 -20.66
CA ASP H 199 4.88 40.95 -20.23
C ASP H 199 5.95 40.04 -20.79
N ALA H 200 6.04 38.83 -20.25
CA ALA H 200 6.97 37.85 -20.78
C ALA H 200 6.13 37.18 -21.86
N CYS H 201 6.72 36.29 -22.65
CA CYS H 201 5.97 35.62 -23.71
C CYS H 201 6.58 34.24 -23.95
N GLU H 202 5.98 33.45 -24.84
CA GLU H 202 6.53 32.13 -25.11
C GLU H 202 8.01 32.24 -25.46
N GLY H 203 8.80 31.32 -24.91
CA GLY H 203 10.23 31.36 -25.15
C GLY H 203 10.97 31.98 -23.98
N ASP H 204 10.28 32.79 -23.19
CA ASP H 204 10.91 33.43 -22.04
C ASP H 204 10.93 32.53 -20.81
N SER H 205 10.14 31.46 -20.70
CA SER H 205 10.11 30.60 -19.52
C SER H 205 11.47 30.11 -19.03
N GLY H 206 11.48 30.02 -17.71
CA GLY H 206 12.75 29.67 -17.11
C GLY H 206 13.58 30.91 -16.80
N GLY H 207 13.26 32.01 -17.46
CA GLY H 207 13.97 33.25 -17.23
C GLY H 207 13.64 33.75 -15.83
N PRO H 208 14.50 34.57 -15.22
CA PRO H 208 14.21 35.07 -13.87
C PRO H 208 13.40 36.35 -13.78
N PHE H 209 12.69 36.48 -12.66
CA PHE H 209 11.91 37.67 -12.32
C PHE H 209 12.75 38.09 -11.12
N VAL H 210 13.50 39.19 -11.26
CA VAL H 210 14.39 39.65 -10.20
C VAL H 210 13.99 40.98 -9.59
N MET H 211 14.43 41.20 -8.36
CA MET H 211 14.12 42.45 -7.68
C MET H 211 15.40 42.87 -6.95
N LYS H 212 15.65 44.17 -6.90
CA LYS H 212 16.85 44.66 -6.22
C LYS H 212 16.48 45.15 -4.82
N SER H 213 17.07 44.51 -3.81
CA SER H 213 16.80 44.86 -2.42
C SER H 213 17.31 46.25 -2.07
N PRO H 214 16.41 47.12 -1.59
CA PRO H 214 16.81 48.48 -1.22
C PRO H 214 17.49 48.45 0.16
N PHE H 215 17.67 47.24 0.68
CA PHE H 215 18.29 47.03 1.99
C PHE H 215 19.76 46.65 1.92
N ASN H 216 20.15 45.80 0.96
CA ASN H 216 21.55 45.41 0.84
C ASN H 216 22.10 45.54 -0.57
N ASN H 217 21.33 46.21 -1.43
CA ASN H 217 21.74 46.49 -2.80
C ASN H 217 21.97 45.28 -3.71
N ARG H 218 21.53 44.09 -3.30
CA ARG H 218 21.71 42.86 -4.10
C ARG H 218 20.47 42.50 -4.91
N TRP H 219 20.68 41.77 -6.01
CA TRP H 219 19.56 41.33 -6.83
C TRP H 219 19.12 39.95 -6.39
N TYR H 220 17.82 39.77 -6.25
CA TYR H 220 17.24 38.51 -5.82
C TYR H 220 16.25 37.96 -6.84
N GLN H 221 16.35 36.66 -7.14
CA GLN H 221 15.41 36.06 -8.07
C GLN H 221 14.18 35.60 -7.29
N MET H 222 13.09 36.34 -7.46
CA MET H 222 11.85 36.04 -6.75
C MET H 222 10.94 35.12 -7.55
N GLY H 223 11.09 35.10 -8.87
CA GLY H 223 10.25 34.23 -9.69
C GLY H 223 10.94 33.62 -10.90
N ILE H 224 10.23 32.70 -11.55
CA ILE H 224 10.72 32.05 -12.77
C ILE H 224 9.58 32.18 -13.77
N VAL H 225 9.85 32.70 -14.97
CA VAL H 225 8.77 32.83 -15.97
C VAL H 225 8.18 31.45 -16.15
N SER H 226 6.87 31.34 -15.94
CA SER H 226 6.21 30.05 -16.05
C SER H 226 5.11 29.93 -17.10
N TRP H 227 4.11 30.79 -17.05
CA TRP H 227 3.04 30.71 -18.05
C TRP H 227 2.19 31.95 -18.17
N GLY H 228 1.24 31.89 -19.09
CA GLY H 228 0.32 32.99 -19.31
C GLY H 228 -0.70 32.56 -20.35
N GLU H 229 -1.54 33.49 -20.76
CA GLU H 229 -2.56 33.21 -21.77
C GLU H 229 -2.40 34.35 -22.75
N GLY H 230 -1.77 34.06 -23.88
CA GLY H 230 -1.48 35.09 -24.85
C GLY H 230 -0.30 35.84 -24.24
N CYS H 231 -0.01 37.03 -24.74
CA CYS H 231 1.10 37.82 -24.21
C CYS H 231 0.73 39.30 -24.25
N ASP H 232 0.83 39.95 -23.09
CA ASP H 232 0.55 41.38 -22.96
C ASP H 232 -0.89 41.75 -23.32
N ARG H 233 -1.83 40.88 -22.97
CA ARG H 233 -3.25 41.14 -23.23
C ARG H 233 -3.85 41.90 -22.06
N ASP H 234 -4.62 42.94 -22.34
CA ASP H 234 -5.25 43.68 -21.26
C ASP H 234 -6.09 42.69 -20.47
N GLY H 235 -6.00 42.76 -19.14
CA GLY H 235 -6.77 41.85 -18.31
C GLY H 235 -6.02 40.59 -17.91
N LYS H 236 -4.98 40.25 -18.64
CA LYS H 236 -4.19 39.06 -18.31
C LYS H 236 -2.88 39.45 -17.63
N TYR H 237 -2.26 38.52 -16.92
CA TYR H 237 -1.00 38.78 -16.24
C TYR H 237 -0.10 37.56 -16.36
N GLY H 238 1.21 37.80 -16.46
CA GLY H 238 2.13 36.68 -16.57
C GLY H 238 2.24 35.99 -15.22
N PHE H 239 2.38 34.67 -15.23
CA PHE H 239 2.51 33.94 -13.97
C PHE H 239 3.93 33.47 -13.80
N TYR H 240 4.40 33.50 -12.56
CA TYR H 240 5.76 33.11 -12.25
C TYR H 240 5.82 32.13 -11.10
N THR H 241 6.78 31.21 -11.20
CA THR H 241 6.98 30.23 -10.14
C THR H 241 7.50 31.00 -8.92
N HIS H 242 6.91 30.72 -7.76
CA HIS H 242 7.27 31.39 -6.51
C HIS H 242 8.54 30.74 -5.95
N VAL H 243 9.69 31.35 -6.22
CA VAL H 243 10.97 30.81 -5.78
C VAL H 243 11.14 30.65 -4.28
N PHE H 244 10.75 31.66 -3.50
CA PHE H 244 10.92 31.53 -2.06
C PHE H 244 10.12 30.37 -1.49
N ARG H 245 8.89 30.17 -1.98
CA ARG H 245 8.07 29.08 -1.47
C ARG H 245 8.66 27.71 -1.77
N LEU H 246 9.47 27.64 -2.83
CA LEU H 246 10.08 26.37 -3.20
C LEU H 246 11.56 26.31 -2.84
N LYS H 247 12.04 27.27 -2.06
CA LYS H 247 13.45 27.29 -1.70
C LYS H 247 13.88 26.08 -0.89
N LYS H 248 13.00 25.59 -0.02
CA LYS H 248 13.34 24.40 0.78
C LYS H 248 13.76 23.27 -0.15
N TRP H 249 13.05 23.12 -1.26
CA TRP H 249 13.36 22.07 -2.24
C TRP H 249 14.68 22.36 -2.94
N ILE H 250 14.85 23.59 -3.41
CA ILE H 250 16.07 23.98 -4.09
C ILE H 250 17.28 23.68 -3.22
N GLN H 251 17.22 24.09 -1.96
CA GLN H 251 18.33 23.87 -1.04
C GLN H 251 18.58 22.38 -0.83
N LYS H 252 17.51 21.61 -0.65
CA LYS H 252 17.63 20.18 -0.43
C LYS H 252 18.41 19.51 -1.57
N VAL H 253 17.99 19.79 -2.80
CA VAL H 253 18.62 19.20 -3.97
C VAL H 253 20.11 19.53 -4.05
N ILE H 254 20.43 20.81 -3.89
CA ILE H 254 21.81 21.27 -3.95
C ILE H 254 22.68 20.67 -2.85
N ASP H 255 22.13 20.53 -1.64
CA ASP H 255 22.89 19.96 -0.53
C ASP H 255 23.11 18.46 -0.73
N GLN H 256 22.06 17.76 -1.14
CA GLN H 256 22.14 16.32 -1.35
C GLN H 256 22.97 15.90 -2.58
N PHE H 257 22.91 16.69 -3.64
CA PHE H 257 23.65 16.35 -4.85
C PHE H 257 24.68 17.38 -5.29
N GLY H 258 25.05 18.27 -4.38
CA GLY H 258 26.04 19.29 -4.71
C GLY H 258 27.31 18.73 -5.32
C1 IDS I . 5.65 32.17 3.91
C2 IDS I . 6.61 31.22 4.68
C3 IDS I . 5.83 29.98 5.19
C4 IDS I . 4.65 30.39 6.13
C5 IDS I . 4.29 31.91 5.93
C6 IDS I . 2.94 32.36 6.51
O1 IDS I . 6.23 33.44 3.90
O2 IDS I . 7.67 30.82 3.80
O3 IDS I . 6.72 29.15 5.90
O4 IDS I . 3.99 29.15 5.84
O5 IDS I . 4.35 32.21 4.51
O6A IDS I . 2.27 31.62 7.19
O6B IDS I . 2.52 33.47 6.30
S IDS I . 7.94 29.50 2.97
O1S IDS I . 8.60 28.61 3.91
O2S IDS I . 6.69 28.98 2.51
O3S IDS I . 8.81 29.89 1.90
C1 SGN I . 3.37 28.42 6.90
C2 SGN I . 4.37 27.40 7.55
C3 SGN I . 4.75 26.34 6.47
C4 SGN I . 3.46 25.60 6.08
C5 SGN I . 2.46 26.64 5.47
C6 SGN I . 1.08 26.06 5.06
N2 SGN I . 5.55 28.15 8.01
O3 SGN I . 5.65 25.40 7.03
O4 SGN I . 3.92 25.13 4.80
O5 SGN I . 2.21 27.72 6.42
O6 SGN I . 0.79 24.91 5.87
S1 SGN I . 6.43 27.60 9.28
O1S SGN I . 5.65 26.65 10.03
O2S SGN I . 7.62 27.03 8.71
O3S SGN I . 6.72 28.79 10.05
S2 SGN I . -0.01 23.60 5.49
O4S SGN I . 0.94 22.54 5.38
O5S SGN I . -0.92 23.40 6.60
O6S SGN I . -0.70 23.86 4.27
C1 IDS I . 3.79 23.74 4.55
C2 IDS I . 3.25 23.55 3.10
C3 IDS I . 4.33 23.59 1.98
C4 IDS I . 5.66 22.89 2.39
C5 IDS I . 6.07 23.37 3.81
C6 IDS I . 7.38 22.78 4.32
O2 IDS I . 2.58 22.29 3.03
O3 IDS I . 4.61 24.93 1.66
O4 IDS I . 5.42 21.47 2.48
O5 IDS I . 5.02 23.05 4.73
O6A IDS I . 7.39 21.87 5.13
O6B IDS I . 8.45 23.21 3.94
S IDS I . 1.44 21.84 2.04
O1S IDS I . 0.81 20.71 2.66
O2S IDS I . 0.56 22.97 1.91
O3S IDS I . 2.07 21.51 0.80
C1 SGN I . 5.74 20.65 1.37
C2 SGN I . 5.17 19.23 1.55
C3 SGN I . 5.87 18.52 2.73
C4 SGN I . 7.38 18.43 2.39
C5 SGN I . 7.92 19.88 2.22
C6 SGN I . 9.41 19.98 1.84
N2 SGN I . 3.71 19.34 1.77
O3 SGN I . 5.35 17.20 2.88
O4 SGN I . 7.88 17.45 3.30
O5 SGN I . 7.17 20.59 1.20
O6 SGN I . 9.64 19.21 0.68
S1 SGN I . 2.72 18.03 1.58
O1S SGN I . 3.40 17.02 0.82
O2S SGN I . 2.39 17.60 2.91
O3S SGN I . 1.57 18.53 0.88
S2 SGN I . 10.21 19.69 -0.69
O4S SGN I . 10.09 18.60 -1.61
O5S SGN I . 9.39 20.81 -1.06
O6S SGN I . 11.57 20.07 -0.44
C1 IDS I . 8.88 16.58 2.85
C2 IDS I . 9.64 16.01 4.07
C3 IDS I . 8.87 14.91 4.82
C4 IDS I . 8.30 13.85 3.83
C5 IDS I . 7.50 14.57 2.71
C6 IDS I . 6.89 13.64 1.67
O2 IDS I . 10.86 15.49 3.61
O3 IDS I . 7.80 15.47 5.54
O4 IDS I . 9.04 12.74 3.31
O5 IDS I . 8.36 15.52 2.05
O6A IDS I . 7.56 13.15 0.78
O6B IDS I . 5.71 13.37 1.70
S IDS I . 12.28 16.10 3.73
O1S IDS I . 12.65 15.98 5.11
O2S IDS I . 13.11 15.31 2.86
O3S IDS I . 12.16 17.47 3.30
C1 SGN I . 9.45 11.71 4.20
C2 SGN I . 10.16 10.56 3.42
C3 SGN I . 9.12 9.85 2.53
C4 SGN I . 8.03 9.26 3.44
C5 SGN I . 7.36 10.43 4.19
C6 SGN I . 6.26 10.00 5.18
N2 SGN I . 11.26 11.13 2.64
O3 SGN I . 9.74 8.79 1.82
O5 SGN I . 8.35 11.19 4.95
O6 SGN I . 6.85 9.31 6.25
S1 SGN I . 12.82 10.81 3.05
O1S SGN I . 12.85 9.71 3.97
O2S SGN I . 13.50 10.52 1.81
O3S SGN I . 13.30 12.02 3.66
S2 SGN I . 6.21 8.93 7.63
O4S SGN I . 6.92 7.79 8.12
O5S SGN I . 6.38 10.09 8.45
O6S SGN I . 4.82 8.64 7.37
C1 NAG J . -5.28 33.99 26.73
C2 NAG J . -6.17 34.00 25.48
C3 NAG J . -6.02 35.30 24.70
C4 NAG J . -5.69 36.47 25.62
C5 NAG J . -4.37 36.20 26.38
C6 NAG J . -4.35 36.78 27.78
C7 NAG J . -6.78 32.08 24.16
C8 NAG J . -6.67 31.64 22.71
N2 NAG J . -5.83 32.87 24.64
O3 NAG J . -7.22 35.56 23.98
O4 NAG J . -5.59 37.67 24.82
O5 NAG J . -4.11 34.77 26.49
O6 NAG J . -3.04 37.21 28.12
O7 NAG J . -7.74 31.71 24.84
C1 NAG J . -4.85 38.74 25.29
C2 NAG J . -3.97 39.31 24.16
C3 NAG J . -4.29 40.78 23.89
C4 NAG J . -5.79 40.91 23.65
C5 NAG J . -6.60 40.41 24.86
C6 NAG J . -7.72 39.46 24.49
C7 NAG J . -1.71 38.70 23.63
C8 NAG J . -0.82 39.71 22.91
N2 NAG J . -2.57 39.17 24.52
O3 NAG J . -3.57 41.23 22.76
O4 NAG J . -6.10 42.28 23.39
O5 NAG J . -5.74 39.75 25.83
O6 NAG J . -8.89 40.18 24.11
O7 NAG J . -1.60 37.49 23.37
C1 SGN K . -9.03 -16.09 -5.63
C2 SGN K . -8.55 -17.29 -6.47
C3 SGN K . -7.70 -18.22 -5.60
C4 SGN K . -6.46 -17.43 -5.09
C5 SGN K . -7.00 -16.22 -4.25
C6 SGN K . -5.91 -15.26 -3.69
N2 SGN K . -9.73 -17.98 -7.02
O1 SGN K . -9.92 -16.50 -4.62
O3 SGN K . -7.26 -19.32 -6.37
O4 SGN K . -5.32 -17.98 -4.41
O5 SGN K . -7.92 -15.40 -5.04
O6 SGN K . -6.49 -13.99 -3.51
S1 SGN K . -9.60 -18.76 -8.46
O1S SGN K . -8.63 -18.09 -9.27
O2S SGN K . -9.22 -20.11 -8.13
O3S SGN K . -10.91 -18.68 -9.03
S2 SGN K . -6.09 -12.87 -2.48
O4S SGN K . -7.20 -11.96 -2.39
O5S SGN K . -5.84 -13.57 -1.24
O6S SGN K . -4.91 -12.26 -3.00
C1 IDS K . -4.68 -19.12 -4.95
C2 IDS K . -3.23 -19.23 -4.41
C3 IDS K . -3.08 -19.92 -3.03
C4 IDS K . -4.07 -21.08 -2.79
C5 IDS K . -5.48 -20.67 -3.28
C6 IDS K . -6.56 -21.74 -3.10
O2 IDS K . -2.48 -19.98 -5.36
O3 IDS K . -3.28 -18.96 -2.01
O4 IDS K . -3.61 -22.31 -3.38
O5 IDS K . -5.40 -20.32 -4.66
O6A IDS K . -6.83 -22.54 -3.97
O6B IDS K . -7.18 -21.80 -2.06
S IDS K . -0.97 -19.83 -5.76
O1S IDS K . -0.28 -20.93 -5.15
O2S IDS K . -0.95 -19.89 -7.20
O3S IDS K . -0.52 -18.55 -5.27
C1 SGN K . -2.91 -23.22 -2.53
C2 SGN K . -2.17 -24.29 -3.37
C3 SGN K . -3.19 -25.21 -4.06
C4 SGN K . -4.04 -25.89 -2.97
C5 SGN K . -4.77 -24.77 -2.16
C6 SGN K . -5.64 -25.28 -0.99
N2 SGN K . -1.28 -23.62 -4.32
O3 SGN K . -2.51 -26.20 -4.80
O4 SGN K . -4.70 -26.95 -3.63
O5 SGN K . -3.81 -23.83 -1.60
O6 SGN K . -4.90 -26.24 -0.26
S1 SGN K . 0.11 -24.36 -4.80
O1S SGN K . 0.58 -25.20 -3.73
O2S SGN K . -0.24 -25.11 -5.97
O3S SGN K . 1.02 -23.30 -5.09
S2 SGN K . -4.25 -26.08 1.15
O4S SGN K . -3.35 -27.18 1.32
O5S SGN K . -3.57 -24.81 1.11
O6S SGN K . -5.33 -26.09 2.10
C1 IDS K . -4.79 -28.19 -2.97
C2 IDS K . -6.03 -28.94 -3.52
C3 IDS K . -5.80 -29.61 -4.89
C4 IDS K . -4.43 -30.33 -5.00
C5 IDS K . -3.31 -29.38 -4.49
C6 IDS K . -1.91 -29.99 -4.54
O2 IDS K . -6.40 -29.92 -2.57
O3 IDS K . -5.86 -28.63 -5.91
O4 IDS K . -4.43 -31.57 -4.30
O5 IDS K . -3.62 -28.98 -3.14
O6A IDS K . -1.44 -30.56 -3.58
O6B IDS K . -1.25 -29.93 -5.55
S IDS K . -7.43 -29.82 -1.38
O1S IDS K . -8.58 -29.14 -1.89
O2S IDS K . -7.71 -31.17 -0.99
O3S IDS K . -6.76 -29.08 -0.34
C1 SGN K . -4.50 -32.75 -5.07
C2 SGN K . -5.44 -33.80 -4.40
C3 SGN K . -4.80 -34.25 -3.07
C4 SGN K . -3.44 -34.90 -3.39
C5 SGN K . -2.54 -33.83 -4.07
C6 SGN K . -1.15 -34.33 -4.50
N2 SGN K . -6.76 -33.17 -4.20
O3 SGN K . -5.63 -35.21 -2.44
O5 SGN K . -3.19 -33.30 -5.26
O6 SGN K . -1.24 -35.64 -5.04
S1 SGN K . -7.86 -33.15 -5.43
O1S SGN K . -7.35 -33.95 -6.51
O2S SGN K . -9.07 -33.66 -4.87
O3S SGN K . -7.95 -31.77 -5.81
S2 SGN K . -0.57 -36.21 -6.34
O4S SGN K . -0.86 -37.62 -6.38
O5S SGN K . -1.18 -35.50 -7.42
O6S SGN K . 0.84 -35.95 -6.22
C1 NAG L . -1.08 -40.57 16.59
C2 NAG L . 0.06 -40.29 15.61
C3 NAG L . 0.01 -41.22 14.40
C4 NAG L . -0.57 -42.59 14.76
C5 NAG L . -1.97 -42.46 15.38
C6 NAG L . -2.21 -43.43 16.52
C7 NAG L . 1.02 -38.09 15.34
C8 NAG L . 1.75 -37.63 14.09
N2 NAG L . -0.02 -38.90 15.16
O3 NAG L . 1.33 -41.38 13.88
O4 NAG L . -0.66 -43.39 13.57
O5 NAG L . -2.20 -41.12 15.89
O6 NAG L . -3.29 -44.29 16.22
O7 NAG L . 1.39 -37.72 16.44
C1 NDG L . 0.37 -44.28 13.27
C2 NDG L . -0.17 -45.37 12.33
C3 NDG L . 0.70 -46.62 12.40
C4 NDG L . 2.11 -46.28 12.89
C5 NDG L . 2.05 -45.66 14.29
C6 NDG L . 3.23 -44.74 14.60
C7 NDG L . -2.51 -45.69 11.81
C8 NDG L . -2.70 -44.44 10.96
O5 NDG L . 0.84 -44.88 14.48
O3 NDG L . 0.78 -47.22 11.11
O4 NDG L . 2.91 -47.45 12.92
O6 NDG L . 3.66 -44.05 13.43
O7 NDG L . -3.27 -46.65 11.66
N2 NDG L . -1.53 -45.69 12.72
C1 NAG M . -3.56 -4.43 -24.23
C2 NAG M . -2.97 -4.15 -22.84
C3 NAG M . -4.04 -3.60 -21.88
C4 NAG M . -4.89 -2.54 -22.59
C5 NAG M . -5.57 -3.13 -23.84
C6 NAG M . -5.44 -2.25 -25.07
C7 NAG M . -1.10 -5.56 -22.30
C8 NAG M . -0.49 -6.29 -21.11
N2 NAG M . -2.41 -5.37 -22.28
O3 NAG M . -3.40 -3.01 -20.75
O4 NAG M . -5.90 -2.04 -21.69
O5 NAG M . -5.00 -4.43 -24.18
O6 NAG M . -5.43 -0.87 -24.71
O7 NAG M . -0.38 -5.18 -23.22
C1 NDG M . -5.58 -0.95 -20.89
C2 NDG M . -6.76 -0.61 -19.96
C3 NDG M . -6.96 0.90 -19.83
C4 NDG M . -5.59 1.60 -19.76
C5 NDG M . -4.77 1.32 -21.01
C6 NDG M . -3.30 1.05 -20.72
C7 NDG M . -8.70 -2.01 -19.69
C8 NDG M . -9.80 -1.36 -18.86
O5 NDG M . -5.28 0.18 -21.74
O3 NDG M . -7.70 1.20 -18.65
O4 NDG M . -5.80 3.01 -19.62
O6 NDG M . -3.08 0.84 -19.33
O7 NDG M . -8.52 -3.22 -19.62
N2 NDG M . -7.98 -1.21 -20.47
C1 NAG N . 9.90 10.77 -20.14
C2 NAG N . 8.80 10.24 -19.20
C3 NAG N . 9.40 9.43 -18.04
C4 NAG N . 10.63 8.59 -18.44
C5 NAG N . 11.66 9.42 -19.23
C6 NAG N . 12.04 8.80 -20.57
C7 NAG N . 6.76 11.24 -18.39
C8 NAG N . 6.38 11.01 -16.95
N2 NAG N . 8.06 11.36 -18.66
O3 NAG N . 8.41 8.56 -17.52
O4 NAG N . 11.25 8.14 -17.23
O5 NAG N . 11.17 10.76 -19.49
O6 NAG N . 12.32 9.79 -21.53
O7 NAG N . 5.90 11.29 -19.26
C1 NAG N . 11.91 6.92 -17.23
C2 NAG N . 12.55 6.73 -15.84
C3 NAG N . 13.12 5.33 -15.69
C4 NAG N . 12.03 4.30 -16.01
C5 NAG N . 11.51 4.55 -17.42
C6 NAG N . 10.41 3.58 -17.81
C7 NAG N . 13.28 8.94 -15.23
C8 NAG N . 14.17 10.08 -15.70
N2 NAG N . 13.59 7.71 -15.62
O3 NAG N . 13.56 5.15 -14.35
O4 NAG N . 12.56 2.97 -15.89
O5 NAG N . 10.94 5.89 -17.50
O6 NAG N . 9.55 4.15 -18.78
O7 NAG N . 12.29 9.19 -14.53
C1 BMA N . 11.94 2.16 -14.96
C2 BMA N . 12.05 0.71 -15.39
C3 BMA N . 11.38 -0.19 -14.34
C4 BMA N . 12.01 0.08 -12.96
C5 BMA N . 11.99 1.58 -12.63
C6 BMA N . 12.76 1.91 -11.36
O2 BMA N . 13.41 0.34 -15.52
O3 BMA N . 11.57 -1.57 -14.71
O4 BMA N . 11.28 -0.64 -11.97
O5 BMA N . 12.59 2.35 -13.70
O6 BMA N . 14.05 1.25 -11.37
C1 MAN N . 10.65 -2.14 -15.61
C2 MAN N . 10.58 -1.33 -16.92
C3 MAN N . 9.22 -1.47 -17.60
C4 MAN N . 8.65 -2.88 -17.36
C5 MAN N . 8.45 -3.14 -15.85
C6 MAN N . 8.72 -4.58 -15.47
O2 MAN N . 11.61 -1.75 -17.81
O3 MAN N . 9.35 -1.24 -18.99
O4 MAN N . 7.41 -3.02 -18.03
O5 MAN N . 9.35 -2.31 -15.06
O6 MAN N . 7.58 -5.17 -14.86
C1 MAN N . 15.12 2.14 -11.55
C2 MAN N . 15.34 2.37 -13.05
C3 MAN N . 16.77 2.00 -13.45
C4 MAN N . 17.76 2.77 -12.58
C5 MAN N . 17.47 2.54 -11.09
C6 MAN N . 17.22 3.82 -10.32
O2 MAN N . 15.12 3.74 -13.36
O3 MAN N . 16.98 2.34 -14.82
O4 MAN N . 19.09 2.36 -12.88
O5 MAN N . 16.31 1.68 -10.92
O6 MAN N . 18.33 4.16 -9.50
N 0G6 O . -5.11 12.51 27.11
CA 0G6 O . -5.32 13.68 26.28
C 0G6 O . -3.98 14.40 26.29
O 0G6 O . -2.98 13.67 26.06
CB 0G6 O . -5.75 13.29 24.84
CG 0G6 O . -5.98 14.48 23.90
CD1 0G6 O . -7.03 15.40 24.13
CD2 0G6 O . -5.11 14.65 22.80
CE1 0G6 O . -7.22 16.48 23.24
CE2 0G6 O . -5.30 15.73 21.92
CZ 0G6 O . -6.35 16.66 22.13
N1 0G6 O . -3.85 15.75 26.52
CA1 0G6 O . -2.54 16.43 26.49
C1 0G6 O . -1.67 15.98 27.67
O1 0G6 O . -2.21 15.76 28.76
CB1 0G6 O . -2.87 17.88 26.48
CG1 0G6 O . -4.39 18.01 26.46
CD 0G6 O . -4.94 16.69 26.89
N2 0G6 O . -0.35 15.80 27.50
CA2 0G6 O . 0.58 15.56 28.56
C2 0G6 O . 1.48 16.84 28.80
O2 0G6 O . 1.93 16.71 30.15
CB2 0G6 O . 1.41 14.33 28.26
CG2 0G6 O . 0.65 13.01 28.10
CD3 0G6 O . 1.58 11.92 27.59
NE 0G6 O . 0.89 10.64 27.51
CZ1 0G6 O . 1.42 9.47 27.09
NH1 0G6 O . 2.69 9.38 26.68
NH2 0G6 O . 0.65 8.39 27.10
C3 0G6 O . 0.81 18.25 28.76
NA NA P . 1.57 0.94 25.08
C1 GOL Q . 31.00 6.16 21.83
O1 GOL Q . 29.84 6.20 20.98
C2 GOL Q . 30.63 6.69 23.24
O2 GOL Q . 30.16 8.03 23.20
C3 GOL Q . 31.82 6.65 24.22
O3 GOL Q . 32.93 7.38 23.76
C1 GOL R . 7.66 6.25 11.40
O1 GOL R . 8.47 6.65 10.26
C2 GOL R . 6.62 7.37 11.73
O2 GOL R . 5.82 7.69 10.61
C3 GOL R . 7.28 8.67 12.22
O3 GOL R . 7.81 9.45 11.18
N 0G6 S . -2.26 -19.87 22.83
CA 0G6 S . -1.76 -20.78 21.82
C 0G6 S . -3.01 -21.43 21.26
O 0G6 S . -3.94 -20.64 20.98
CB 0G6 S . -0.98 -20.02 20.72
CG 0G6 S . -0.42 -20.90 19.60
CD1 0G6 S . 0.61 -21.84 19.86
CD2 0G6 S . -0.96 -20.78 18.30
CE1 0G6 S . 1.10 -22.64 18.81
CE2 0G6 S . -0.47 -21.58 17.26
CZ 0G6 S . 0.56 -22.52 17.50
N1 0G6 S . -3.13 -22.78 21.06
CA1 0G6 S . -4.35 -23.38 20.48
C1 0G6 S . -5.53 -23.25 21.45
O1 0G6 S . -5.33 -23.37 22.65
CB1 0G6 S . -3.95 -24.77 20.15
CG1 0G6 S . -2.48 -24.93 20.50
CD 0G6 S . -2.14 -23.81 21.43
N2 0G6 S . -6.76 -23.02 20.95
CA2 0G6 S . -7.95 -23.03 21.77
C2 0G6 S . -8.84 -24.29 21.39
O2 0G6 S . -9.65 -24.51 22.54
CB2 0G6 S . -8.75 -21.73 21.62
CG2 0G6 S . -8.03 -20.44 22.03
CD3 0G6 S . -8.79 -19.22 21.55
NE 0G6 S . -8.14 -17.98 22.00
CZ1 0G6 S . -8.55 -16.72 21.74
NH1 0G6 S . -9.63 -16.46 21.00
NH2 0G6 S . -7.84 -15.71 22.27
C3 0G6 S . -8.11 -25.66 21.13
NA NA T . -8.55 -7.96 22.34
C1 GOL U . -35.25 -10.60 10.20
O1 GOL U . -34.45 -11.03 9.08
C2 GOL U . -35.56 -11.81 11.14
O2 GOL U . -35.18 -13.06 10.57
C3 GOL U . -37.05 -11.89 11.49
O3 GOL U . -37.81 -12.58 10.52
C1 GOL V . -8.36 -43.84 12.84
O1 GOL V . -9.06 -44.77 11.98
C2 GOL V . -8.54 -42.38 12.31
O2 GOL V . -7.77 -42.14 11.15
C3 GOL V . -8.16 -41.33 13.36
O3 GOL V . -7.72 -40.11 12.80
N 0G6 W . 8.02 -22.22 -28.79
CA 0G6 W . 7.67 -21.28 -27.73
C 0G6 W . 6.16 -21.38 -27.61
O 0G6 W . 5.71 -22.55 -27.52
CB 0G6 W . 8.37 -21.65 -26.40
CG 0G6 W . 8.03 -20.69 -25.25
CD1 0G6 W . 8.51 -19.37 -25.26
CD2 0G6 W . 7.22 -21.16 -24.20
CE1 0G6 W . 8.18 -18.50 -24.19
CE2 0G6 W . 6.89 -20.29 -23.13
CZ 0G6 W . 7.36 -18.96 -23.12
N1 0G6 W . 5.32 -20.29 -27.61
CA1 0G6 W . 3.87 -20.43 -27.48
C1 0G6 W . 3.27 -21.06 -28.76
O1 0G6 W . 3.74 -20.73 -29.84
CB1 0G6 W . 3.39 -19.05 -27.15
CG1 0G6 W . 4.61 -18.16 -27.08
CD 0G6 W . 5.72 -18.88 -27.76
N2 0G6 W . 2.28 -21.96 -28.66
CA2 0G6 W . 1.55 -22.46 -29.80
C2 0G6 W . 0.08 -21.83 -29.83
O2 0G6 W . -0.34 -21.93 -31.22
CB2 0G6 W . 1.50 -23.98 -29.80
CG2 0G6 W . 2.86 -24.71 -29.83
CD3 0G6 W . 2.68 -26.18 -29.53
NE 0G6 W . 3.95 -26.90 -29.63
CZ1 0G6 W . 4.14 -28.22 -29.41
NH1 0G6 W . 3.15 -29.04 -29.06
NH2 0G6 W . 5.38 -28.70 -29.57
C3 0G6 W . -0.10 -20.31 -29.49
NA NA X . 8.88 -35.70 -29.25
C1 GOL Y . -18.35 -47.89 -26.33
O1 GOL Y . -17.45 -47.36 -25.31
C2 GOL Y . -18.42 -46.89 -27.53
O2 GOL Y . -18.81 -45.59 -27.12
C3 GOL Y . -19.42 -47.35 -28.60
O3 GOL Y . -20.75 -47.33 -28.12
C1 GOL Z . -1.32 -35.92 -11.49
O1 GOL Z . -0.10 -35.40 -10.87
C2 GOL Z . -2.31 -34.74 -11.76
O2 GOL Z . -1.64 -33.60 -12.25
C3 GOL Z . -3.08 -34.32 -10.50
O3 GOL Z . -4.15 -33.44 -10.77
C1 GOL AA . 1.83 -35.02 -16.20
O1 GOL AA . 2.93 -34.45 -16.98
C2 GOL AA . 2.37 -35.48 -14.83
O2 GOL AA . 2.07 -36.84 -14.56
C3 GOL AA . 1.77 -34.65 -13.67
O3 GOL AA . 2.41 -34.90 -12.43
N 0G6 BA . -0.43 29.40 -22.59
CA 0G6 BA . -0.35 28.21 -21.78
C 0G6 BA . 1.07 28.22 -21.23
O 0G6 BA . 1.43 29.30 -20.70
CB 0G6 BA . -1.41 28.22 -20.65
CG 0G6 BA . -1.37 26.99 -19.75
CD1 0G6 BA . -1.71 25.71 -20.27
CD2 0G6 BA . -0.96 27.13 -18.41
CE1 0G6 BA . -1.65 24.59 -19.41
CE2 0G6 BA . -0.90 25.99 -17.57
CZ 0G6 BA . -1.24 24.72 -18.06
N1 0G6 BA . 1.91 27.13 -21.29
CA1 0G6 BA . 3.27 27.18 -20.73
C1 0G6 BA . 4.17 28.09 -21.56
O1 0G6 BA . 4.07 28.05 -22.78
CB1 0G6 BA . 3.69 25.75 -20.69
CG1 0G6 BA . 2.53 24.91 -21.20
CD 0G6 BA . 1.63 25.85 -21.94
N2 0G6 BA . 5.03 28.92 -20.93
CA2 0G6 BA . 6.04 29.71 -21.63
C2 0G6 BA . 7.49 29.07 -21.39
O2 0G6 BA . 8.28 29.55 -22.49
CB2 0G6 BA . 5.99 31.18 -21.18
CG2 0G6 BA . 4.69 31.92 -21.41
CD3 0G6 BA . 4.68 33.24 -20.66
NE 0G6 BA . 3.46 34.00 -20.91
CZ1 0G6 BA . 3.13 35.20 -20.40
NH1 0G6 BA . 3.92 35.83 -19.53
NH2 0G6 BA . 1.98 35.75 -20.78
C3 0G6 BA . 7.64 27.51 -21.42
NA NA CA . -1.78 42.49 -19.41
C1 GOL DA . 22.62 52.28 -6.16
O1 GOL DA . 22.84 51.55 -4.92
C2 GOL DA . 23.55 51.72 -7.28
O2 GOL DA . 24.01 50.40 -6.98
C3 GOL DA . 24.78 52.60 -7.52
O3 GOL DA . 25.83 52.34 -6.61
#